data_8SZ5
# 
_entry.id   8SZ5 
# 
_audit_conform.dict_name       mmcif_pdbx.dic 
_audit_conform.dict_version    5.392 
_audit_conform.dict_location   http://mmcif.pdb.org/dictionaries/ascii/mmcif_pdbx.dic 
# 
loop_
_database_2.database_id 
_database_2.database_code 
_database_2.pdbx_database_accession 
_database_2.pdbx_DOI 
PDB   8SZ5         pdb_00008sz5 10.2210/pdb8sz5/pdb 
WWPDB D_1000274832 ?            ?                   
# 
_pdbx_audit_revision_history.ordinal             1 
_pdbx_audit_revision_history.data_content_type   'Structure model' 
_pdbx_audit_revision_history.major_revision      1 
_pdbx_audit_revision_history.minor_revision      0 
_pdbx_audit_revision_history.revision_date       2024-05-08 
# 
_pdbx_audit_revision_details.ordinal             1 
_pdbx_audit_revision_details.revision_ordinal    1 
_pdbx_audit_revision_details.data_content_type   'Structure model' 
_pdbx_audit_revision_details.provider            repository 
_pdbx_audit_revision_details.type                'Initial release' 
_pdbx_audit_revision_details.description         ? 
_pdbx_audit_revision_details.details             ? 
# 
_pdbx_database_status.status_code                     REL 
_pdbx_database_status.status_code_sf                  REL 
_pdbx_database_status.status_code_mr                  ? 
_pdbx_database_status.entry_id                        8SZ5 
_pdbx_database_status.recvd_initial_deposition_date   2023-05-26 
_pdbx_database_status.SG_entry                        N 
_pdbx_database_status.deposit_site                    RCSB 
_pdbx_database_status.process_site                    RCSB 
_pdbx_database_status.status_code_cs                  ? 
_pdbx_database_status.status_code_nmr_data            ? 
_pdbx_database_status.methods_development_category    ? 
_pdbx_database_status.pdb_format_compatible           Y 
# 
_pdbx_contact_author.id                 2 
_pdbx_contact_author.email              rs17@nyu.edu 
_pdbx_contact_author.name_first         Ruojie 
_pdbx_contact_author.name_last          Sha 
_pdbx_contact_author.name_mi            ? 
_pdbx_contact_author.role               'principal investigator/group leader' 
_pdbx_contact_author.identifier_ORCID   0000-0002-0807-734X 
# 
loop_
_audit_author.name 
_audit_author.pdbx_ordinal 
_audit_author.identifier_ORCID 
'Vecchioni, S.' 1 0000-0001-8243-650X 
'Janowski, J.'  2 0000-0002-6990-5719 
'Sha, R.'       3 0000-0002-0807-734X 
'Ohayon, Y.P.'  4 0000-0001-7500-4282 
# 
_citation.abstract                  ? 
_citation.abstract_id_CAS           ? 
_citation.book_id_ISBN              ? 
_citation.book_publisher            ? 
_citation.book_publisher_city       ? 
_citation.book_title                ? 
_citation.coordinate_linkage        ? 
_citation.country                   US 
_citation.database_id_Medline       ? 
_citation.details                   ? 
_citation.id                        primary 
_citation.journal_abbrev            Proc.Natl.Acad.Sci.USA 
_citation.journal_id_ASTM           PNASA6 
_citation.journal_id_CSD            0040 
_citation.journal_id_ISSN           1091-6490 
_citation.journal_full              ? 
_citation.journal_issue             ? 
_citation.journal_volume            121 
_citation.language                  ? 
_citation.page_first                e2321992121 
_citation.page_last                 e2321992121 
_citation.title                     'Engineering tertiary chirality in helical biopolymers.' 
_citation.year                      2024 
_citation.database_id_CSD           ? 
_citation.pdbx_database_id_DOI      10.1073/pnas.2321992121 
_citation.pdbx_database_id_PubMed   38684000 
_citation.pdbx_database_id_patent   ? 
_citation.unpublished_flag          ? 
# 
loop_
_citation_author.citation_id 
_citation_author.name 
_citation_author.ordinal 
_citation_author.identifier_ORCID 
primary 'Janowski, J.'  1  ?                   
primary 'Pham, V.A.B.'  2  0000-0001-5074-7303 
primary 'Vecchioni, S.' 3  0000-0001-8243-650X 
primary 'Woloszyn, K.'  4  ?                   
primary 'Lu, B.'        5  0000-0001-6424-2197 
primary 'Zou, Y.'       6  ?                   
primary 'Erkalo, B.'    7  ?                   
primary 'Perren, L.'    8  0000-0001-9169-1780 
primary 'Rueb, J.'      9  ?                   
primary 'Madnick, J.'   10 0000-0003-1026-8409 
primary 'Mao, C.'       11 0000-0001-7516-8666 
primary 'Saito, M.'     12 0000-0003-0795-8548 
primary 'Ohayon, Y.P.'  13 0000-0001-7500-4282 
primary 'Jonoska, N.'   14 ?                   
primary 'Sha, R.'       15 0000-0002-0807-734X 
# 
loop_
_entity.id 
_entity.type 
_entity.src_method 
_entity.pdbx_description 
_entity.formula_weight 
_entity.pdbx_number_of_molecules 
_entity.pdbx_ec 
_entity.pdbx_mutation 
_entity.pdbx_fragment 
_entity.details 
1 polymer     syn 
;DNA (5'-D(*GP*AP*GP*CP*AP*GP*AP*CP*CP*TP*G)-3')
;
3383.224 1 ? ? ? ? 
2 polymer     syn 
;DNA (5'-D(P*AP*CP*GP*AP*CP*AP*CP*TP*CP*A)-3')
;
2997.996 1 ? ? ? ? 
3 polymer     syn 
;DNA (5'-D(P*CP*AP*CP*GP*T)-3')
;
1480.012 1 ? ? ? ? 
4 polymer     syn 
;DNA (5'-D(P*CP*TP*GP*AP*GP*TP*GP*TP*GP*GP*TP*CP*TP*GP*CP*T)-3')
;
4936.186 1 ? ? ? ? 
5 non-polymer syn 'MAGNESIUM ION'                                                   24.305   2 ? ? ? ? 
# 
loop_
_entity_poly.entity_id 
_entity_poly.type 
_entity_poly.nstd_linkage 
_entity_poly.nstd_monomer 
_entity_poly.pdbx_seq_one_letter_code 
_entity_poly.pdbx_seq_one_letter_code_can 
_entity_poly.pdbx_strand_id 
_entity_poly.pdbx_target_identifier 
1 polydeoxyribonucleotide no no '(DG)(DA)(DG)(DC)(DA)(DG)(DA)(DC)(DC)(DT)(DG)'                     GAGCAGACCTG      A ? 
2 polydeoxyribonucleotide no no '(DA)(DC)(DG)(DA)(DC)(DA)(DC)(DT)(DC)(DA)'                         ACGACACTCA       B ? 
3 polydeoxyribonucleotide no no '(DC)(DA)(DC)(DG)(DT)'                                             CACGT            C ? 
4 polydeoxyribonucleotide no no '(DC)(DT)(DG)(DA)(DG)(DT)(DG)(DT)(DG)(DG)(DT)(DC)(DT)(DG)(DC)(DT)' CTGAGTGTGGTCTGCT D ? 
# 
_pdbx_entity_nonpoly.entity_id   5 
_pdbx_entity_nonpoly.name        'MAGNESIUM ION' 
_pdbx_entity_nonpoly.comp_id     MG 
# 
loop_
_entity_poly_seq.entity_id 
_entity_poly_seq.num 
_entity_poly_seq.mon_id 
_entity_poly_seq.hetero 
1 1  DG n 
1 2  DA n 
1 3  DG n 
1 4  DC n 
1 5  DA n 
1 6  DG n 
1 7  DA n 
1 8  DC n 
1 9  DC n 
1 10 DT n 
1 11 DG n 
2 1  DA n 
2 2  DC n 
2 3  DG n 
2 4  DA n 
2 5  DC n 
2 6  DA n 
2 7  DC n 
2 8  DT n 
2 9  DC n 
2 10 DA n 
3 1  DC n 
3 2  DA n 
3 3  DC n 
3 4  DG n 
3 5  DT n 
4 1  DC n 
4 2  DT n 
4 3  DG n 
4 4  DA n 
4 5  DG n 
4 6  DT n 
4 7  DG n 
4 8  DT n 
4 9  DG n 
4 10 DG n 
4 11 DT n 
4 12 DC n 
4 13 DT n 
4 14 DG n 
4 15 DC n 
4 16 DT n 
# 
loop_
_pdbx_entity_src_syn.entity_id 
_pdbx_entity_src_syn.pdbx_src_id 
_pdbx_entity_src_syn.pdbx_alt_source_flag 
_pdbx_entity_src_syn.pdbx_beg_seq_num 
_pdbx_entity_src_syn.pdbx_end_seq_num 
_pdbx_entity_src_syn.organism_scientific 
_pdbx_entity_src_syn.organism_common_name 
_pdbx_entity_src_syn.ncbi_taxonomy_id 
_pdbx_entity_src_syn.details 
1 1 sample 1 11 'synthetic construct' ? 32630 ? 
2 1 sample 1 10 'synthetic construct' ? 32630 ? 
3 1 sample 1 5  'synthetic construct' ? 32630 ? 
4 1 sample 1 16 'synthetic construct' ? 32630 ? 
# 
loop_
_chem_comp.id 
_chem_comp.type 
_chem_comp.mon_nstd_flag 
_chem_comp.name 
_chem_comp.pdbx_synonyms 
_chem_comp.formula 
_chem_comp.formula_weight 
DA 'DNA linking' y "2'-DEOXYADENOSINE-5'-MONOPHOSPHATE" ? 'C10 H14 N5 O6 P' 331.222 
DC 'DNA linking' y "2'-DEOXYCYTIDINE-5'-MONOPHOSPHATE"  ? 'C9 H14 N3 O7 P'  307.197 
DG 'DNA linking' y "2'-DEOXYGUANOSINE-5'-MONOPHOSPHATE" ? 'C10 H14 N5 O7 P' 347.221 
DT 'DNA linking' y "THYMIDINE-5'-MONOPHOSPHATE"         ? 'C10 H15 N2 O8 P' 322.208 
MG non-polymer   . 'MAGNESIUM ION'                      ? 'Mg 2'            24.305  
# 
loop_
_pdbx_poly_seq_scheme.asym_id 
_pdbx_poly_seq_scheme.entity_id 
_pdbx_poly_seq_scheme.seq_id 
_pdbx_poly_seq_scheme.mon_id 
_pdbx_poly_seq_scheme.ndb_seq_num 
_pdbx_poly_seq_scheme.pdb_seq_num 
_pdbx_poly_seq_scheme.auth_seq_num 
_pdbx_poly_seq_scheme.pdb_mon_id 
_pdbx_poly_seq_scheme.auth_mon_id 
_pdbx_poly_seq_scheme.pdb_strand_id 
_pdbx_poly_seq_scheme.pdb_ins_code 
_pdbx_poly_seq_scheme.hetero 
A 1 1  DG 1  1  1  DG DG A . n 
A 1 2  DA 2  2  2  DA DA A . n 
A 1 3  DG 3  3  3  DG DG A . n 
A 1 4  DC 4  4  4  DC DC A . n 
A 1 5  DA 5  5  5  DA DA A . n 
A 1 6  DG 6  6  6  DG DG A . n 
A 1 7  DA 7  7  7  DA DA A . n 
A 1 8  DC 8  8  8  DC DC A . n 
A 1 9  DC 9  9  9  DC DC A . n 
A 1 10 DT 10 10 10 DT DT A . n 
A 1 11 DG 11 11 11 DG DG A . n 
B 2 1  DA 1  1  1  DA DA B . n 
B 2 2  DC 2  2  2  DC DC B . n 
B 2 3  DG 3  3  3  DG DG B . n 
B 2 4  DA 4  4  4  DA DA B . n 
B 2 5  DC 5  5  5  DC DC B . n 
B 2 6  DA 6  6  6  DA DA B . n 
B 2 7  DC 7  7  7  DC DC B . n 
B 2 8  DT 8  8  8  DT DT B . n 
B 2 9  DC 9  9  9  DC DC B . n 
B 2 10 DA 10 10 10 DA DA B . n 
C 3 1  DC 1  1  1  DC DC C . n 
C 3 2  DA 2  2  2  DA DA C . n 
C 3 3  DC 3  3  3  DC DC C . n 
C 3 4  DG 4  4  4  DG DG C . n 
C 3 5  DT 5  5  5  DT DT C . n 
D 4 1  DC 1  1  1  DC DC D . n 
D 4 2  DT 2  2  2  DT DT D . n 
D 4 3  DG 3  3  3  DG DG D . n 
D 4 4  DA 4  4  4  DA DA D . n 
D 4 5  DG 5  5  5  DG DG D . n 
D 4 6  DT 6  6  6  DT DT D . n 
D 4 7  DG 7  7  7  DG DG D . n 
D 4 8  DT 8  8  8  DT DT D . n 
D 4 9  DG 9  9  9  DG DG D . n 
D 4 10 DG 10 10 10 DG DG D . n 
D 4 11 DT 11 11 11 DT DT D . n 
D 4 12 DC 12 12 12 DC DC D . n 
D 4 13 DT 13 13 13 DT DT D . n 
D 4 14 DG 14 14 14 DG DG D . n 
D 4 15 DC 15 15 15 DC DC D . n 
D 4 16 DT 16 16 16 DT DT D . n 
# 
loop_
_pdbx_nonpoly_scheme.asym_id 
_pdbx_nonpoly_scheme.entity_id 
_pdbx_nonpoly_scheme.mon_id 
_pdbx_nonpoly_scheme.ndb_seq_num 
_pdbx_nonpoly_scheme.pdb_seq_num 
_pdbx_nonpoly_scheme.auth_seq_num 
_pdbx_nonpoly_scheme.pdb_mon_id 
_pdbx_nonpoly_scheme.auth_mon_id 
_pdbx_nonpoly_scheme.pdb_strand_id 
_pdbx_nonpoly_scheme.pdb_ins_code 
E 5 MG 1 101 2 MG MG B . 
F 5 MG 1 101 1 MG MG D . 
# 
loop_
_software.citation_id 
_software.classification 
_software.compiler_name 
_software.compiler_version 
_software.contact_author 
_software.contact_author_email 
_software.date 
_software.description 
_software.dependencies 
_software.hardware 
_software.language 
_software.location 
_software.mods 
_software.name 
_software.os 
_software.os_version 
_software.type 
_software.version 
_software.pdbx_ordinal 
? refinement       ? ? ? ? ? ? ? ? ? ? ? PHENIX    ? ? ? 1.20.1_4487 1 
? 'data reduction' ? ? ? ? ? ? ? ? ? ? ? autoPROC  ? ? ? .           2 
? 'data scaling'   ? ? ? ? ? ? ? ? ? ? ? STARANISO ? ? ? .           3 
? phasing          ? ? ? ? ? ? ? ? ? ? ? PHASER    ? ? ? .           4 
# 
_cell.angle_alpha                  90.000 
_cell.angle_alpha_esd              ? 
_cell.angle_beta                   90.000 
_cell.angle_beta_esd               ? 
_cell.angle_gamma                  120.000 
_cell.angle_gamma_esd              ? 
_cell.entry_id                     8SZ5 
_cell.details                      ? 
_cell.formula_units_Z              ? 
_cell.length_a                     69.089 
_cell.length_a_esd                 ? 
_cell.length_b                     69.089 
_cell.length_b_esd                 ? 
_cell.length_c                     59.208 
_cell.length_c_esd                 ? 
_cell.volume                       244753.458 
_cell.volume_esd                   ? 
_cell.Z_PDB                        3 
_cell.reciprocal_angle_alpha       ? 
_cell.reciprocal_angle_beta        ? 
_cell.reciprocal_angle_gamma       ? 
_cell.reciprocal_angle_alpha_esd   ? 
_cell.reciprocal_angle_beta_esd    ? 
_cell.reciprocal_angle_gamma_esd   ? 
_cell.reciprocal_length_a          ? 
_cell.reciprocal_length_b          ? 
_cell.reciprocal_length_c          ? 
_cell.reciprocal_length_a_esd      ? 
_cell.reciprocal_length_b_esd      ? 
_cell.reciprocal_length_c_esd      ? 
_cell.pdbx_unique_axis             ? 
_cell.pdbx_esd_method              ? 
# 
_symmetry.entry_id                         8SZ5 
_symmetry.cell_setting                     ? 
_symmetry.Int_Tables_number                145 
_symmetry.space_group_name_Hall            'P 32' 
_symmetry.space_group_name_H-M             'P 32' 
_symmetry.pdbx_full_space_group_name_H-M   ? 
# 
_exptl.absorpt_coefficient_mu     ? 
_exptl.absorpt_correction_T_max   ? 
_exptl.absorpt_correction_T_min   ? 
_exptl.absorpt_correction_type    ? 
_exptl.absorpt_process_details    ? 
_exptl.entry_id                   8SZ5 
_exptl.crystals_number            1 
_exptl.details                    ? 
_exptl.method                     'X-RAY DIFFRACTION' 
_exptl.method_details             ? 
# 
_exptl_crystal.colour                       ? 
_exptl_crystal.density_diffrn               ? 
_exptl_crystal.density_Matthews             6.38 
_exptl_crystal.density_method               ? 
_exptl_crystal.density_percent_sol          80.71 
_exptl_crystal.description                  ? 
_exptl_crystal.F_000                        ? 
_exptl_crystal.id                           1 
_exptl_crystal.preparation                  ? 
_exptl_crystal.size_max                     ? 
_exptl_crystal.size_mid                     ? 
_exptl_crystal.size_min                     ? 
_exptl_crystal.size_rad                     ? 
_exptl_crystal.colour_lustre                ? 
_exptl_crystal.colour_modifier              ? 
_exptl_crystal.colour_primary               ? 
_exptl_crystal.density_meas                 ? 
_exptl_crystal.density_meas_esd             ? 
_exptl_crystal.density_meas_gt              ? 
_exptl_crystal.density_meas_lt              ? 
_exptl_crystal.density_meas_temp            ? 
_exptl_crystal.density_meas_temp_esd        ? 
_exptl_crystal.density_meas_temp_gt         ? 
_exptl_crystal.density_meas_temp_lt         ? 
_exptl_crystal.pdbx_crystal_image_url       ? 
_exptl_crystal.pdbx_crystal_image_format    ? 
_exptl_crystal.pdbx_mosaicity               ? 
_exptl_crystal.pdbx_mosaicity_esd           ? 
_exptl_crystal.pdbx_mosaic_method           ? 
_exptl_crystal.pdbx_mosaic_block_size       ? 
_exptl_crystal.pdbx_mosaic_block_size_esd   ? 
# 
_exptl_crystal_grow.apparatus       ? 
_exptl_crystal_grow.atmosphere      ? 
_exptl_crystal_grow.crystal_id      1 
_exptl_crystal_grow.details         ? 
_exptl_crystal_grow.method          'VAPOR DIFFUSION, HANGING DROP' 
_exptl_crystal_grow.method_ref      ? 
_exptl_crystal_grow.pH              7.8 
_exptl_crystal_grow.pressure        ? 
_exptl_crystal_grow.pressure_esd    ? 
_exptl_crystal_grow.seeding         ? 
_exptl_crystal_grow.seeding_ref     ? 
_exptl_crystal_grow.temp_details    '338-293K at 0.4K/hr' 
_exptl_crystal_grow.temp_esd        ? 
_exptl_crystal_grow.time            ? 
_exptl_crystal_grow.pdbx_details    '100 mM MOPS, 1.25 M magnesium sulfate' 
_exptl_crystal_grow.pdbx_pH_range   ? 
_exptl_crystal_grow.temp            293 
# 
_diffrn.ambient_environment              ? 
_diffrn.ambient_temp                     100 
_diffrn.ambient_temp_details             ? 
_diffrn.ambient_temp_esd                 ? 
_diffrn.crystal_id                       1 
_diffrn.crystal_support                  ? 
_diffrn.crystal_treatment                ? 
_diffrn.details                          ? 
_diffrn.id                               1 
_diffrn.ambient_pressure                 ? 
_diffrn.ambient_pressure_esd             ? 
_diffrn.ambient_pressure_gt              ? 
_diffrn.ambient_pressure_lt              ? 
_diffrn.ambient_temp_gt                  ? 
_diffrn.ambient_temp_lt                  ? 
_diffrn.pdbx_serial_crystal_experiment   N 
# 
_diffrn_detector.details                      ? 
_diffrn_detector.detector                     PIXEL 
_diffrn_detector.diffrn_id                    1 
_diffrn_detector.type                         'DECTRIS EIGER2 X 9M' 
_diffrn_detector.area_resol_mean              ? 
_diffrn_detector.dtime                        ? 
_diffrn_detector.pdbx_frames_total            ? 
_diffrn_detector.pdbx_collection_time_total   ? 
_diffrn_detector.pdbx_collection_date         2020-10-24 
_diffrn_detector.pdbx_frequency               ? 
_diffrn_detector.id                           ? 
_diffrn_detector.number_of_axes               ? 
# 
_diffrn_radiation.collimation                      ? 
_diffrn_radiation.diffrn_id                        1 
_diffrn_radiation.filter_edge                      ? 
_diffrn_radiation.inhomogeneity                    ? 
_diffrn_radiation.monochromator                    ? 
_diffrn_radiation.polarisn_norm                    ? 
_diffrn_radiation.polarisn_ratio                   ? 
_diffrn_radiation.probe                            ? 
_diffrn_radiation.type                             ? 
_diffrn_radiation.xray_symbol                      ? 
_diffrn_radiation.wavelength_id                    1 
_diffrn_radiation.pdbx_monochromatic_or_laue_m_l   M 
_diffrn_radiation.pdbx_wavelength_list             ? 
_diffrn_radiation.pdbx_wavelength                  ? 
_diffrn_radiation.pdbx_diffrn_protocol             'SINGLE WAVELENGTH' 
_diffrn_radiation.pdbx_analyzer                    ? 
_diffrn_radiation.pdbx_scattering_type             x-ray 
# 
_diffrn_radiation_wavelength.id           1 
_diffrn_radiation_wavelength.wavelength   1.00743 
_diffrn_radiation_wavelength.wt           1.0 
# 
_diffrn_source.current                     ? 
_diffrn_source.details                     ? 
_diffrn_source.diffrn_id                   1 
_diffrn_source.power                       ? 
_diffrn_source.size                        ? 
_diffrn_source.source                      SYNCHROTRON 
_diffrn_source.target                      ? 
_diffrn_source.type                        'APS BEAMLINE 17-ID' 
_diffrn_source.voltage                     ? 
_diffrn_source.take-off_angle              ? 
_diffrn_source.pdbx_wavelength_list        1.00743 
_diffrn_source.pdbx_wavelength             ? 
_diffrn_source.pdbx_synchrotron_beamline   17-ID 
_diffrn_source.pdbx_synchrotron_site       APS 
# 
_reflns.B_iso_Wilson_estimate                          55.05 
_reflns.entry_id                                       8SZ5 
_reflns.data_reduction_details                         ? 
_reflns.data_reduction_method                          ? 
_reflns.d_resolution_high                              2.89 
_reflns.d_resolution_low                               59.833 
_reflns.details                                        ? 
_reflns.limit_h_max                                    ? 
_reflns.limit_h_min                                    ? 
_reflns.limit_k_max                                    ? 
_reflns.limit_k_min                                    ? 
_reflns.limit_l_max                                    ? 
_reflns.limit_l_min                                    ? 
_reflns.number_all                                     ? 
_reflns.number_obs                                     3687 
_reflns.observed_criterion                             ? 
_reflns.observed_criterion_F_max                       ? 
_reflns.observed_criterion_F_min                       ? 
_reflns.observed_criterion_I_max                       ? 
_reflns.observed_criterion_I_min                       ? 
_reflns.observed_criterion_sigma_F                     ? 
_reflns.observed_criterion_sigma_I                     ? 
_reflns.percent_possible_obs                           81.5 
_reflns.R_free_details                                 ? 
_reflns.Rmerge_F_all                                   ? 
_reflns.Rmerge_F_obs                                   ? 
_reflns.Friedel_coverage                               ? 
_reflns.number_gt                                      ? 
_reflns.threshold_expression                           ? 
_reflns.pdbx_redundancy                                11.0 
_reflns.pdbx_netI_over_av_sigmaI                       ? 
_reflns.pdbx_netI_over_sigmaI                          8.0 
_reflns.pdbx_res_netI_over_av_sigmaI_2                 ? 
_reflns.pdbx_res_netI_over_sigmaI_2                    ? 
_reflns.pdbx_chi_squared                               ? 
_reflns.pdbx_scaling_rejects                           ? 
_reflns.pdbx_d_res_high_opt                            ? 
_reflns.pdbx_d_res_low_opt                             ? 
_reflns.pdbx_d_res_opt_method                          ? 
_reflns.phase_calculation_details                      ? 
_reflns.pdbx_Rrim_I_all                                ? 
_reflns.pdbx_Rpim_I_all                                ? 
_reflns.pdbx_d_opt                                     ? 
_reflns.pdbx_number_measured_all                       ? 
_reflns.pdbx_diffrn_id                                 1 
_reflns.pdbx_ordinal                                   1 
_reflns.pdbx_CC_half                                   0.997 
_reflns.pdbx_CC_star                                   ? 
_reflns.pdbx_R_split                                   ? 
_reflns.pdbx_Rmerge_I_obs                              ? 
_reflns.pdbx_Rmerge_I_all                              ? 
_reflns.pdbx_Rsym_value                                ? 
_reflns.pdbx_CC_split_method                           ? 
_reflns.pdbx_aniso_diffraction_limit_axis_1_ortho[1]   ? 
_reflns.pdbx_aniso_diffraction_limit_axis_1_ortho[2]   ? 
_reflns.pdbx_aniso_diffraction_limit_axis_1_ortho[3]   ? 
_reflns.pdbx_aniso_diffraction_limit_axis_2_ortho[1]   ? 
_reflns.pdbx_aniso_diffraction_limit_axis_2_ortho[2]   ? 
_reflns.pdbx_aniso_diffraction_limit_axis_2_ortho[3]   ? 
_reflns.pdbx_aniso_diffraction_limit_axis_3_ortho[1]   ? 
_reflns.pdbx_aniso_diffraction_limit_axis_3_ortho[2]   ? 
_reflns.pdbx_aniso_diffraction_limit_axis_3_ortho[3]   ? 
_reflns.pdbx_aniso_diffraction_limit_1                 ? 
_reflns.pdbx_aniso_diffraction_limit_2                 ? 
_reflns.pdbx_aniso_diffraction_limit_3                 ? 
_reflns.pdbx_aniso_B_tensor_eigenvector_1_ortho[1]     ? 
_reflns.pdbx_aniso_B_tensor_eigenvector_1_ortho[2]     ? 
_reflns.pdbx_aniso_B_tensor_eigenvector_1_ortho[3]     ? 
_reflns.pdbx_aniso_B_tensor_eigenvector_2_ortho[1]     ? 
_reflns.pdbx_aniso_B_tensor_eigenvector_2_ortho[2]     ? 
_reflns.pdbx_aniso_B_tensor_eigenvector_2_ortho[3]     ? 
_reflns.pdbx_aniso_B_tensor_eigenvector_3_ortho[1]     ? 
_reflns.pdbx_aniso_B_tensor_eigenvector_3_ortho[2]     ? 
_reflns.pdbx_aniso_B_tensor_eigenvector_3_ortho[3]     ? 
_reflns.pdbx_aniso_B_tensor_eigenvalue_1               ? 
_reflns.pdbx_aniso_B_tensor_eigenvalue_2               ? 
_reflns.pdbx_aniso_B_tensor_eigenvalue_3               ? 
_reflns.pdbx_orthogonalization_convention              ? 
_reflns.pdbx_percent_possible_ellipsoidal              ? 
_reflns.pdbx_percent_possible_spherical                ? 
_reflns.pdbx_percent_possible_ellipsoidal_anomalous    ? 
_reflns.pdbx_percent_possible_spherical_anomalous      ? 
_reflns.pdbx_redundancy_anomalous                      ? 
_reflns.pdbx_CC_half_anomalous                         ? 
_reflns.pdbx_absDiff_over_sigma_anomalous              ? 
_reflns.pdbx_percent_possible_anomalous                ? 
_reflns.pdbx_observed_signal_threshold                 ? 
_reflns.pdbx_signal_type                               ? 
_reflns.pdbx_signal_details                            ? 
_reflns.pdbx_signal_software_id                        ? 
# 
loop_
_reflns_shell.d_res_high 
_reflns_shell.d_res_low 
_reflns_shell.meanI_over_sigI_all 
_reflns_shell.meanI_over_sigI_obs 
_reflns_shell.number_measured_all 
_reflns_shell.number_measured_obs 
_reflns_shell.number_possible 
_reflns_shell.number_unique_all 
_reflns_shell.number_unique_obs 
_reflns_shell.percent_possible_obs 
_reflns_shell.Rmerge_F_all 
_reflns_shell.Rmerge_F_obs 
_reflns_shell.meanI_over_sigI_gt 
_reflns_shell.meanI_over_uI_all 
_reflns_shell.meanI_over_uI_gt 
_reflns_shell.number_measured_gt 
_reflns_shell.number_unique_gt 
_reflns_shell.percent_possible_gt 
_reflns_shell.Rmerge_F_gt 
_reflns_shell.Rmerge_I_gt 
_reflns_shell.pdbx_redundancy 
_reflns_shell.pdbx_chi_squared 
_reflns_shell.pdbx_netI_over_sigmaI_all 
_reflns_shell.pdbx_netI_over_sigmaI_obs 
_reflns_shell.pdbx_Rrim_I_all 
_reflns_shell.pdbx_Rpim_I_all 
_reflns_shell.pdbx_rejects 
_reflns_shell.pdbx_ordinal 
_reflns_shell.pdbx_diffrn_id 
_reflns_shell.pdbx_CC_half 
_reflns_shell.pdbx_CC_star 
_reflns_shell.pdbx_R_split 
_reflns_shell.percent_possible_all 
_reflns_shell.Rmerge_I_all 
_reflns_shell.Rmerge_I_obs 
_reflns_shell.pdbx_Rsym_value 
_reflns_shell.pdbx_percent_possible_ellipsoidal 
_reflns_shell.pdbx_percent_possible_spherical 
_reflns_shell.pdbx_percent_possible_ellipsoidal_anomalous 
_reflns_shell.pdbx_percent_possible_spherical_anomalous 
_reflns_shell.pdbx_redundancy_anomalous 
_reflns_shell.pdbx_CC_half_anomalous 
_reflns_shell.pdbx_absDiff_over_sigma_anomalous 
_reflns_shell.pdbx_percent_possible_anomalous 
2.892 3.169  ? ? ? ? ? ? 203 ? ? ? ? ? ? ? ? ? ? ? 9.5 ? ? ? ? ? ? 1 1 0.085 ? ? ? ? ? ? ? ? ? ? ? ? ? ? 
9.450 59.833 ? ? ? ? ? ? 205 ? ? ? ? ? ? ? ? ? ? ? 9.7 ? ? ? ? ? ? 2 1 0.997 ? ? ? ? ? ? ? ? ? ? ? ? ? ? 
# 
_refine.aniso_B[1][1]                            ? 
_refine.aniso_B[1][2]                            ? 
_refine.aniso_B[1][3]                            ? 
_refine.aniso_B[2][2]                            ? 
_refine.aniso_B[2][3]                            ? 
_refine.aniso_B[3][3]                            ? 
_refine.B_iso_max                                ? 
_refine.B_iso_mean                               132.54 
_refine.B_iso_min                                ? 
_refine.correlation_coeff_Fo_to_Fc               ? 
_refine.correlation_coeff_Fo_to_Fc_free          ? 
_refine.details                                  ? 
_refine.diff_density_max                         ? 
_refine.diff_density_max_esd                     ? 
_refine.diff_density_min                         ? 
_refine.diff_density_min_esd                     ? 
_refine.diff_density_rms                         ? 
_refine.diff_density_rms_esd                     ? 
_refine.entry_id                                 8SZ5 
_refine.pdbx_refine_id                           'X-RAY DIFFRACTION' 
_refine.ls_abs_structure_details                 ? 
_refine.ls_abs_structure_Flack                   ? 
_refine.ls_abs_structure_Flack_esd               ? 
_refine.ls_abs_structure_Rogers                  ? 
_refine.ls_abs_structure_Rogers_esd              ? 
_refine.ls_d_res_high                            2.89 
_refine.ls_d_res_low                             34.54 
_refine.ls_extinction_coef                       ? 
_refine.ls_extinction_coef_esd                   ? 
_refine.ls_extinction_expression                 ? 
_refine.ls_extinction_method                     ? 
_refine.ls_goodness_of_fit_all                   ? 
_refine.ls_goodness_of_fit_all_esd               ? 
_refine.ls_goodness_of_fit_obs                   ? 
_refine.ls_goodness_of_fit_obs_esd               ? 
_refine.ls_hydrogen_treatment                    ? 
_refine.ls_matrix_type                           ? 
_refine.ls_number_constraints                    ? 
_refine.ls_number_parameters                     ? 
_refine.ls_number_reflns_all                     ? 
_refine.ls_number_reflns_obs                     3612 
_refine.ls_number_reflns_R_free                  227 
_refine.ls_number_reflns_R_work                  3385 
_refine.ls_number_restraints                     ? 
_refine.ls_percent_reflns_obs                    51.18 
_refine.ls_percent_reflns_R_free                 6.28 
_refine.ls_R_factor_all                          ? 
_refine.ls_R_factor_obs                          0.2015 
_refine.ls_R_factor_R_free                       0.2564 
_refine.ls_R_factor_R_free_error                 ? 
_refine.ls_R_factor_R_free_error_details         ? 
_refine.ls_R_factor_R_work                       0.1983 
_refine.ls_R_Fsqd_factor_obs                     ? 
_refine.ls_R_I_factor_obs                        ? 
_refine.ls_redundancy_reflns_all                 ? 
_refine.ls_redundancy_reflns_obs                 ? 
_refine.ls_restrained_S_all                      ? 
_refine.ls_restrained_S_obs                      ? 
_refine.ls_shift_over_esd_max                    ? 
_refine.ls_shift_over_esd_mean                   ? 
_refine.ls_structure_factor_coef                 ? 
_refine.ls_weighting_details                     ? 
_refine.ls_weighting_scheme                      ? 
_refine.ls_wR_factor_all                         ? 
_refine.ls_wR_factor_obs                         ? 
_refine.ls_wR_factor_R_free                      ? 
_refine.ls_wR_factor_R_work                      ? 
_refine.occupancy_max                            ? 
_refine.occupancy_min                            ? 
_refine.solvent_model_details                    'FLAT BULK SOLVENT MODEL' 
_refine.solvent_model_param_bsol                 ? 
_refine.solvent_model_param_ksol                 ? 
_refine.pdbx_R_complete                          ? 
_refine.ls_R_factor_gt                           ? 
_refine.ls_goodness_of_fit_gt                    ? 
_refine.ls_goodness_of_fit_ref                   ? 
_refine.ls_shift_over_su_max                     ? 
_refine.ls_shift_over_su_max_lt                  ? 
_refine.ls_shift_over_su_mean                    ? 
_refine.ls_shift_over_su_mean_lt                 ? 
_refine.pdbx_ls_sigma_I                          ? 
_refine.pdbx_ls_sigma_F                          1.96 
_refine.pdbx_ls_sigma_Fsqd                       ? 
_refine.pdbx_data_cutoff_high_absF               ? 
_refine.pdbx_data_cutoff_high_rms_absF           ? 
_refine.pdbx_data_cutoff_low_absF                ? 
_refine.pdbx_isotropic_thermal_model             ? 
_refine.pdbx_ls_cross_valid_method               'FREE R-VALUE' 
_refine.pdbx_method_to_determine_struct          'MOLECULAR REPLACEMENT' 
_refine.pdbx_starting_model                      'PDB entry 6X8C' 
_refine.pdbx_stereochemistry_target_values       'GeoStd + Monomer Library + CDL v1.2' 
_refine.pdbx_R_Free_selection_details            ? 
_refine.pdbx_stereochem_target_val_spec_case     ? 
_refine.pdbx_overall_ESU_R                       ? 
_refine.pdbx_overall_ESU_R_Free                  ? 
_refine.pdbx_solvent_vdw_probe_radii             1.1000 
_refine.pdbx_solvent_ion_probe_radii             ? 
_refine.pdbx_solvent_shrinkage_radii             0.9000 
_refine.pdbx_real_space_R                        ? 
_refine.pdbx_density_correlation                 ? 
_refine.pdbx_pd_number_of_powder_patterns        ? 
_refine.pdbx_pd_number_of_points                 ? 
_refine.pdbx_pd_meas_number_of_points            ? 
_refine.pdbx_pd_proc_ls_prof_R_factor            ? 
_refine.pdbx_pd_proc_ls_prof_wR_factor           ? 
_refine.pdbx_pd_Marquardt_correlation_coeff      ? 
_refine.pdbx_pd_Fsqrd_R_factor                   ? 
_refine.pdbx_pd_ls_matrix_band_width             ? 
_refine.pdbx_overall_phase_error                 27.5676 
_refine.pdbx_overall_SU_R_free_Cruickshank_DPI   ? 
_refine.pdbx_overall_SU_R_free_Blow_DPI          ? 
_refine.pdbx_overall_SU_R_Blow_DPI               ? 
_refine.pdbx_TLS_residual_ADP_flag               ? 
_refine.pdbx_diffrn_id                           1 
_refine.overall_SU_B                             ? 
_refine.overall_SU_ML                            0.2389 
_refine.overall_SU_R_Cruickshank_DPI             ? 
_refine.overall_SU_R_free                        ? 
_refine.overall_FOM_free_R_set                   ? 
_refine.overall_FOM_work_R_set                   ? 
_refine.pdbx_average_fsc_overall                 ? 
_refine.pdbx_average_fsc_work                    ? 
_refine.pdbx_average_fsc_free                    ? 
# 
_refine_hist.pdbx_refine_id                   'X-RAY DIFFRACTION' 
_refine_hist.cycle_id                         LAST 
_refine_hist.details                          ? 
_refine_hist.d_res_high                       2.89 
_refine_hist.d_res_low                        34.54 
_refine_hist.number_atoms_solvent             0 
_refine_hist.number_atoms_total               860 
_refine_hist.number_reflns_all                ? 
_refine_hist.number_reflns_obs                ? 
_refine_hist.number_reflns_R_free             ? 
_refine_hist.number_reflns_R_work             ? 
_refine_hist.R_factor_all                     ? 
_refine_hist.R_factor_obs                     ? 
_refine_hist.R_factor_R_free                  ? 
_refine_hist.R_factor_R_work                  ? 
_refine_hist.pdbx_number_residues_total       ? 
_refine_hist.pdbx_B_iso_mean_ligand           ? 
_refine_hist.pdbx_B_iso_mean_solvent          ? 
_refine_hist.pdbx_number_atoms_protein        0 
_refine_hist.pdbx_number_atoms_nucleic_acid   858 
_refine_hist.pdbx_number_atoms_ligand         2 
_refine_hist.pdbx_number_atoms_lipid          ? 
_refine_hist.pdbx_number_atoms_carb           ? 
_refine_hist.pdbx_pseudo_atom_details         ? 
# 
loop_
_refine_ls_restr.pdbx_refine_id 
_refine_ls_restr.criterion 
_refine_ls_restr.dev_ideal 
_refine_ls_restr.dev_ideal_target 
_refine_ls_restr.number 
_refine_ls_restr.rejects 
_refine_ls_restr.type 
_refine_ls_restr.weight 
_refine_ls_restr.pdbx_restraint_function 
'X-RAY DIFFRACTION' ? 0.0036  ? 959  ? f_bond_d           ? ? 
'X-RAY DIFFRACTION' ? 0.5830  ? 1471 ? f_angle_d          ? ? 
'X-RAY DIFFRACTION' ? 0.0300  ? 167  ? f_chiral_restr     ? ? 
'X-RAY DIFFRACTION' ? 0.0026  ? 42   ? f_plane_restr      ? ? 
'X-RAY DIFFRACTION' ? 35.9888 ? 407  ? f_dihedral_angle_d ? ? 
# 
loop_
_refine_ls_shell.pdbx_refine_id 
_refine_ls_shell.d_res_high 
_refine_ls_shell.d_res_low 
_refine_ls_shell.number_reflns_all 
_refine_ls_shell.number_reflns_obs 
_refine_ls_shell.number_reflns_R_free 
_refine_ls_shell.number_reflns_R_work 
_refine_ls_shell.percent_reflns_obs 
_refine_ls_shell.percent_reflns_R_free 
_refine_ls_shell.R_factor_all 
_refine_ls_shell.R_factor_obs 
_refine_ls_shell.R_factor_R_free_error 
_refine_ls_shell.R_factor_R_work 
_refine_ls_shell.redundancy_reflns_all 
_refine_ls_shell.redundancy_reflns_obs 
_refine_ls_shell.wR_factor_all 
_refine_ls_shell.wR_factor_obs 
_refine_ls_shell.wR_factor_R_free 
_refine_ls_shell.wR_factor_R_work 
_refine_ls_shell.pdbx_R_complete 
_refine_ls_shell.pdbx_total_number_of_bins_used 
_refine_ls_shell.pdbx_phase_error 
_refine_ls_shell.pdbx_fsc_work 
_refine_ls_shell.pdbx_fsc_free 
_refine_ls_shell.R_factor_R_free 
'X-RAY DIFFRACTION' 2.89 3.63  . . 46  652  19.81 . . . . 0.1951 . . . . . . . . . . . 0.2695 
'X-RAY DIFFRACTION' 3.64 34.54 . . 181 2733 82.71 . . . . 0.1988 . . . . . . . . . . . 0.2544 
# 
_struct.entry_id                     8SZ5 
_struct.title                        '[2T5] Self-assembling DNA motif with 5 base pairs between junctions and P32 symmetry' 
_struct.pdbx_model_details           ? 
_struct.pdbx_formula_weight          ? 
_struct.pdbx_formula_weight_method   ? 
_struct.pdbx_model_type_details      ? 
_struct.pdbx_CASP_flag               N 
# 
_struct_keywords.entry_id        8SZ5 
_struct_keywords.text            'Tensegrity triangle, DNA nanotechnology, nanomaterials, DNA' 
_struct_keywords.pdbx_keywords   DNA 
# 
loop_
_struct_asym.id 
_struct_asym.pdbx_blank_PDB_chainid_flag 
_struct_asym.pdbx_modified 
_struct_asym.entity_id 
_struct_asym.details 
A N N 1 ? 
B N N 2 ? 
C N N 3 ? 
D N N 4 ? 
E N N 5 ? 
F N N 5 ? 
# 
loop_
_struct_ref.id 
_struct_ref.db_name 
_struct_ref.db_code 
_struct_ref.pdbx_db_accession 
_struct_ref.pdbx_db_isoform 
_struct_ref.entity_id 
_struct_ref.pdbx_seq_one_letter_code 
_struct_ref.pdbx_align_begin 
1 PDB 8SZ5 8SZ5 ? 1 ? 1 
2 PDB 8SZ5 8SZ5 ? 2 ? 1 
3 PDB 8SZ5 8SZ5 ? 3 ? 1 
4 PDB 8SZ5 8SZ5 ? 4 ? 1 
# 
loop_
_struct_ref_seq.align_id 
_struct_ref_seq.ref_id 
_struct_ref_seq.pdbx_PDB_id_code 
_struct_ref_seq.pdbx_strand_id 
_struct_ref_seq.seq_align_beg 
_struct_ref_seq.pdbx_seq_align_beg_ins_code 
_struct_ref_seq.seq_align_end 
_struct_ref_seq.pdbx_seq_align_end_ins_code 
_struct_ref_seq.pdbx_db_accession 
_struct_ref_seq.db_align_beg 
_struct_ref_seq.pdbx_db_align_beg_ins_code 
_struct_ref_seq.db_align_end 
_struct_ref_seq.pdbx_db_align_end_ins_code 
_struct_ref_seq.pdbx_auth_seq_align_beg 
_struct_ref_seq.pdbx_auth_seq_align_end 
1 1 8SZ5 A 1 ? 11 ? 8SZ5 1 ? 11 ? 1 11 
2 2 8SZ5 B 1 ? 10 ? 8SZ5 1 ? 10 ? 1 10 
3 3 8SZ5 C 1 ? 5  ? 8SZ5 1 ? 5  ? 1 5  
4 4 8SZ5 D 1 ? 16 ? 8SZ5 1 ? 16 ? 1 16 
# 
_pdbx_struct_assembly.id                   1 
_pdbx_struct_assembly.details              author_defined_assembly 
_pdbx_struct_assembly.method_details       ? 
_pdbx_struct_assembly.oligomeric_details   dodecameric 
_pdbx_struct_assembly.oligomeric_count     12 
# 
loop_
_pdbx_struct_assembly_gen.assembly_id 
_pdbx_struct_assembly_gen.oper_expression 
_pdbx_struct_assembly_gen.asym_id_list 
1 1 A,B,C,D,E,F 
1 2 A,B,C,D,E,F 
1 3 A,B,C,D,E,F 
# 
loop_
_pdbx_struct_oper_list.id 
_pdbx_struct_oper_list.type 
_pdbx_struct_oper_list.name 
_pdbx_struct_oper_list.symmetry_operation 
_pdbx_struct_oper_list.matrix[1][1] 
_pdbx_struct_oper_list.matrix[1][2] 
_pdbx_struct_oper_list.matrix[1][3] 
_pdbx_struct_oper_list.vector[1] 
_pdbx_struct_oper_list.matrix[2][1] 
_pdbx_struct_oper_list.matrix[2][2] 
_pdbx_struct_oper_list.matrix[2][3] 
_pdbx_struct_oper_list.vector[2] 
_pdbx_struct_oper_list.matrix[3][1] 
_pdbx_struct_oper_list.matrix[3][2] 
_pdbx_struct_oper_list.matrix[3][3] 
_pdbx_struct_oper_list.vector[3] 
1 'identity operation'         1_555 x,y,z         1.0000000000  0.0000000000  0.0000000000  0.0000000000  0.0000000000  1.0000000000  0.0000000000 0.0000000000   0.0000000000  0.0000000000 1.0000000000 0.0000000000  
2 'crystal symmetry operation' 2_555 -y,x-y,z+2/3  -0.4230239854 -0.5188128355 0.7428889214  -4.5001534994 0.8855749901  -0.0631285970 0.4601866112 1.1280502201   -0.1918531853 0.8525538235 0.4861525824 49.1878275081 
3 'crystal symmetry operation' 3_555 -x+y,-x,z+1/3 -0.4230239854 0.8855749901  -0.1918531853 19.9467800073 -0.5188128355 -0.0631285970 0.8525538235 -12.2458006617 0.7428889214  0.4601866112 0.4861525824 26.9184601952 
# 
loop_
_struct_conn.id 
_struct_conn.conn_type_id 
_struct_conn.pdbx_leaving_atom_flag 
_struct_conn.pdbx_PDB_id 
_struct_conn.ptnr1_label_asym_id 
_struct_conn.ptnr1_label_comp_id 
_struct_conn.ptnr1_label_seq_id 
_struct_conn.ptnr1_label_atom_id 
_struct_conn.pdbx_ptnr1_label_alt_id 
_struct_conn.pdbx_ptnr1_PDB_ins_code 
_struct_conn.pdbx_ptnr1_standard_comp_id 
_struct_conn.ptnr1_symmetry 
_struct_conn.ptnr2_label_asym_id 
_struct_conn.ptnr2_label_comp_id 
_struct_conn.ptnr2_label_seq_id 
_struct_conn.ptnr2_label_atom_id 
_struct_conn.pdbx_ptnr2_label_alt_id 
_struct_conn.pdbx_ptnr2_PDB_ins_code 
_struct_conn.ptnr1_auth_asym_id 
_struct_conn.ptnr1_auth_comp_id 
_struct_conn.ptnr1_auth_seq_id 
_struct_conn.ptnr2_auth_asym_id 
_struct_conn.ptnr2_auth_comp_id 
_struct_conn.ptnr2_auth_seq_id 
_struct_conn.ptnr2_symmetry 
_struct_conn.pdbx_ptnr3_label_atom_id 
_struct_conn.pdbx_ptnr3_label_seq_id 
_struct_conn.pdbx_ptnr3_label_comp_id 
_struct_conn.pdbx_ptnr3_label_asym_id 
_struct_conn.pdbx_ptnr3_label_alt_id 
_struct_conn.pdbx_ptnr3_PDB_ins_code 
_struct_conn.details 
_struct_conn.pdbx_dist_value 
_struct_conn.pdbx_value_order 
_struct_conn.pdbx_role 
hydrog1  hydrog ? ? A DA 2  N1 ? ? ? 1_555 D DT 16 N3 ? ? A DA 2  D DT 16 1_555 ? ? ? ? ? ? WATSON-CRICK ? ? ? 
hydrog2  hydrog ? ? A DA 2  N6 ? ? ? 1_555 D DT 16 O4 ? ? A DA 2  D DT 16 1_555 ? ? ? ? ? ? WATSON-CRICK ? ? ? 
hydrog3  hydrog ? ? A DG 3  N1 ? ? ? 1_555 D DC 15 N3 ? ? A DG 3  D DC 15 1_555 ? ? ? ? ? ? WATSON-CRICK ? ? ? 
hydrog4  hydrog ? ? A DG 3  N2 ? ? ? 1_555 D DC 15 O2 ? ? A DG 3  D DC 15 1_555 ? ? ? ? ? ? WATSON-CRICK ? ? ? 
hydrog5  hydrog ? ? A DG 3  O6 ? ? ? 1_555 D DC 15 N4 ? ? A DG 3  D DC 15 1_555 ? ? ? ? ? ? WATSON-CRICK ? ? ? 
hydrog6  hydrog ? ? A DC 4  N3 ? ? ? 1_555 D DG 14 N1 ? ? A DC 4  D DG 14 1_555 ? ? ? ? ? ? WATSON-CRICK ? ? ? 
hydrog7  hydrog ? ? A DC 4  N4 ? ? ? 1_555 D DG 14 O6 ? ? A DC 4  D DG 14 1_555 ? ? ? ? ? ? WATSON-CRICK ? ? ? 
hydrog8  hydrog ? ? A DC 4  O2 ? ? ? 1_555 D DG 14 N2 ? ? A DC 4  D DG 14 1_555 ? ? ? ? ? ? WATSON-CRICK ? ? ? 
hydrog9  hydrog ? ? A DA 5  N1 ? ? ? 1_555 D DT 13 N3 ? ? A DA 5  D DT 13 1_555 ? ? ? ? ? ? WATSON-CRICK ? ? ? 
hydrog10 hydrog ? ? A DA 5  N6 ? ? ? 1_555 D DT 13 O4 ? ? A DA 5  D DT 13 1_555 ? ? ? ? ? ? WATSON-CRICK ? ? ? 
hydrog11 hydrog ? ? A DG 6  N1 ? ? ? 1_555 D DC 12 N3 ? ? A DG 6  D DC 12 1_555 ? ? ? ? ? ? WATSON-CRICK ? ? ? 
hydrog12 hydrog ? ? A DG 6  N2 ? ? ? 1_555 D DC 12 O2 ? ? A DG 6  D DC 12 1_555 ? ? ? ? ? ? WATSON-CRICK ? ? ? 
hydrog13 hydrog ? ? A DG 6  O6 ? ? ? 1_555 D DC 12 N4 ? ? A DG 6  D DC 12 1_555 ? ? ? ? ? ? WATSON-CRICK ? ? ? 
hydrog14 hydrog ? ? A DA 7  N1 ? ? ? 1_555 D DT 11 N3 ? ? A DA 7  D DT 11 1_555 ? ? ? ? ? ? WATSON-CRICK ? ? ? 
hydrog15 hydrog ? ? A DA 7  N6 ? ? ? 1_555 D DT 11 O4 ? ? A DA 7  D DT 11 1_555 ? ? ? ? ? ? WATSON-CRICK ? ? ? 
hydrog16 hydrog ? ? A DC 8  N3 ? ? ? 1_555 D DG 10 N1 ? ? A DC 8  D DG 10 1_555 ? ? ? ? ? ? WATSON-CRICK ? ? ? 
hydrog17 hydrog ? ? A DC 8  N4 ? ? ? 1_555 D DG 10 O6 ? ? A DC 8  D DG 10 1_555 ? ? ? ? ? ? WATSON-CRICK ? ? ? 
hydrog18 hydrog ? ? A DC 8  O2 ? ? ? 1_555 D DG 10 N2 ? ? A DC 8  D DG 10 1_555 ? ? ? ? ? ? WATSON-CRICK ? ? ? 
hydrog19 hydrog ? ? A DC 9  N3 ? ? ? 1_555 D DG 9  N1 ? ? A DC 9  D DG 9  1_555 ? ? ? ? ? ? WATSON-CRICK ? ? ? 
hydrog20 hydrog ? ? A DC 9  N4 ? ? ? 1_555 D DG 9  O6 ? ? A DC 9  D DG 9  1_555 ? ? ? ? ? ? WATSON-CRICK ? ? ? 
hydrog21 hydrog ? ? A DC 9  O2 ? ? ? 1_555 D DG 9  N2 ? ? A DC 9  D DG 9  1_555 ? ? ? ? ? ? WATSON-CRICK ? ? ? 
hydrog22 hydrog ? ? A DT 10 N3 ? ? ? 1_555 C DA 2  N1 ? ? A DT 10 C DA 2  1_555 ? ? ? ? ? ? WATSON-CRICK ? ? ? 
hydrog23 hydrog ? ? A DT 10 O4 ? ? ? 1_555 C DA 2  N6 ? ? A DT 10 C DA 2  1_555 ? ? ? ? ? ? WATSON-CRICK ? ? ? 
hydrog24 hydrog ? ? A DG 11 N1 ? ? ? 1_555 C DC 1  N3 ? ? A DG 11 C DC 1  1_555 ? ? ? ? ? ? WATSON-CRICK ? ? ? 
hydrog25 hydrog ? ? A DG 11 N2 ? ? ? 1_555 C DC 1  O2 ? ? A DG 11 C DC 1  1_555 ? ? ? ? ? ? WATSON-CRICK ? ? ? 
hydrog26 hydrog ? ? A DG 11 O6 ? ? ? 1_555 C DC 1  N4 ? ? A DG 11 C DC 1  1_555 ? ? ? ? ? ? WATSON-CRICK ? ? ? 
hydrog27 hydrog ? ? B DA 1  N1 ? ? ? 1_555 C DT 5  N3 ? ? B DA 1  C DT 5  1_555 ? ? ? ? ? ? WATSON-CRICK ? ? ? 
hydrog28 hydrog ? ? B DA 1  N6 ? ? ? 1_555 C DT 5  O4 ? ? B DA 1  C DT 5  1_555 ? ? ? ? ? ? WATSON-CRICK ? ? ? 
hydrog29 hydrog ? ? B DC 2  N3 ? ? ? 1_555 C DG 4  N1 ? ? B DC 2  C DG 4  1_555 ? ? ? ? ? ? WATSON-CRICK ? ? ? 
hydrog30 hydrog ? ? B DC 2  N4 ? ? ? 1_555 C DG 4  O6 ? ? B DC 2  C DG 4  1_555 ? ? ? ? ? ? WATSON-CRICK ? ? ? 
hydrog31 hydrog ? ? B DC 2  O2 ? ? ? 1_555 C DG 4  N2 ? ? B DC 2  C DG 4  1_555 ? ? ? ? ? ? WATSON-CRICK ? ? ? 
hydrog32 hydrog ? ? B DG 3  N1 ? ? ? 1_555 C DC 3  N3 ? ? B DG 3  C DC 3  1_555 ? ? ? ? ? ? WATSON-CRICK ? ? ? 
hydrog33 hydrog ? ? B DG 3  N2 ? ? ? 1_555 C DC 3  O2 ? ? B DG 3  C DC 3  1_555 ? ? ? ? ? ? WATSON-CRICK ? ? ? 
hydrog34 hydrog ? ? B DG 3  O6 ? ? ? 1_555 C DC 3  N4 ? ? B DG 3  C DC 3  1_555 ? ? ? ? ? ? WATSON-CRICK ? ? ? 
hydrog35 hydrog ? ? B DA 4  N1 ? ? ? 1_555 D DT 8  N3 ? ? B DA 4  D DT 8  1_555 ? ? ? ? ? ? WATSON-CRICK ? ? ? 
hydrog36 hydrog ? ? B DA 4  N6 ? ? ? 1_555 D DT 8  O4 ? ? B DA 4  D DT 8  1_555 ? ? ? ? ? ? WATSON-CRICK ? ? ? 
hydrog37 hydrog ? ? B DC 5  N3 ? ? ? 1_555 D DG 7  N1 ? ? B DC 5  D DG 7  1_555 ? ? ? ? ? ? WATSON-CRICK ? ? ? 
hydrog38 hydrog ? ? B DC 5  N4 ? ? ? 1_555 D DG 7  O6 ? ? B DC 5  D DG 7  1_555 ? ? ? ? ? ? WATSON-CRICK ? ? ? 
hydrog39 hydrog ? ? B DC 5  O2 ? ? ? 1_555 D DG 7  N2 ? ? B DC 5  D DG 7  1_555 ? ? ? ? ? ? WATSON-CRICK ? ? ? 
hydrog40 hydrog ? ? B DA 6  N1 ? ? ? 1_555 D DT 6  N3 ? ? B DA 6  D DT 6  1_555 ? ? ? ? ? ? WATSON-CRICK ? ? ? 
hydrog41 hydrog ? ? B DA 6  N6 ? ? ? 1_555 D DT 6  O4 ? ? B DA 6  D DT 6  1_555 ? ? ? ? ? ? WATSON-CRICK ? ? ? 
hydrog42 hydrog ? ? B DC 7  N3 ? ? ? 1_555 D DG 5  N1 ? ? B DC 7  D DG 5  1_555 ? ? ? ? ? ? WATSON-CRICK ? ? ? 
hydrog43 hydrog ? ? B DC 7  N4 ? ? ? 1_555 D DG 5  O6 ? ? B DC 7  D DG 5  1_555 ? ? ? ? ? ? WATSON-CRICK ? ? ? 
hydrog44 hydrog ? ? B DC 7  O2 ? ? ? 1_555 D DG 5  N2 ? ? B DC 7  D DG 5  1_555 ? ? ? ? ? ? WATSON-CRICK ? ? ? 
hydrog45 hydrog ? ? B DT 8  N3 ? ? ? 1_555 D DA 4  N1 ? ? B DT 8  D DA 4  1_555 ? ? ? ? ? ? WATSON-CRICK ? ? ? 
hydrog46 hydrog ? ? B DT 8  O4 ? ? ? 1_555 D DA 4  N6 ? ? B DT 8  D DA 4  1_555 ? ? ? ? ? ? WATSON-CRICK ? ? ? 
hydrog47 hydrog ? ? B DC 9  N3 ? ? ? 1_555 D DG 3  N1 ? ? B DC 9  D DG 3  1_555 ? ? ? ? ? ? WATSON-CRICK ? ? ? 
hydrog48 hydrog ? ? B DC 9  N4 ? ? ? 1_555 D DG 3  O6 ? ? B DC 9  D DG 3  1_555 ? ? ? ? ? ? WATSON-CRICK ? ? ? 
hydrog49 hydrog ? ? B DC 9  O2 ? ? ? 1_555 D DG 3  N2 ? ? B DC 9  D DG 3  1_555 ? ? ? ? ? ? WATSON-CRICK ? ? ? 
hydrog50 hydrog ? ? B DA 10 N1 ? ? ? 1_555 D DT 2  N3 ? ? B DA 10 D DT 2  1_555 ? ? ? ? ? ? WATSON-CRICK ? ? ? 
hydrog51 hydrog ? ? B DA 10 N6 ? ? ? 1_555 D DT 2  O4 ? ? B DA 10 D DT 2  1_555 ? ? ? ? ? ? WATSON-CRICK ? ? ? 
# 
_struct_conn_type.id          hydrog 
_struct_conn_type.criteria    ? 
_struct_conn_type.reference   ? 
# 
loop_
_space_group_symop.id 
_space_group_symop.operation_xyz 
1 x,y,z         
2 -y,x-y,z+2/3  
3 -x+y,-x,z+1/3 
# 
loop_
_pdbx_refine_tls.id 
_pdbx_refine_tls.pdbx_refine_id 
_pdbx_refine_tls.details 
_pdbx_refine_tls.method 
_pdbx_refine_tls.origin_x 
_pdbx_refine_tls.origin_y 
_pdbx_refine_tls.origin_z 
_pdbx_refine_tls.T[1][1] 
_pdbx_refine_tls.T[1][1]_esd 
_pdbx_refine_tls.T[1][2] 
_pdbx_refine_tls.T[1][2]_esd 
_pdbx_refine_tls.T[1][3] 
_pdbx_refine_tls.T[1][3]_esd 
_pdbx_refine_tls.T[2][2] 
_pdbx_refine_tls.T[2][2]_esd 
_pdbx_refine_tls.T[2][3] 
_pdbx_refine_tls.T[2][3]_esd 
_pdbx_refine_tls.T[3][3] 
_pdbx_refine_tls.T[3][3]_esd 
_pdbx_refine_tls.L[1][1] 
_pdbx_refine_tls.L[1][1]_esd 
_pdbx_refine_tls.L[1][2] 
_pdbx_refine_tls.L[1][2]_esd 
_pdbx_refine_tls.L[1][3] 
_pdbx_refine_tls.L[1][3]_esd 
_pdbx_refine_tls.L[2][2] 
_pdbx_refine_tls.L[2][2]_esd 
_pdbx_refine_tls.L[2][3] 
_pdbx_refine_tls.L[2][3]_esd 
_pdbx_refine_tls.L[3][3] 
_pdbx_refine_tls.L[3][3]_esd 
_pdbx_refine_tls.S[1][1] 
_pdbx_refine_tls.S[1][1]_esd 
_pdbx_refine_tls.S[1][2] 
_pdbx_refine_tls.S[1][2]_esd 
_pdbx_refine_tls.S[1][3] 
_pdbx_refine_tls.S[1][3]_esd 
_pdbx_refine_tls.S[2][1] 
_pdbx_refine_tls.S[2][1]_esd 
_pdbx_refine_tls.S[2][2] 
_pdbx_refine_tls.S[2][2]_esd 
_pdbx_refine_tls.S[2][3] 
_pdbx_refine_tls.S[2][3]_esd 
_pdbx_refine_tls.S[3][1] 
_pdbx_refine_tls.S[3][1]_esd 
_pdbx_refine_tls.S[3][2] 
_pdbx_refine_tls.S[3][2]_esd 
_pdbx_refine_tls.S[3][3] 
_pdbx_refine_tls.S[3][3]_esd 
1 'X-RAY DIFFRACTION' ? refined -2.4225214280  8.1152189526    7.4405232088   2.53311378889  ? 0.88732127232   ? -0.951651057547 ? 0.426145443406 ? 0.137557625113  ? 2.2145502100   ? 3.30611614304 ? -0.054515625646 ? -0.879903140363 ? 1.38395465973 ? -1.173093467353 ? 2.01028227147 ? -0.459363601789 ? 0.38682580096  ? 2.84193255680  ? -0.69660163554  ? -0.391174266444 ? 0.30315923090   ? -2.02145933408  ? -2.024004489583 ? -2.04106073455  ? 
2 'X-RAY DIFFRACTION' ? refined 1.9610097657   -8.04515887214  -7.43932397107 1.644734600035 ? -0.580368699577 ? 0.067665499571  ? 1.3617314765   ? -0.033514736892 ? 0.793197547187 ? 5.71036470639 ? -0.02019039883  ? -2.627153570989 ? 5.90762741165 ? 0.02827493318   ? 2.95793211081 ? 0.242573098030  ? 1.33805503754  ? 0.602720469497 ? -1.143378387697 ? 0.165981674882  ? -0.43940293296  ? -1.167341586645 ? 0.53751279929   ? -0.569188806010 ? 
3 'X-RAY DIFFRACTION' ? refined -3.37546961318 -11.45513020775 2.79217342357  1.569618327445 ? -0.24556946008  ? -0.125013090394 ? 0.75089038661  ? 0.106247099168  ? 0.47253807318  ? 5.48077565100 ? 3.87134767148   ? 0.68401395813   ? 4.81444463032 ? 3.32409630002   ? 4.05178182075 ? -2.017487693231 ? -0.08521583906 ? -0.25249679992 ? -0.818433706447 ? -0.83850413581  ? -0.489213832417 ? 0.45698235482   ? -2.11277221963  ? -0.59651229361  ? 
4 'X-RAY DIFFRACTION' ? refined 1.5248408578   2.90013452331   -1.38316975497 2.31202666660  ? 0.170152305520  ? -0.198169543693 ? 0.70522460324  ? 0.432927198766  ? 1.36142061419  ? 6.06829223057 ? -0.13914779541  ? 0.565975533927  ? 1.71197531453 ? -0.4251366476   ? 3.08852891463 ? -1.219915926968 ? 0.571215729728 ? 2.312566390109 ? -1.63602195154  ? 0.990227800475  ? -1.53640123293  ? -3.10256596570  ? -0.07964765612  ? -0.124142356444 ? 
# 
loop_
_pdbx_refine_tls_group.id 
_pdbx_refine_tls_group.pdbx_refine_id 
_pdbx_refine_tls_group.refine_tls_id 
_pdbx_refine_tls_group.beg_label_asym_id 
_pdbx_refine_tls_group.beg_label_seq_id 
_pdbx_refine_tls_group.beg_auth_asym_id 
_pdbx_refine_tls_group.beg_auth_seq_id 
_pdbx_refine_tls_group.beg_PDB_ins_code 
_pdbx_refine_tls_group.end_label_asym_id 
_pdbx_refine_tls_group.end_label_seq_id 
_pdbx_refine_tls_group.end_auth_asym_id 
_pdbx_refine_tls_group.end_auth_seq_id 
_pdbx_refine_tls_group.end_PDB_ins_code 
_pdbx_refine_tls_group.selection 
_pdbx_refine_tls_group.selection_details 
1 'X-RAY DIFFRACTION' 1 A ? A 1 ? A ? A 11 ? ? 
;(chain 'A' and resid 1 through 11)
;
2 'X-RAY DIFFRACTION' 2 B ? B 1 ? B ? B 10 ? ? 
;(chain 'B' and resid 1 through 10)
;
3 'X-RAY DIFFRACTION' 3 C ? C 1 ? C ? C 5  ? ? 
;(chain 'C' and resid 1 through 5)
;
4 'X-RAY DIFFRACTION' 4 D ? D 1 ? D ? D 16 ? ? 
;(chain 'D' and resid 1 through 16)
;
# 
_pdbx_entry_details.entry_id                 8SZ5 
_pdbx_entry_details.has_ligand_of_interest   N 
_pdbx_entry_details.compound_details         ? 
_pdbx_entry_details.source_details           ? 
_pdbx_entry_details.nonpolymer_details       ? 
_pdbx_entry_details.sequence_details         ? 
# 
loop_
_chem_comp_atom.comp_id 
_chem_comp_atom.atom_id 
_chem_comp_atom.type_symbol 
_chem_comp_atom.pdbx_aromatic_flag 
_chem_comp_atom.pdbx_stereo_config 
_chem_comp_atom.pdbx_ordinal 
DA OP3    O  N N 1   
DA P      P  N N 2   
DA OP1    O  N N 3   
DA OP2    O  N N 4   
DA "O5'"  O  N N 5   
DA "C5'"  C  N N 6   
DA "C4'"  C  N R 7   
DA "O4'"  O  N N 8   
DA "C3'"  C  N S 9   
DA "O3'"  O  N N 10  
DA "C2'"  C  N N 11  
DA "C1'"  C  N R 12  
DA N9     N  Y N 13  
DA C8     C  Y N 14  
DA N7     N  Y N 15  
DA C5     C  Y N 16  
DA C6     C  Y N 17  
DA N6     N  N N 18  
DA N1     N  Y N 19  
DA C2     C  Y N 20  
DA N3     N  Y N 21  
DA C4     C  Y N 22  
DA HOP3   H  N N 23  
DA HOP2   H  N N 24  
DA "H5'"  H  N N 25  
DA "H5''" H  N N 26  
DA "H4'"  H  N N 27  
DA "H3'"  H  N N 28  
DA "HO3'" H  N N 29  
DA "H2'"  H  N N 30  
DA "H2''" H  N N 31  
DA "H1'"  H  N N 32  
DA H8     H  N N 33  
DA H61    H  N N 34  
DA H62    H  N N 35  
DA H2     H  N N 36  
DC OP3    O  N N 37  
DC P      P  N N 38  
DC OP1    O  N N 39  
DC OP2    O  N N 40  
DC "O5'"  O  N N 41  
DC "C5'"  C  N N 42  
DC "C4'"  C  N R 43  
DC "O4'"  O  N N 44  
DC "C3'"  C  N S 45  
DC "O3'"  O  N N 46  
DC "C2'"  C  N N 47  
DC "C1'"  C  N R 48  
DC N1     N  N N 49  
DC C2     C  N N 50  
DC O2     O  N N 51  
DC N3     N  N N 52  
DC C4     C  N N 53  
DC N4     N  N N 54  
DC C5     C  N N 55  
DC C6     C  N N 56  
DC HOP3   H  N N 57  
DC HOP2   H  N N 58  
DC "H5'"  H  N N 59  
DC "H5''" H  N N 60  
DC "H4'"  H  N N 61  
DC "H3'"  H  N N 62  
DC "HO3'" H  N N 63  
DC "H2'"  H  N N 64  
DC "H2''" H  N N 65  
DC "H1'"  H  N N 66  
DC H41    H  N N 67  
DC H42    H  N N 68  
DC H5     H  N N 69  
DC H6     H  N N 70  
DG OP3    O  N N 71  
DG P      P  N N 72  
DG OP1    O  N N 73  
DG OP2    O  N N 74  
DG "O5'"  O  N N 75  
DG "C5'"  C  N N 76  
DG "C4'"  C  N R 77  
DG "O4'"  O  N N 78  
DG "C3'"  C  N S 79  
DG "O3'"  O  N N 80  
DG "C2'"  C  N N 81  
DG "C1'"  C  N R 82  
DG N9     N  Y N 83  
DG C8     C  Y N 84  
DG N7     N  Y N 85  
DG C5     C  Y N 86  
DG C6     C  N N 87  
DG O6     O  N N 88  
DG N1     N  N N 89  
DG C2     C  N N 90  
DG N2     N  N N 91  
DG N3     N  N N 92  
DG C4     C  Y N 93  
DG HOP3   H  N N 94  
DG HOP2   H  N N 95  
DG "H5'"  H  N N 96  
DG "H5''" H  N N 97  
DG "H4'"  H  N N 98  
DG "H3'"  H  N N 99  
DG "HO3'" H  N N 100 
DG "H2'"  H  N N 101 
DG "H2''" H  N N 102 
DG "H1'"  H  N N 103 
DG H8     H  N N 104 
DG H1     H  N N 105 
DG H21    H  N N 106 
DG H22    H  N N 107 
DT OP3    O  N N 108 
DT P      P  N N 109 
DT OP1    O  N N 110 
DT OP2    O  N N 111 
DT "O5'"  O  N N 112 
DT "C5'"  C  N N 113 
DT "C4'"  C  N R 114 
DT "O4'"  O  N N 115 
DT "C3'"  C  N S 116 
DT "O3'"  O  N N 117 
DT "C2'"  C  N N 118 
DT "C1'"  C  N R 119 
DT N1     N  N N 120 
DT C2     C  N N 121 
DT O2     O  N N 122 
DT N3     N  N N 123 
DT C4     C  N N 124 
DT O4     O  N N 125 
DT C5     C  N N 126 
DT C7     C  N N 127 
DT C6     C  N N 128 
DT HOP3   H  N N 129 
DT HOP2   H  N N 130 
DT "H5'"  H  N N 131 
DT "H5''" H  N N 132 
DT "H4'"  H  N N 133 
DT "H3'"  H  N N 134 
DT "HO3'" H  N N 135 
DT "H2'"  H  N N 136 
DT "H2''" H  N N 137 
DT "H1'"  H  N N 138 
DT H3     H  N N 139 
DT H71    H  N N 140 
DT H72    H  N N 141 
DT H73    H  N N 142 
DT H6     H  N N 143 
MG MG     MG N N 144 
# 
loop_
_chem_comp_bond.comp_id 
_chem_comp_bond.atom_id_1 
_chem_comp_bond.atom_id_2 
_chem_comp_bond.value_order 
_chem_comp_bond.pdbx_aromatic_flag 
_chem_comp_bond.pdbx_stereo_config 
_chem_comp_bond.pdbx_ordinal 
DA OP3   P      sing N N 1   
DA OP3   HOP3   sing N N 2   
DA P     OP1    doub N N 3   
DA P     OP2    sing N N 4   
DA P     "O5'"  sing N N 5   
DA OP2   HOP2   sing N N 6   
DA "O5'" "C5'"  sing N N 7   
DA "C5'" "C4'"  sing N N 8   
DA "C5'" "H5'"  sing N N 9   
DA "C5'" "H5''" sing N N 10  
DA "C4'" "O4'"  sing N N 11  
DA "C4'" "C3'"  sing N N 12  
DA "C4'" "H4'"  sing N N 13  
DA "O4'" "C1'"  sing N N 14  
DA "C3'" "O3'"  sing N N 15  
DA "C3'" "C2'"  sing N N 16  
DA "C3'" "H3'"  sing N N 17  
DA "O3'" "HO3'" sing N N 18  
DA "C2'" "C1'"  sing N N 19  
DA "C2'" "H2'"  sing N N 20  
DA "C2'" "H2''" sing N N 21  
DA "C1'" N9     sing N N 22  
DA "C1'" "H1'"  sing N N 23  
DA N9    C8     sing Y N 24  
DA N9    C4     sing Y N 25  
DA C8    N7     doub Y N 26  
DA C8    H8     sing N N 27  
DA N7    C5     sing Y N 28  
DA C5    C6     sing Y N 29  
DA C5    C4     doub Y N 30  
DA C6    N6     sing N N 31  
DA C6    N1     doub Y N 32  
DA N6    H61    sing N N 33  
DA N6    H62    sing N N 34  
DA N1    C2     sing Y N 35  
DA C2    N3     doub Y N 36  
DA C2    H2     sing N N 37  
DA N3    C4     sing Y N 38  
DC OP3   P      sing N N 39  
DC OP3   HOP3   sing N N 40  
DC P     OP1    doub N N 41  
DC P     OP2    sing N N 42  
DC P     "O5'"  sing N N 43  
DC OP2   HOP2   sing N N 44  
DC "O5'" "C5'"  sing N N 45  
DC "C5'" "C4'"  sing N N 46  
DC "C5'" "H5'"  sing N N 47  
DC "C5'" "H5''" sing N N 48  
DC "C4'" "O4'"  sing N N 49  
DC "C4'" "C3'"  sing N N 50  
DC "C4'" "H4'"  sing N N 51  
DC "O4'" "C1'"  sing N N 52  
DC "C3'" "O3'"  sing N N 53  
DC "C3'" "C2'"  sing N N 54  
DC "C3'" "H3'"  sing N N 55  
DC "O3'" "HO3'" sing N N 56  
DC "C2'" "C1'"  sing N N 57  
DC "C2'" "H2'"  sing N N 58  
DC "C2'" "H2''" sing N N 59  
DC "C1'" N1     sing N N 60  
DC "C1'" "H1'"  sing N N 61  
DC N1    C2     sing N N 62  
DC N1    C6     sing N N 63  
DC C2    O2     doub N N 64  
DC C2    N3     sing N N 65  
DC N3    C4     doub N N 66  
DC C4    N4     sing N N 67  
DC C4    C5     sing N N 68  
DC N4    H41    sing N N 69  
DC N4    H42    sing N N 70  
DC C5    C6     doub N N 71  
DC C5    H5     sing N N 72  
DC C6    H6     sing N N 73  
DG OP3   P      sing N N 74  
DG OP3   HOP3   sing N N 75  
DG P     OP1    doub N N 76  
DG P     OP2    sing N N 77  
DG P     "O5'"  sing N N 78  
DG OP2   HOP2   sing N N 79  
DG "O5'" "C5'"  sing N N 80  
DG "C5'" "C4'"  sing N N 81  
DG "C5'" "H5'"  sing N N 82  
DG "C5'" "H5''" sing N N 83  
DG "C4'" "O4'"  sing N N 84  
DG "C4'" "C3'"  sing N N 85  
DG "C4'" "H4'"  sing N N 86  
DG "O4'" "C1'"  sing N N 87  
DG "C3'" "O3'"  sing N N 88  
DG "C3'" "C2'"  sing N N 89  
DG "C3'" "H3'"  sing N N 90  
DG "O3'" "HO3'" sing N N 91  
DG "C2'" "C1'"  sing N N 92  
DG "C2'" "H2'"  sing N N 93  
DG "C2'" "H2''" sing N N 94  
DG "C1'" N9     sing N N 95  
DG "C1'" "H1'"  sing N N 96  
DG N9    C8     sing Y N 97  
DG N9    C4     sing Y N 98  
DG C8    N7     doub Y N 99  
DG C8    H8     sing N N 100 
DG N7    C5     sing Y N 101 
DG C5    C6     sing N N 102 
DG C5    C4     doub Y N 103 
DG C6    O6     doub N N 104 
DG C6    N1     sing N N 105 
DG N1    C2     sing N N 106 
DG N1    H1     sing N N 107 
DG C2    N2     sing N N 108 
DG C2    N3     doub N N 109 
DG N2    H21    sing N N 110 
DG N2    H22    sing N N 111 
DG N3    C4     sing N N 112 
DT OP3   P      sing N N 113 
DT OP3   HOP3   sing N N 114 
DT P     OP1    doub N N 115 
DT P     OP2    sing N N 116 
DT P     "O5'"  sing N N 117 
DT OP2   HOP2   sing N N 118 
DT "O5'" "C5'"  sing N N 119 
DT "C5'" "C4'"  sing N N 120 
DT "C5'" "H5'"  sing N N 121 
DT "C5'" "H5''" sing N N 122 
DT "C4'" "O4'"  sing N N 123 
DT "C4'" "C3'"  sing N N 124 
DT "C4'" "H4'"  sing N N 125 
DT "O4'" "C1'"  sing N N 126 
DT "C3'" "O3'"  sing N N 127 
DT "C3'" "C2'"  sing N N 128 
DT "C3'" "H3'"  sing N N 129 
DT "O3'" "HO3'" sing N N 130 
DT "C2'" "C1'"  sing N N 131 
DT "C2'" "H2'"  sing N N 132 
DT "C2'" "H2''" sing N N 133 
DT "C1'" N1     sing N N 134 
DT "C1'" "H1'"  sing N N 135 
DT N1    C2     sing N N 136 
DT N1    C6     sing N N 137 
DT C2    O2     doub N N 138 
DT C2    N3     sing N N 139 
DT N3    C4     sing N N 140 
DT N3    H3     sing N N 141 
DT C4    O4     doub N N 142 
DT C4    C5     sing N N 143 
DT C5    C7     sing N N 144 
DT C5    C6     doub N N 145 
DT C7    H71    sing N N 146 
DT C7    H72    sing N N 147 
DT C7    H73    sing N N 148 
DT C6    H6     sing N N 149 
# 
loop_
_ndb_struct_conf_na.entry_id 
_ndb_struct_conf_na.feature 
8SZ5 'double helix'        
8SZ5 'a-form double helix' 
8SZ5 'b-form double helix' 
# 
loop_
_ndb_struct_na_base_pair.model_number 
_ndb_struct_na_base_pair.i_label_asym_id 
_ndb_struct_na_base_pair.i_label_comp_id 
_ndb_struct_na_base_pair.i_label_seq_id 
_ndb_struct_na_base_pair.i_symmetry 
_ndb_struct_na_base_pair.j_label_asym_id 
_ndb_struct_na_base_pair.j_label_comp_id 
_ndb_struct_na_base_pair.j_label_seq_id 
_ndb_struct_na_base_pair.j_symmetry 
_ndb_struct_na_base_pair.shear 
_ndb_struct_na_base_pair.stretch 
_ndb_struct_na_base_pair.stagger 
_ndb_struct_na_base_pair.buckle 
_ndb_struct_na_base_pair.propeller 
_ndb_struct_na_base_pair.opening 
_ndb_struct_na_base_pair.pair_number 
_ndb_struct_na_base_pair.pair_name 
_ndb_struct_na_base_pair.i_auth_asym_id 
_ndb_struct_na_base_pair.i_auth_seq_id 
_ndb_struct_na_base_pair.i_PDB_ins_code 
_ndb_struct_na_base_pair.j_auth_asym_id 
_ndb_struct_na_base_pair.j_auth_seq_id 
_ndb_struct_na_base_pair.j_PDB_ins_code 
_ndb_struct_na_base_pair.hbond_type_28 
_ndb_struct_na_base_pair.hbond_type_12 
1 A DA 2  1_555 D DT 16 1_555 0.041  -0.151 -0.311 -6.595  -8.531  2.029  1  A_DA2:DT16_D A 2  ? D 16 ? 20 1 
1 A DG 3  1_555 D DC 15 1_555 -0.192 -0.167 -0.633 -9.160  -5.065  1.167  2  A_DG3:DC15_D A 3  ? D 15 ? 19 1 
1 A DC 4  1_555 D DG 14 1_555 0.209  -0.121 -0.182 -5.337  -1.767  0.215  3  A_DC4:DG14_D A 4  ? D 14 ? 19 1 
1 A DA 5  1_555 D DT 13 1_555 0.050  -0.100 0.005  -4.250  -0.318  -0.161 4  A_DA5:DT13_D A 5  ? D 13 ? 20 1 
1 A DG 6  1_555 D DC 12 1_555 -0.198 -0.128 0.049  -2.287  1.526   0.745  5  A_DG6:DC12_D A 6  ? D 12 ? 19 1 
1 A DA 7  1_555 D DT 11 1_555 0.099  -0.107 0.164  -0.378  1.085   -2.167 6  A_DA7:DT11_D A 7  ? D 11 ? 20 1 
1 A DC 8  1_555 D DG 10 1_555 0.216  -0.172 0.396  2.770   -1.947  1.020  7  A_DC8:DG10_D A 8  ? D 10 ? 19 1 
1 A DC 9  1_555 D DG 9  1_555 0.176  -0.167 0.375  -3.414  -7.491  0.189  8  A_DC9:DG9_D  A 9  ? D 9  ? 19 1 
1 A DT 10 1_555 C DA 2  1_555 -0.845 0.091  0.376  -6.756  -6.970  10.045 9  A_DT10:DA2_C A 10 ? C 2  ? 20 1 
1 A DG 11 1_555 C DC 1  1_555 -0.232 -0.140 -0.247 -3.671  -4.479  1.121  10 A_DG11:DC1_C A 11 ? C 1  ? 19 1 
1 B DA 1  1_555 C DT 5  1_555 0.186  -0.266 1.056  4.780   0.608   -1.921 11 B_DA1:DT5_C  B 1  ? C 5  ? 20 1 
1 B DC 2  1_555 C DG 4  1_555 0.164  -0.250 0.831  1.464   -5.452  -0.852 12 B_DC2:DG4_C  B 2  ? C 4  ? 19 1 
1 B DG 3  1_555 C DC 3  1_555 -0.201 -0.174 0.251  -4.362  -11.760 -1.019 13 B_DG3:DC3_C  B 3  ? C 3  ? 19 1 
1 B DA 4  1_555 D DT 8  1_555 0.418  0.359  0.267  -10.942 -4.087  4.305  14 B_DA4:DT8_D  B 4  ? D 8  ? 20 1 
1 B DC 5  1_555 D DG 7  1_555 0.172  -0.172 0.503  -2.097  -2.759  0.766  15 B_DC5:DG7_D  B 5  ? D 7  ? 19 1 
1 B DA 6  1_555 D DT 6  1_555 0.085  -0.166 0.226  0.722   -4.154  1.560  16 B_DA6:DT6_D  B 6  ? D 6  ? 20 1 
1 B DC 7  1_555 D DG 5  1_555 0.205  -0.131 -0.159 -2.248  -4.598  1.727  17 B_DC7:DG5_D  B 7  ? D 5  ? 19 1 
1 B DT 8  1_555 D DA 4  1_555 -0.065 -0.179 -0.067 -2.392  -4.611  3.911  18 B_DT8:DA4_D  B 8  ? D 4  ? 20 1 
1 B DC 9  1_555 D DG 3  1_555 0.193  -0.137 -0.029 -1.761  -1.846  0.712  19 B_DC9:DG3_D  B 9  ? D 3  ? 19 1 
1 B DA 10 1_555 D DT 2  1_555 0.139  -0.095 -0.127 -0.267  -2.380  -2.617 20 B_DA10:DT2_D B 10 ? D 2  ? 20 1 
# 
loop_
_ndb_struct_na_base_pair_step.model_number 
_ndb_struct_na_base_pair_step.i_label_asym_id_1 
_ndb_struct_na_base_pair_step.i_label_comp_id_1 
_ndb_struct_na_base_pair_step.i_label_seq_id_1 
_ndb_struct_na_base_pair_step.i_symmetry_1 
_ndb_struct_na_base_pair_step.j_label_asym_id_1 
_ndb_struct_na_base_pair_step.j_label_comp_id_1 
_ndb_struct_na_base_pair_step.j_label_seq_id_1 
_ndb_struct_na_base_pair_step.j_symmetry_1 
_ndb_struct_na_base_pair_step.i_label_asym_id_2 
_ndb_struct_na_base_pair_step.i_label_comp_id_2 
_ndb_struct_na_base_pair_step.i_label_seq_id_2 
_ndb_struct_na_base_pair_step.i_symmetry_2 
_ndb_struct_na_base_pair_step.j_label_asym_id_2 
_ndb_struct_na_base_pair_step.j_label_comp_id_2 
_ndb_struct_na_base_pair_step.j_label_seq_id_2 
_ndb_struct_na_base_pair_step.j_symmetry_2 
_ndb_struct_na_base_pair_step.shift 
_ndb_struct_na_base_pair_step.slide 
_ndb_struct_na_base_pair_step.rise 
_ndb_struct_na_base_pair_step.tilt 
_ndb_struct_na_base_pair_step.roll 
_ndb_struct_na_base_pair_step.twist 
_ndb_struct_na_base_pair_step.x_displacement 
_ndb_struct_na_base_pair_step.y_displacement 
_ndb_struct_na_base_pair_step.helical_rise 
_ndb_struct_na_base_pair_step.inclination 
_ndb_struct_na_base_pair_step.tip 
_ndb_struct_na_base_pair_step.helical_twist 
_ndb_struct_na_base_pair_step.step_number 
_ndb_struct_na_base_pair_step.step_name 
_ndb_struct_na_base_pair_step.i_auth_asym_id_1 
_ndb_struct_na_base_pair_step.i_auth_seq_id_1 
_ndb_struct_na_base_pair_step.i_PDB_ins_code_1 
_ndb_struct_na_base_pair_step.j_auth_asym_id_1 
_ndb_struct_na_base_pair_step.j_auth_seq_id_1 
_ndb_struct_na_base_pair_step.j_PDB_ins_code_1 
_ndb_struct_na_base_pair_step.i_auth_asym_id_2 
_ndb_struct_na_base_pair_step.i_auth_seq_id_2 
_ndb_struct_na_base_pair_step.i_PDB_ins_code_2 
_ndb_struct_na_base_pair_step.j_auth_asym_id_2 
_ndb_struct_na_base_pair_step.j_auth_seq_id_2 
_ndb_struct_na_base_pair_step.j_PDB_ins_code_2 
1 A DA 2  1_555 D DT 16 1_555 A DG 3  1_555 D DC 15 1_555 -0.351 -0.616 3.492 -0.197 1.217  31.215 -1.390 0.612  3.469 2.260  
0.365  31.239 1  AA_DA2DG3:DC15DT16_DD A 2  ? D 16 ? A 3  ? D 15 ? 
1 A DG 3  1_555 D DC 15 1_555 A DC 4  1_555 D DG 14 1_555 -0.039 0.080  3.133 -2.627 2.149  33.940 -0.191 -0.334 3.126 3.670  
4.487  34.104 2  AA_DG3DC4:DG14DC15_DD A 3  ? D 15 ? A 4  ? D 14 ? 
1 A DC 4  1_555 D DG 14 1_555 A DA 5  1_555 D DT 13 1_555 -0.314 1.199  3.373 -2.005 2.412  37.366 1.536  0.214  3.452 3.756  
3.122  37.493 3  AA_DC4DA5:DT13DG14_DD A 4  ? D 14 ? A 5  ? D 13 ? 
1 A DA 5  1_555 D DT 13 1_555 A DG 6  1_555 D DC 12 1_555 0.017  -0.372 3.301 -1.767 2.339  29.179 -1.241 -0.417 3.255 4.629  
3.496  29.322 4  AA_DA5DG6:DC12DT13_DD A 5  ? D 13 ? A 6  ? D 12 ? 
1 A DG 6  1_555 D DC 12 1_555 A DA 7  1_555 D DT 11 1_555 0.110  -0.807 3.139 -1.540 2.268  37.815 -1.518 -0.356 3.081 3.494  
2.373  37.911 5  AA_DG6DA7:DT11DC12_DD A 6  ? D 12 ? A 7  ? D 11 ? 
1 A DA 7  1_555 D DT 11 1_555 A DC 8  1_555 D DG 10 1_555 0.821  -1.122 3.282 -4.061 1.396  32.778 -2.204 -2.117 3.111 2.460  
7.157  33.051 6  AA_DA7DC8:DG10DT11_DD A 7  ? D 11 ? A 8  ? D 10 ? 
1 A DC 8  1_555 D DG 10 1_555 A DC 9  1_555 D DG 9  1_555 -0.378 -1.504 3.326 -0.889 -1.203 34.322 -2.353 0.497  3.383 -2.037 
1.506  34.354 7  AA_DC8DC9:DG9DG10_DD  A 8  ? D 10 ? A 9  ? D 9  ? 
1 A DC 9  1_555 D DG 9  1_555 A DT 10 1_555 C DA 2  1_555 -0.626 -1.524 3.278 0.516  4.697  20.313 -6.120 1.939  2.839 13.091 
-1.438 20.849 8  AA_DC9DT10:DA2DG9_CD  A 9  ? D 9  ? A 10 ? C 2  ? 
1 A DT 10 1_555 C DA 2  1_555 A DG 11 1_555 C DC 1  1_555 -0.865 1.480  3.500 -0.774 2.876  36.824 1.913  1.251  3.619 4.544  
1.224  36.940 9  AA_DT10DG11:DC1DA2_CC A 10 ? C 2  ? A 11 ? C 1  ? 
1 B DA 1  1_555 C DT 5  1_555 B DC 2  1_555 C DG 4  1_555 0.230  -1.126 3.466 -0.765 0.016  29.145 -2.241 -0.634 3.459 0.033  
1.520  29.155 10 BB_DA1DC2:DG4DT5_CC   B 1  ? C 5  ? B 2  ? C 4  ? 
1 B DC 2  1_555 C DG 4  1_555 B DG 3  1_555 C DC 3  1_555 -0.258 -0.744 3.312 -0.487 -1.850 39.048 -0.885 0.326  3.345 -2.765 
0.728  39.093 11 BB_DC2DG3:DC3DG4_CC   B 2  ? C 4  ? B 3  ? C 3  ? 
1 B DG 3  1_555 C DC 3  1_555 B DA 4  1_555 D DT 8  1_555 -1.192 -0.326 3.358 -3.717 -3.729 33.260 0.077  1.421  3.482 -6.465 
6.444  33.663 12 BB_DG3DA4:DT8DC3_DC   B 3  ? C 3  ? B 4  ? D 8  ? 
1 B DA 4  1_555 D DT 8  1_555 B DC 5  1_555 D DG 7  1_555 0.121  -0.331 3.159 -3.596 2.940  31.415 -1.123 -0.854 3.083 5.393  
6.597  31.748 13 BB_DA4DC5:DG7DT8_DD   B 4  ? D 8  ? B 5  ? D 7  ? 
1 B DC 5  1_555 D DG 7  1_555 B DA 6  1_555 D DT 6  1_555 -0.249 0.003  3.091 0.766  1.941  37.244 -0.238 0.485  3.082 3.036  
-1.198 37.300 14 BB_DC5DA6:DT6DG7_DD   B 5  ? D 7  ? B 6  ? D 6  ? 
1 B DA 6  1_555 D DT 6  1_555 B DC 7  1_555 D DG 5  1_555 0.069  -0.747 3.413 0.356  0.001  32.026 -1.354 -0.057 3.413 0.002  
-0.645 32.028 15 BB_DA6DC7:DG5DT6_DD   B 6  ? D 6  ? B 7  ? D 5  ? 
1 B DC 7  1_555 D DG 5  1_555 B DT 8  1_555 D DA 4  1_555 -0.016 -0.582 3.363 -0.407 0.954  33.104 -1.186 -0.042 3.346 1.674  
0.714  33.120 16 BB_DC7DT8:DA4DG5_DD   B 7  ? D 5  ? B 8  ? D 4  ? 
1 B DT 8  1_555 D DA 4  1_555 B DC 9  1_555 D DG 3  1_555 0.199  0.427  3.287 0.547  2.512  39.043 0.333  -0.230 3.310 3.754  
-0.817 39.125 17 BB_DT8DC9:DG3DA4_DD   B 8  ? D 4  ? B 9  ? D 3  ? 
1 B DC 9  1_555 D DG 3  1_555 B DA 10 1_555 D DT 2  1_555 -0.398 0.960  3.306 -0.644 2.347  37.542 1.177  0.532  3.364 3.642  
1.000  37.618 18 BB_DC9DA10:DT2DG3_DD  B 9  ? D 3  ? B 10 ? D 2  ? 
# 
loop_
_pdbx_audit_support.funding_organization 
_pdbx_audit_support.country 
_pdbx_audit_support.grant_number 
_pdbx_audit_support.ordinal 
'Office of Naval Research (ONR)'                                 'United States' N000141912596                     1 
'Department of Energy (DOE, United States)'                      'United States' DE-SC0007991                      2 
'National Science Foundation (NSF, United States)'               'United States' 2106790                           3 
'Human Frontier Science Program (HFSP)'                          France          RPG0010/2017                      4 
'National Science Foundation (NSF, United States)'               'United States' DMR-1420073                       5 
'National Aeronautic Space Administration (NASA, United States)' 'United States' '020 NASA Center Innovation Fund' 6 
# 
_pdbx_initial_refinement_model.id               1 
_pdbx_initial_refinement_model.entity_id_list   ? 
_pdbx_initial_refinement_model.type             'experimental model' 
_pdbx_initial_refinement_model.source_name      PDB 
_pdbx_initial_refinement_model.accession_code   6x8c 
_pdbx_initial_refinement_model.details          'Higher symmetry crystal of same complex' 
# 
_space_group.name_H-M_alt     'P 32' 
_space_group.name_Hall        'P 32' 
_space_group.IT_number        145 
_space_group.crystal_system   trigonal 
_space_group.id               1 
# 
_atom_sites.entry_id                    8SZ5 
_atom_sites.Cartn_transf_matrix[1][1]   ? 
_atom_sites.Cartn_transf_matrix[1][2]   ? 
_atom_sites.Cartn_transf_matrix[1][3]   ? 
_atom_sites.Cartn_transf_matrix[2][1]   ? 
_atom_sites.Cartn_transf_matrix[2][2]   ? 
_atom_sites.Cartn_transf_matrix[2][3]   ? 
_atom_sites.Cartn_transf_matrix[3][1]   ? 
_atom_sites.Cartn_transf_matrix[3][2]   ? 
_atom_sites.Cartn_transf_matrix[3][3]   ? 
_atom_sites.Cartn_transf_vector[1]      ? 
_atom_sites.Cartn_transf_vector[2]      ? 
_atom_sites.Cartn_transf_vector[3]      ? 
_atom_sites.fract_transf_matrix[1][1]   -0.00033695 
_atom_sites.fract_transf_matrix[1][2]   -0.01386688 
_atom_sites.fract_transf_matrix[1][3]   0.00932375 
_atom_sites.fract_transf_matrix[2][1]   0.01392593 
_atom_sites.fract_transf_matrix[2][2]   -0.00899926 
_atom_sites.fract_transf_matrix[2][3]   0.00209907 
_atom_sites.fract_transf_matrix[3][1]   0.00382615 
_atom_sites.fract_transf_matrix[3][2]   0.00911509 
_atom_sites.fract_transf_matrix[3][3]   0.01369481 
_atom_sites.fract_transf_vector[1]      -0.286187 
_atom_sites.fract_transf_vector[2]      -0.158304 
_atom_sites.fract_transf_vector[3]      0.109834 
_atom_sites.solution_primary            ? 
_atom_sites.solution_secondary          ? 
_atom_sites.solution_hydrogens          ? 
_atom_sites.special_details             ? 
# 
loop_
_atom_type.symbol 
_atom_type.scat_dispersion_real 
_atom_type.scat_dispersion_imag 
_atom_type.scat_Cromer_Mann_a1 
_atom_type.scat_Cromer_Mann_a2 
_atom_type.scat_Cromer_Mann_a3 
_atom_type.scat_Cromer_Mann_a4 
_atom_type.scat_Cromer_Mann_b1 
_atom_type.scat_Cromer_Mann_b2 
_atom_type.scat_Cromer_Mann_b3 
_atom_type.scat_Cromer_Mann_b4 
_atom_type.scat_Cromer_Mann_c 
_atom_type.scat_source 
_atom_type.scat_dispersion_source 
C  ? ? 3.54356 2.42580 ? ? 25.62398 1.50364  ? ? 0.0 
;2-Gaussian fit: Grosse-Kunstleve RW, Sauter NK, Adams PD: Newsletter of the IUCr Commission on Crystallographic Computing 2004, 3, 22-31.
;
? 
MG ? ? 9.41153 2.53737 ? ? 2.59044  63.03566 ? ? 0.0 
;2-Gaussian fit: Grosse-Kunstleve RW, Sauter NK, Adams PD: Newsletter of the IUCr Commission on Crystallographic Computing 2004, 3, 22-31.
;
? 
N  ? ? 4.01032 2.96436 ? ? 19.97189 1.75589  ? ? 0.0 
;2-Gaussian fit: Grosse-Kunstleve RW, Sauter NK, Adams PD: Newsletter of the IUCr Commission on Crystallographic Computing 2004, 3, 22-31.
;
? 
O  ? ? 7.96527 ?       ? ? 9.05267  ?        ? ? 0.0 
;1-Gaussian fit: Grosse-Kunstleve RW, Sauter NK, Adams PD: Newsletter of the IUCr Commission on Crystallographic Computing 2004, 3, 22-31.
;
? 
P  ? ? 9.51135 5.44231 ? ? 1.42069  35.72801 ? ? 0.0 
;2-Gaussian fit: Grosse-Kunstleve RW, Sauter NK, Adams PD: Newsletter of the IUCr Commission on Crystallographic Computing 2004, 3, 22-31.
;
? 
# 
loop_
_atom_site.group_PDB 
_atom_site.id 
_atom_site.type_symbol 
_atom_site.label_atom_id 
_atom_site.label_alt_id 
_atom_site.label_comp_id 
_atom_site.label_asym_id 
_atom_site.label_entity_id 
_atom_site.label_seq_id 
_atom_site.pdbx_PDB_ins_code 
_atom_site.Cartn_x 
_atom_site.Cartn_y 
_atom_site.Cartn_z 
_atom_site.occupancy 
_atom_site.B_iso_or_equiv 
_atom_site.pdbx_formal_charge 
_atom_site.auth_seq_id 
_atom_site.auth_comp_id 
_atom_site.auth_asym_id 
_atom_site.auth_atom_id 
_atom_site.pdbx_PDB_model_num 
ATOM   1   O  "O5'" . DG A 1 1  ? -17.66510 17.21209  7.32672   1.000 219.50747 ? 1   DG A "O5'" 1 
ATOM   2   C  "C5'" . DG A 1 1  ? -16.85567 18.33312  6.98598   1.000 223.40356 ? 1   DG A "C5'" 1 
ATOM   3   C  "C4'" . DG A 1 1  ? -16.75992 18.49273  5.47888   1.000 225.40046 ? 1   DG A "C4'" 1 
ATOM   4   O  "O4'" . DG A 1 1  ? -16.04921 19.70331  5.16960   1.000 230.18542 ? 1   DG A "O4'" 1 
ATOM   5   C  "C3'" . DG A 1 1  ? -15.97457 17.40606  4.76765   1.000 218.19482 ? 1   DG A "C3'" 1 
ATOM   6   O  "O3'" . DG A 1 1  ? -16.83197 16.31939  4.44232   1.000 215.51756 ? 1   DG A "O3'" 1 
ATOM   7   C  "C2'" . DG A 1 1  ? -15.46636 18.11120  3.50392   1.000 221.97903 ? 1   DG A "C2'" 1 
ATOM   8   C  "C1'" . DG A 1 1  ? -15.52663 19.60137  3.86299   1.000 229.60112 ? 1   DG A "C1'" 1 
ATOM   9   N  N9    . DG A 1 1  ? -14.23392 20.28951  3.81476   1.000 229.68176 ? 1   DG A N9    1 
ATOM   10  C  C8    . DG A 1 1  ? -13.68462 21.07884  4.79573   1.000 231.43768 ? 1   DG A C8    1 
ATOM   11  N  N7    . DG A 1 1  ? -12.52575 21.58183  4.47351   1.000 231.38729 ? 1   DG A N7    1 
ATOM   12  C  C5    . DG A 1 1  ? -12.28648 21.09522  3.19541   1.000 229.42726 ? 1   DG A C5    1 
ATOM   13  C  C6    . DG A 1 1  ? -11.18232 21.30185  2.33459   1.000 228.64139 ? 1   DG A C6    1 
ATOM   14  O  O6    . DG A 1 1  ? -10.16383 21.97629  2.54051   1.000 229.43208 ? 1   DG A O6    1 
ATOM   15  N  N1    . DG A 1 1  ? -11.33648 20.62549  1.12725   1.000 226.94971 ? 1   DG A N1    1 
ATOM   16  C  C2    . DG A 1 1  ? -12.42097 19.85021  0.79395   1.000 226.21256 ? 1   DG A C2    1 
ATOM   17  N  N2    . DG A 1 1  ? -12.39141 19.27666  -0.41729  1.000 224.86746 ? 1   DG A N2    1 
ATOM   18  N  N3    . DG A 1 1  ? -13.46287 19.64980  1.58987   1.000 226.93886 ? 1   DG A N3    1 
ATOM   19  C  C4    . DG A 1 1  ? -13.32817 20.29877  2.77261   1.000 228.48277 ? 1   DG A C4    1 
ATOM   20  P  P     . DA A 1 2  ? -16.22722 14.84304  4.24386   1.000 206.56146 ? 2   DA A P     1 
ATOM   21  O  OP1   . DA A 1 2  ? -17.36405 13.92529  4.00866   1.000 205.71864 ? 2   DA A OP1   1 
ATOM   22  O  OP2   . DA A 1 2  ? -15.29166 14.58304  5.36128   1.000 201.15524 ? 2   DA A OP2   1 
ATOM   23  O  "O5'" . DA A 1 2  ? -15.36602 14.95073  2.89852   1.000 206.39858 ? 2   DA A "O5'" 1 
ATOM   24  C  "C5'" . DA A 1 2  ? -16.01934 15.09451  1.64108   1.000 210.83493 ? 2   DA A "C5'" 1 
ATOM   25  C  "C4'" . DA A 1 2  ? -15.07150 14.79934  0.48554   1.000 208.36974 ? 2   DA A "C4'" 1 
ATOM   26  O  "O4'" . DA A 1 2  ? -14.04533 15.81843  0.40647   1.000 210.55978 ? 2   DA A "O4'" 1 
ATOM   27  C  "C3'" . DA A 1 2  ? -14.32499 13.47864  0.56590   1.000 199.68641 ? 2   DA A "C3'" 1 
ATOM   28  O  "O3'" . DA A 1 2  ? -14.07825 13.00688  -0.74684  1.000 198.87488 ? 2   DA A "O3'" 1 
ATOM   29  C  "C2'" . DA A 1 2  ? -13.02900 13.86691  1.27900   1.000 196.77819 ? 2   DA A "C2'" 1 
ATOM   30  C  "C1'" . DA A 1 2  ? -12.77863 15.27053  0.73605   1.000 203.75715 ? 2   DA A "C1'" 1 
ATOM   31  N  N9    . DA A 1 2  ? -12.15103 16.17702  1.69078   1.000 205.14935 ? 2   DA A N9    1 
ATOM   32  C  C8    . DA A 1 2  ? -12.63715 16.54600  2.91189   1.000 206.68357 ? 2   DA A C8    1 
ATOM   33  N  N7    . DA A 1 2  ? -11.87834 17.40443  3.54857   1.000 208.20681 ? 2   DA A N7    1 
ATOM   34  C  C5    . DA A 1 2  ? -10.82294 17.61996  2.68084   1.000 207.60012 ? 2   DA A C5    1 
ATOM   35  C  C6    . DA A 1 2  ? -9.67415  18.42752  2.76909   1.000 208.68901 ? 2   DA A C6    1 
ATOM   36  N  N6    . DA A 1 2  ? -9.39594  19.19839  3.82579   1.000 210.80983 ? 2   DA A N6    1 
ATOM   37  N  N1    . DA A 1 2  ? -8.82019  18.41386  1.72574   1.000 207.76747 ? 2   DA A N1    1 
ATOM   38  C  C2    . DA A 1 2  ? -9.10208  17.64158  0.66946   1.000 205.96800 ? 2   DA A C2    1 
ATOM   39  N  N3    . DA A 1 2  ? -10.14797 16.84055  0.47294   1.000 204.86802 ? 2   DA A N3    1 
ATOM   40  C  C4    . DA A 1 2  ? -10.97844 16.87635  1.52617   1.000 205.74606 ? 2   DA A C4    1 
ATOM   41  P  P     . DG A 1 3  ? -13.38603 11.57887  -0.98278  1.000 190.63982 ? 3   DG A P     1 
ATOM   42  O  OP1   . DG A 1 3  ? -13.82418 11.09244  -2.31003  1.000 192.19319 ? 3   DG A OP1   1 
ATOM   43  O  OP2   . DG A 1 3  ? -13.61589 10.75220  0.22311   1.000 185.48690 ? 3   DG A OP2   1 
ATOM   44  O  "O5'" . DG A 1 3  ? -11.82832 11.92210  -1.05097  1.000 188.08252 ? 3   DG A "O5'" 1 
ATOM   45  C  "C5'" . DG A 1 3  ? -11.36583 12.92835  -1.93804  1.000 193.16610 ? 3   DG A "C5'" 1 
ATOM   46  C  "C4'" . DG A 1 3  ? -9.86328  12.83390  -2.12249  1.000 189.13449 ? 3   DG A "C4'" 1 
ATOM   47  O  "O4'" . DG A 1 3  ? -9.19853  13.79547  -1.26179  1.000 190.34458 ? 3   DG A "O4'" 1 
ATOM   48  C  "C3'" . DG A 1 3  ? -9.25028  11.48099  -1.78290  1.000 180.71112 ? 3   DG A "C3'" 1 
ATOM   49  O  "O3'" . DG A 1 3  ? -8.15663  11.24399  -2.64852  1.000 178.60359 ? 3   DG A "O3'" 1 
ATOM   50  C  "C2'" . DG A 1 3  ? -8.79169  11.68045  -0.33837  1.000 177.79760 ? 3   DG A "C2'" 1 
ATOM   51  C  "C1'" . DG A 1 3  ? -8.32071  13.12468  -0.37781  1.000 183.40205 ? 3   DG A "C1'" 1 
ATOM   52  N  N9    . DG A 1 3  ? -8.37697  13.80621  0.91147   1.000 184.67505 ? 3   DG A N9    1 
ATOM   53  C  C8    . DG A 1 3  ? -9.36296  13.70474  1.86274   1.000 185.27187 ? 3   DG A C8    1 
ATOM   54  N  N7    . DG A 1 3  ? -9.15111  14.45228  2.91066   1.000 186.94581 ? 3   DG A N7    1 
ATOM   55  C  C5    . DG A 1 3  ? -7.95229  15.09597  2.63171   1.000 187.45706 ? 3   DG A C5    1 
ATOM   56  C  C6    . DG A 1 3  ? -7.21964  16.03179  3.39824   1.000 189.37406 ? 3   DG A C6    1 
ATOM   57  O  O6    . DG A 1 3  ? -7.49595  16.49138  4.51415   1.000 191.11016 ? 3   DG A O6    1 
ATOM   58  N  N1    . DG A 1 3  ? -6.05632  16.43597  2.74525   1.000 189.44470 ? 3   DG A N1    1 
ATOM   59  C  C2    . DG A 1 3  ? -5.65358  15.98899  1.50691   1.000 187.89861 ? 3   DG A C2    1 
ATOM   60  N  N2    . DG A 1 3  ? -4.50268  16.48815  1.03045   1.000 188.40599 ? 3   DG A N2    1 
ATOM   61  N  N3    . DG A 1 3  ? -6.33329  15.11337  0.78085   1.000 186.23624 ? 3   DG A N3    1 
ATOM   62  C  C4    . DG A 1 3  ? -7.46655  14.71166  1.40301   1.000 186.07609 ? 3   DG A C4    1 
ATOM   63  P  P     . DC A 1 4  ? -7.51770  9.77803   -2.79834  1.000 170.89560 ? 4   DC A P     1 
ATOM   64  O  OP1   . DC A 1 4  ? -7.88594  9.27122   -4.13942  1.000 172.52751 ? 4   DC A OP1   1 
ATOM   65  O  OP2   . DC A 1 4  ? -7.84782  8.98009   -1.59580  1.000 165.81893 ? 4   DC A OP2   1 
ATOM   66  O  "O5'" . DC A 1 4  ? -5.94940  10.07250  -2.77121  1.000 168.35676 ? 4   DC A "O5'" 1 
ATOM   67  C  "C5'" . DC A 1 4  ? -5.47996  11.39566  -3.01692  1.000 173.57612 ? 4   DC A "C5'" 1 
ATOM   68  C  "C4'" . DC A 1 4  ? -4.18512  11.65431  -2.27152  1.000 170.25461 ? 4   DC A "C4'" 1 
ATOM   69  O  "O4'" . DC A 1 4  ? -4.45599  12.38372  -1.04074  1.000 171.87151 ? 4   DC A "O4'" 1 
ATOM   70  C  "C3'" . DC A 1 4  ? -3.42437  10.39686  -1.85204  1.000 162.14518 ? 4   DC A "C3'" 1 
ATOM   71  O  "O3'" . DC A 1 4  ? -2.03532  10.61351  -2.00743  1.000 160.36902 ? 4   DC A "O3'" 1 
ATOM   72  C  "C2'" . DC A 1 4  ? -3.79970  10.26047  -0.37960  1.000 159.60683 ? 4   DC A "C2'" 1 
ATOM   73  C  "C1'" . DC A 1 4  ? -3.82096  11.72056  0.02955   1.000 165.50706 ? 4   DC A "C1'" 1 
ATOM   74  N  N1    . DC A 1 4  ? -4.57713  11.99482  1.28917   1.000 166.42804 ? 4   DC A N1    1 
ATOM   75  C  C2    . DC A 1 4  ? -4.05600  12.89930  2.22326   1.000 168.10230 ? 4   DC A C2    1 
ATOM   76  O  O2    . DC A 1 4  ? -2.97679  13.45519  1.98259   1.000 168.68716 ? 4   DC A O2    1 
ATOM   77  N  N3    . DC A 1 4  ? -4.75391  13.14215  3.36256   1.000 169.31065 ? 4   DC A N3    1 
ATOM   78  C  C4    . DC A 1 4  ? -5.91558  12.51934  3.57706   1.000 168.74673 ? 4   DC A C4    1 
ATOM   79  N  N4    . DC A 1 4  ? -6.57135  12.78608  4.71152   1.000 170.20656 ? 4   DC A N4    1 
ATOM   80  C  C5    . DC A 1 4  ? -6.45858  11.59446  2.63718   1.000 166.94241 ? 4   DC A C5    1 
ATOM   81  C  C6    . DC A 1 4  ? -5.76277  11.36395  1.51928   1.000 165.89785 ? 4   DC A C6    1 
ATOM   82  P  P     . DA A 1 5  ? -1.11844  9.52295   -2.74789  1.000 172.58163 ? 5   DA A P     1 
ATOM   83  O  OP1   . DA A 1 5  ? -1.15281  9.81868   -4.19845  1.000 178.62360 ? 5   DA A OP1   1 
ATOM   84  O  OP2   . DA A 1 5  ? -1.52383  8.18559   -2.25921  1.000 162.33867 ? 5   DA A OP2   1 
ATOM   85  O  "O5'" . DA A 1 5  ? 0.34817   9.83088   -2.18874  1.000 163.44869 ? 5   DA A "O5'" 1 
ATOM   86  C  "C5'" . DA A 1 5  ? 0.86125   11.15754  -2.24199  1.000 167.17346 ? 5   DA A "C5'" 1 
ATOM   87  C  "C4'" . DA A 1 5  ? 1.68350   11.47522  -1.00389  1.000 166.76553 ? 5   DA A "C4'" 1 
ATOM   88  O  "O4'" . DA A 1 5  ? 0.80226   11.75704  0.11544   1.000 168.78216 ? 5   DA A "O4'" 1 
ATOM   89  C  "C3'" . DA A 1 5  ? 2.61949   10.36178  -0.54269  1.000 155.06685 ? 5   DA A "C3'" 1 
ATOM   90  O  "O3'" . DA A 1 5  ? 3.86130   10.91784  -0.14472  1.000 155.24019 ? 5   DA A "O3'" 1 
ATOM   91  C  "C2'" . DA A 1 5  ? 1.87392   9.74024   0.63878   1.000 149.38642 ? 5   DA A "C2'" 1 
ATOM   92  C  "C1'" . DA A 1 5  ? 1.14296   10.94226  1.21715   1.000 157.73707 ? 5   DA A "C1'" 1 
ATOM   93  N  N9    . DA A 1 5  ? -0.09070  10.59057  1.91409   1.000 155.96183 ? 5   DA A N9    1 
ATOM   94  C  C8    . DA A 1 5  ? -1.06958  9.74926   1.46932   1.000 155.63087 ? 5   DA A C8    1 
ATOM   95  N  N7    . DA A 1 5  ? -2.07787  9.62255   2.29802   1.000 155.92499 ? 5   DA A N7    1 
ATOM   96  C  C5    . DA A 1 5  ? -1.73987  10.44002  3.36127   1.000 156.39932 ? 5   DA A C5    1 
ATOM   97  C  C6    . DA A 1 5  ? -2.39734  10.74232  4.56938   1.000 157.32589 ? 5   DA A C6    1 
ATOM   98  N  N6    . DA A 1 5  ? -3.58333  10.22695  4.90947   1.000 157.12182 ? 5   DA A N6    1 
ATOM   99  N  N1    . DA A 1 5  ? -1.78749  11.59622  5.41650   1.000 159.94137 ? 5   DA A N1    1 
ATOM   100 C  C2    . DA A 1 5  ? -0.59926  12.11026  5.07110   1.000 162.13460 ? 5   DA A C2    1 
ATOM   101 N  N3    . DA A 1 5  ? 0.11573   11.90059  3.96403   1.000 160.08396 ? 5   DA A N3    1 
ATOM   102 C  C4    . DA A 1 5  ? -0.51728  11.04745  3.14259   1.000 156.56560 ? 5   DA A C4    1 
ATOM   103 P  P     . DG A 1 6  ? 5.17604   9.99742   -0.06303  1.000 165.92215 ? 6   DG A P     1 
ATOM   104 O  OP1   . DG A 1 6  ? 6.19886   10.60198  -0.94655  1.000 171.26157 ? 6   DG A OP1   1 
ATOM   105 O  OP2   . DG A 1 6  ? 4.76801   8.58784   -0.26541  1.000 155.38031 ? 6   DG A OP2   1 
ATOM   106 O  "O5'" . DG A 1 6  ? 5.64448   10.15545  1.45610   1.000 158.16697 ? 6   DG A "O5'" 1 
ATOM   107 C  "C5'" . DG A 1 6  ? 5.65127   11.44127  2.06187   1.000 163.18264 ? 6   DG A "C5'" 1 
ATOM   108 C  "C4'" . DG A 1 6  ? 5.42081   11.32937  3.55584   1.000 161.43700 ? 6   DG A "C4'" 1 
ATOM   109 O  "O4'" . DG A 1 6  ? 4.02308   11.08140  3.81411   1.000 163.70164 ? 6   DG A "O4'" 1 
ATOM   110 C  "C3'" . DG A 1 6  ? 6.18556   10.19173  4.23896   1.000 149.72432 ? 6   DG A "C3'" 1 
ATOM   111 O  "O3'" . DG A 1 6  ? 7.18815   10.72931  5.09514   1.000 150.79829 ? 6   DG A "O3'" 1 
ATOM   112 C  "C2'" . DG A 1 6  ? 5.11316   9.41447   5.02449   1.000 145.99017 ? 6   DG A "C2'" 1 
ATOM   113 C  "C1'" . DG A 1 6  ? 3.91664   10.35532  5.00718   1.000 155.18472 ? 6   DG A "C1'" 1 
ATOM   114 N  N9    . DG A 1 6  ? 2.63293   9.65880   5.01816   1.000 151.15547 ? 6   DG A N9    1 
ATOM   115 C  C8    . DG A 1 6  ? 2.11607   8.85677   4.02968   1.000 148.71818 ? 6   DG A C8    1 
ATOM   116 N  N7    . DG A 1 6  ? 0.94365   8.36487   4.32086   1.000 149.37466 ? 6   DG A N7    1 
ATOM   117 C  C5    . DG A 1 6  ? 0.66638   8.87220   5.58393   1.000 151.26134 ? 6   DG A C5    1 
ATOM   118 C  C6    . DG A 1 6  ? -0.46386  8.68617   6.41450   1.000 151.03933 ? 6   DG A C6    1 
ATOM   119 O  O6    . DG A 1 6  ? -1.47702  8.01175   6.18863   1.000 148.89045 ? 6   DG A O6    1 
ATOM   120 N  N1    . DG A 1 6  ? -0.34168  9.38031   7.61629   1.000 152.03314 ? 6   DG A N1    1 
ATOM   121 C  C2    . DG A 1 6  ? 0.73685   10.15876  7.96791   1.000 155.56496 ? 6   DG A C2    1 
ATOM   122 N  N2    . DG A 1 6  ? 0.68460   10.75339  9.16775   1.000 159.49008 ? 6   DG A N2    1 
ATOM   123 N  N3    . DG A 1 6  ? 1.80096   10.33871  7.19829   1.000 153.84714 ? 6   DG A N3    1 
ATOM   124 C  C4    . DG A 1 6  ? 1.69681   9.66996   6.02621   1.000 151.76574 ? 6   DG A C4    1 
ATOM   125 P  P     . DA A 1 7  ? 8.04562   9.76753   6.05719   1.000 153.89489 ? 7   DA A P     1 
ATOM   126 O  OP1   . DA A 1 7  ? 9.34091   10.43700  6.30994   1.000 159.95058 ? 7   DA A OP1   1 
ATOM   127 O  OP2   . DA A 1 7  ? 8.03208   8.39848   5.49314   1.000 140.95111 ? 7   DA A OP2   1 
ATOM   128 O  "O5'" . DA A 1 7  ? 7.20795   9.75768   7.41779   1.000 151.00059 ? 7   DA A "O5'" 1 
ATOM   129 C  "C5'" . DA A 1 7  ? 6.74253   10.98533  7.97000   1.000 161.88052 ? 7   DA A "C5'" 1 
ATOM   130 C  "C4'" . DA A 1 7  ? 6.09327   10.75187  9.31909   1.000 160.08214 ? 7   DA A "C4'" 1 
ATOM   131 O  "O4'" . DA A 1 7  ? 4.72327   10.31551  9.12816   1.000 157.69324 ? 7   DA A "O4'" 1 
ATOM   132 C  "C3'" . DA A 1 7  ? 6.77903   9.68970   10.17467  1.000 149.04197 ? 7   DA A "C3'" 1 
ATOM   133 O  "O3'" . DA A 1 7  ? 6.95685   10.16150  11.49955  1.000 154.05157 ? 7   DA A "O3'" 1 
ATOM   134 C  "C2'" . DA A 1 7  ? 5.82967   8.49354   10.11856  1.000 141.01498 ? 7   DA A "C2'" 1 
ATOM   135 C  "C1'" . DA A 1 7  ? 4.47528   9.14475   9.87170   1.000 149.52874 ? 7   DA A "C1'" 1 
ATOM   136 N  N9    . DA A 1 7  ? 3.57672   8.29478   9.09632   1.000 145.59512 ? 7   DA A N9    1 
ATOM   137 C  C8    . DA A 1 7  ? 3.79443   7.81110   7.83648   1.000 141.70338 ? 7   DA A C8    1 
ATOM   138 N  N7    . DA A 1 7  ? 2.82110   7.06185   7.38045   1.000 138.01687 ? 7   DA A N7    1 
ATOM   139 C  C5    . DA A 1 7  ? 1.89864   7.04980   8.41245   1.000 138.82342 ? 7   DA A C5    1 
ATOM   140 C  C6    . DA A 1 7  ? 0.64406   6.42864   8.55092   1.000 138.83803 ? 7   DA A C6    1 
ATOM   141 N  N6    . DA A 1 7  ? 0.09302   5.67444   7.59688   1.000 136.06944 ? 7   DA A N6    1 
ATOM   142 N  N1    . DA A 1 7  ? -0.02418  6.61416   9.70845   1.000 139.79901 ? 7   DA A N1    1 
ATOM   143 C  C2    . DA A 1 7  ? 0.53373   7.37361   10.66090  1.000 143.59799 ? 7   DA A C2    1 
ATOM   144 N  N3    . DA A 1 7  ? 1.70885   8.00779   10.64647  1.000 144.54436 ? 7   DA A N3    1 
ATOM   145 C  C4    . DA A 1 7  ? 2.34719   7.80305   9.48113   1.000 142.23003 ? 7   DA A C4    1 
ATOM   146 P  P     . DC A 1 8  ? 7.80497   9.29241   12.55171  1.000 158.05564 ? 8   DC A P     1 
ATOM   147 O  OP1   . DC A 1 8  ? 8.40228   10.22479  13.53437  1.000 162.29937 ? 8   DC A OP1   1 
ATOM   148 O  OP2   . DC A 1 8  ? 8.67422   8.37427   11.78068  1.000 143.97776 ? 8   DC A OP2   1 
ATOM   149 O  "O5'" . DC A 1 8  ? 6.69638   8.40688   13.28574  1.000 148.76167 ? 8   DC A "O5'" 1 
ATOM   150 C  "C5'" . DC A 1 8  ? 5.53701   9.03139   13.81583  1.000 154.83482 ? 8   DC A "C5'" 1 
ATOM   151 C  "C4'" . DC A 1 8  ? 4.49168   7.99959   14.19009  1.000 150.98068 ? 8   DC A "C4'" 1 
ATOM   152 O  "O4'" . DC A 1 8  ? 3.87108   7.47576   12.99585  1.000 149.44398 ? 8   DC A "O4'" 1 
ATOM   153 C  "C3'" . DC A 1 8  ? 5.02735   6.78176   14.95577  1.000 140.95535 ? 8   DC A "C3'" 1 
ATOM   154 O  "O3'" . DC A 1 8  ? 4.49697   6.76909   16.27971  1.000 145.52485 ? 8   DC A "O3'" 1 
ATOM   155 C  "C2'" . DC A 1 8  ? 4.55004   5.57240   14.13417  1.000 133.79849 ? 8   DC A "C2'" 1 
ATOM   156 C  "C1'" . DC A 1 8  ? 3.45170   6.17013   13.27211  1.000 139.71651 ? 8   DC A "C1'" 1 
ATOM   157 N  N1    . DC A 1 8  ? 3.24059   5.44023   11.99246  1.000 130.38617 ? 8   DC A N1    1 
ATOM   158 C  C2    . DC A 1 8  ? 2.09160   4.66468   11.83488  1.000 130.27863 ? 8   DC A C2    1 
ATOM   159 O  O2    . DC A 1 8  ? 1.28026   4.61024   12.76619  1.000 131.13802 ? 8   DC A O2    1 
ATOM   160 N  N3    . DC A 1 8  ? 1.90693   3.99060   10.67371  1.000 128.13774 ? 8   DC A N3    1 
ATOM   161 C  C4    . DC A 1 8  ? 2.81631   4.07973   9.70074   1.000 127.90527 ? 8   DC A C4    1 
ATOM   162 N  N4    . DC A 1 8  ? 2.59253   3.40278   8.57028   1.000 125.43195 ? 8   DC A N4    1 
ATOM   163 C  C5    . DC A 1 8  ? 3.99721   4.86693   9.84463   1.000 128.89749 ? 8   DC A C5    1 
ATOM   164 C  C6    . DC A 1 8  ? 4.16860   5.52153   10.99770  1.000 129.04904 ? 8   DC A C6    1 
ATOM   165 P  P     . DC A 1 9  ? 4.68027   5.48271   17.22885  1.000 143.20824 ? 9   DC A P     1 
ATOM   166 O  OP1   . DC A 1 9  ? 4.58677   5.95699   18.62778  1.000 145.27910 ? 9   DC A OP1   1 
ATOM   167 O  OP2   . DC A 1 9  ? 5.87839   4.72749   16.79804  1.000 126.24315 ? 9   DC A OP2   1 
ATOM   168 O  "O5'" . DC A 1 9  ? 3.39051   4.59600   16.91139  1.000 132.00385 ? 9   DC A "O5'" 1 
ATOM   169 C  "C5'" . DC A 1 9  ? 2.10488   5.20101   16.91636  1.000 134.77917 ? 9   DC A "C5'" 1 
ATOM   170 C  "C4'" . DC A 1 9  ? 1.00989   4.15422   16.99855  1.000 131.78926 ? 9   DC A "C4'" 1 
ATOM   171 O  "O4'" . DC A 1 9  ? 0.76816   3.59155   15.68324  1.000 130.57191 ? 9   DC A "O4'" 1 
ATOM   172 C  "C3'" . DC A 1 9  ? 1.30966   2.97191   17.91424  1.000 122.62927 ? 9   DC A "C3'" 1 
ATOM   173 O  "O3'" . DC A 1 9  ? 0.11571   2.57074   18.57395  1.000 124.08020 ? 9   DC A "O3'" 1 
ATOM   174 C  "C2'" . DC A 1 9  ? 1.80643   1.90586   16.93900  1.000 114.98820 ? 9   DC A "C2'" 1 
ATOM   175 C  "C1'" . DC A 1 9  ? 0.94103   2.19014   15.72204  1.000 117.64524 ? 9   DC A "C1'" 1 
ATOM   176 N  N1    . DC A 1 9  ? 1.54768   1.76619   14.42932  1.000 112.26466 ? 9   DC A N1    1 
ATOM   177 C  C2    . DC A 1 9  ? 0.86159   0.86543   13.61012  1.000 108.66439 ? 9   DC A C2    1 
ATOM   178 O  O2    . DC A 1 9  ? -0.23010  0.42635   13.98859  1.000 109.14018 ? 9   DC A O2    1 
ATOM   179 N  N3    . DC A 1 9  ? 1.41800   0.49718   12.42909  1.000 105.10686 ? 9   DC A N3    1 
ATOM   180 C  C4    . DC A 1 9  ? 2.59920   0.99882   12.06195  1.000 104.95529 ? 9   DC A C4    1 
ATOM   181 N  N4    . DC A 1 9  ? 3.10926   0.60854   10.88874  1.000 101.85828 ? 9   DC A N4    1 
ATOM   182 C  C5    . DC A 1 9  ? 3.31203   1.92011   12.88394  1.000 108.40155 ? 9   DC A C5    1 
ATOM   183 C  C6    . DC A 1 9  ? 2.75265   2.27643   14.04559  1.000 112.06655 ? 9   DC A C6    1 
ATOM   184 P  P     . DT A 1 10 ? 0.12062   1.32069   19.58170  1.000 127.55900 ? 10  DT A P     1 
ATOM   185 O  OP1   . DT A 1 10 ? -1.01198  1.48960   20.51994  1.000 131.91300 ? 10  DT A OP1   1 
ATOM   186 O  OP2   . DT A 1 10 ? 1.49598   1.15870   20.10385  1.000 119.92474 ? 10  DT A OP2   1 
ATOM   187 O  "O5'" . DT A 1 10 ? -0.18472  0.07543   18.63254  1.000 117.76067 ? 10  DT A "O5'" 1 
ATOM   188 C  "C5'" . DT A 1 10 ? -1.38447  0.03773   17.86688  1.000 120.42287 ? 10  DT A "C5'" 1 
ATOM   189 C  "C4'" . DT A 1 10 ? -1.90397  -1.38388  17.77027  1.000 115.38370 ? 10  DT A "C4'" 1 
ATOM   190 O  "O4'" . DT A 1 10 ? -1.59782  -1.93280  16.46026  1.000 109.22718 ? 10  DT A "O4'" 1 
ATOM   191 C  "C3'" . DT A 1 10 ? -1.29255  -2.34998  18.77415  1.000 110.08829 ? 10  DT A "C3'" 1 
ATOM   192 O  "O3'" . DT A 1 10 ? -2.24158  -3.33688  19.12511  1.000 110.13046 ? 10  DT A "O3'" 1 
ATOM   193 C  "C2'" . DT A 1 10 ? -0.12810  -2.94690  17.98958  1.000 103.29380 ? 10  DT A "C2'" 1 
ATOM   194 C  "C1'" . DT A 1 10 ? -0.72176  -3.03763  16.59064  1.000 100.20155 ? 10  DT A "C1'" 1 
ATOM   195 N  N1    . DT A 1 10 ? 0.29135   -2.95268  15.50317  1.000 96.02699  ? 10  DT A N1    1 
ATOM   196 C  C2    . DT A 1 10 ? 0.12208   -3.70719  14.36914  1.000 92.03496  ? 10  DT A C2    1 
ATOM   197 O  O2    . DT A 1 10 ? -0.81923  -4.45976  14.20420  1.000 90.96609  ? 10  DT A O2    1 
ATOM   198 N  N3    . DT A 1 10 ? 1.10286   -3.55032  13.42560  1.000 90.14884  ? 10  DT A N3    1 
ATOM   199 C  C4    . DT A 1 10 ? 2.21200   -2.72861  13.50323  1.000 91.69194  ? 10  DT A C4    1 
ATOM   200 O  O4    . DT A 1 10 ? 3.04105   -2.65473  12.60205  1.000 90.00071  ? 10  DT A O4    1 
ATOM   201 C  C5    . DT A 1 10 ? 2.32641   -1.96422  14.71889  1.000 95.84832  ? 10  DT A C5    1 
ATOM   202 C  C7    . DT A 1 10 ? 3.48879   -1.04086  14.91766  1.000 98.17882  ? 10  DT A C7    1 
ATOM   203 C  C6    . DT A 1 10 ? 1.37191   -2.10961  15.64937  1.000 97.87591  ? 10  DT A C6    1 
ATOM   204 P  P     . DG A 1 11 ? -2.34128  -3.86070  20.64034  1.000 127.11615 ? 11  DG A P     1 
ATOM   205 O  OP1   . DG A 1 11 ? -3.36941  -3.04952  21.33158  1.000 134.33933 ? 11  DG A OP1   1 
ATOM   206 O  OP2   . DG A 1 11 ? -0.96663  -3.92451  21.18685  1.000 117.07019 ? 11  DG A OP2   1 
ATOM   207 O  "O5'" . DG A 1 11 ? -2.86997  -5.36060  20.47841  1.000 119.19885 ? 11  DG A "O5'" 1 
ATOM   208 C  "C5'" . DG A 1 11 ? -3.78451  -5.67760  19.43606  1.000 117.86377 ? 11  DG A "C5'" 1 
ATOM   209 C  "C4'" . DG A 1 11 ? -3.45324  -7.02506  18.82243  1.000 111.04890 ? 11  DG A "C4'" 1 
ATOM   210 O  "O4'" . DG A 1 11 ? -2.51392  -6.85117  17.73191  1.000 107.97182 ? 11  DG A "O4'" 1 
ATOM   211 C  "C3'" . DG A 1 11 ? -2.82657  -8.02972  19.78559  1.000 103.72491 ? 11  DG A "C3'" 1 
ATOM   212 O  "O3'" . DG A 1 11 ? -3.48633  -9.27178  19.67425  1.000 99.79109  ? 11  DG A "O3'" 1 
ATOM   213 C  "C2'" . DG A 1 11 ? -1.36589  -8.11886  19.33543  1.000 94.74841  ? 11  DG A "C2'" 1 
ATOM   214 C  "C1'" . DG A 1 11 ? -1.45056  -7.76663  17.85675  1.000 95.70088  ? 11  DG A "C1'" 1 
ATOM   215 N  N9    . DG A 1 11 ? -0.24444  -7.11732  17.34943  1.000 93.68635  ? 11  DG A N9    1 
ATOM   216 C  C8    . DG A 1 11 ? 0.52532   -6.18963  18.00544  1.000 97.21425  ? 11  DG A C8    1 
ATOM   217 N  N7    . DG A 1 11 ? 1.54068   -5.76607  17.30615  1.000 95.14450  ? 11  DG A N7    1 
ATOM   218 C  C5    . DG A 1 11 ? 1.43962   -6.45673  16.10598  1.000 89.01377  ? 11  DG A C5    1 
ATOM   219 C  C6    . DG A 1 11 ? 2.26564   -6.41077  14.95826  1.000 87.26619  ? 11  DG A C6    1 
ATOM   220 O  O6    . DG A 1 11 ? 3.28119   -5.72728  14.77312  1.000 89.38564  ? 11  DG A O6    1 
ATOM   221 N  N1    . DG A 1 11 ? 1.81087   -7.26893  13.96078  1.000 84.79917  ? 11  DG A N1    1 
ATOM   222 C  C2    . DG A 1 11 ? 0.69752   -8.07126  14.06081  1.000 84.10637  ? 11  DG A C2    1 
ATOM   223 N  N2    . DG A 1 11 ? 0.41015   -8.83274  12.99710  1.000 81.85401  ? 11  DG A N2    1 
ATOM   224 N  N3    . DG A 1 11 ? -0.08554  -8.12301  15.13264  1.000 85.67963  ? 11  DG A N3    1 
ATOM   225 C  C4    . DG A 1 11 ? 0.34392   -7.29145  16.11292  1.000 88.09294  ? 11  DG A C4    1 
ATOM   226 P  P     . DA B 2 1  ? 4.43861   -23.75106 0.93072   1.000 105.15309 ? 1   DA B P     1 
ATOM   227 O  OP1   . DA B 2 1  ? 5.47678   -24.26165 1.85264   1.000 105.04327 ? 1   DA B OP1   1 
ATOM   228 O  OP2   . DA B 2 1  ? 3.64010   -22.56258 1.30717   1.000 95.24980  ? 1   DA B OP2   1 
ATOM   229 O  "O5'" . DA B 2 1  ? 3.41660   -24.93704 0.59157   1.000 107.78805 ? 1   DA B "O5'" 1 
ATOM   230 C  "C5'" . DA B 2 1  ? 2.01604   -24.67745 0.53380   1.000 100.01921 ? 1   DA B "C5'" 1 
ATOM   231 C  "C4'" . DA B 2 1  ? 1.52694   -24.64580 -0.90292  1.000 98.06977  ? 1   DA B "C4'" 1 
ATOM   232 O  "O4'" . DA B 2 1  ? 0.19867   -24.06939 -0.93692  1.000 92.86348  ? 1   DA B "O4'" 1 
ATOM   233 C  "C3'" . DA B 2 1  ? 2.37606   -23.80579 -1.84810  1.000 100.68932 ? 1   DA B "C3'" 1 
ATOM   234 O  "O3'" . DA B 2 1  ? 2.40476   -24.37384 -3.14847  1.000 106.85418 ? 1   DA B "O3'" 1 
ATOM   235 C  "C2'" . DA B 2 1  ? 1.68329   -22.45000 -1.84071  1.000 97.71421  ? 1   DA B "C2'" 1 
ATOM   236 C  "C1'" . DA B 2 1  ? 0.22329   -22.79995 -1.55747  1.000 92.35120  ? 1   DA B "C1'" 1 
ATOM   237 N  N9    . DA B 2 1  ? -0.41290  -21.83244 -0.67075  1.000 86.64742  ? 1   DA B N9    1 
ATOM   238 C  C8    . DA B 2 1  ? 0.04399   -21.41471 0.54868   1.000 84.30256  ? 1   DA B C8    1 
ATOM   239 N  N7    . DA B 2 1  ? -0.71894  -20.51522 1.12037   1.000 80.79074  ? 1   DA B N7    1 
ATOM   240 C  C5    . DA B 2 1  ? -1.74542  -20.32354 0.21171   1.000 80.38246  ? 1   DA B C5    1 
ATOM   241 C  C6    . DA B 2 1  ? -2.88106  -19.49212 0.22760   1.000 77.82808  ? 1   DA B C6    1 
ATOM   242 N  N6    . DA B 2 1  ? -3.17127  -18.67027 1.24018   1.000 76.15586  ? 1   DA B N6    1 
ATOM   243 N  N1    . DA B 2 1  ? -3.70875  -19.53850 -0.83888  1.000 78.08897  ? 1   DA B N1    1 
ATOM   244 C  C2    . DA B 2 1  ? -3.40853  -20.36550 -1.84849  1.000 83.37208  ? 1   DA B C2    1 
ATOM   245 N  N3    . DA B 2 1  ? -2.36987  -21.19267 -1.97713  1.000 84.97776  ? 1   DA B N3    1 
ATOM   246 C  C4    . DA B 2 1  ? -1.57054  -21.12416 -0.90114  1.000 82.54882  ? 1   DA B C4    1 
ATOM   247 P  P     . DC B 2 2  ? 3.33797   -23.71712 -4.28272  1.000 96.21124  ? 2   DC B P     1 
ATOM   248 O  OP1   . DC B 2 2  ? 3.73568   -24.78508 -5.22845  1.000 97.74597  ? 2   DC B OP1   1 
ATOM   249 O  OP2   . DC B 2 2  ? 4.38026   -22.91984 -3.59618  1.000 92.38696  ? 2   DC B OP2   1 
ATOM   250 O  "O5'" . DC B 2 2  ? 2.36017   -22.69731 -5.03401  1.000 91.15909  ? 2   DC B "O5'" 1 
ATOM   251 C  "C5'" . DC B 2 2  ? 1.15767   -23.17948 -5.61288  1.000 93.13505  ? 2   DC B "C5'" 1 
ATOM   252 C  "C4'" . DC B 2 2  ? 0.19094   -22.04550 -5.90499  1.000 88.71057  ? 2   DC B "C4'" 1 
ATOM   253 O  "O4'" . DC B 2 2  ? -0.17579  -21.37366 -4.68253  1.000 83.67129  ? 2   DC B "O4'" 1 
ATOM   254 C  "C3'" . DC B 2 2  ? 0.72080   -20.95131 -6.83848  1.000 91.99857  ? 2   DC B "C3'" 1 
ATOM   255 O  "O3'" . DC B 2 2  ? 0.02552   -21.01530 -8.07778  1.000 95.34154  ? 2   DC B "O3'" 1 
ATOM   256 C  "C2'" . DC B 2 2  ? 0.43752   -19.63507 -6.08526  1.000 87.63222  ? 2   DC B "C2'" 1 
ATOM   257 C  "C1'" . DC B 2 2  ? -0.55646  -20.07083 -5.01969  1.000 83.48443  ? 2   DC B "C1'" 1 
ATOM   258 N  N1    . DC B 2 2  ? -0.54626  -19.22723 -3.78729  1.000 81.26413  ? 2   DC B N1    1 
ATOM   259 C  C2    . DC B 2 2  ? -1.57133  -18.29773 -3.58291  1.000 80.40206  ? 2   DC B C2    1 
ATOM   260 O  O2    . DC B 2 2  ? -2.45949  -18.18977 -4.43493  1.000 81.54043  ? 2   DC B O2    1 
ATOM   261 N  N3    . DC B 2 2  ? -1.55723  -17.53915 -2.46206  1.000 78.80602  ? 2   DC B N3    1 
ATOM   262 C  C4    . DC B 2 2  ? -0.57760  -17.68898 -1.56903  1.000 78.19683  ? 2   DC B C4    1 
ATOM   263 N  N4    . DC B 2 2  ? -0.60682  -16.92131 -0.47557  1.000 77.13221  ? 2   DC B N4    1 
ATOM   264 C  C5    . DC B 2 2  ? 0.47432   -18.63444 -1.75694  1.000 79.12876  ? 2   DC B C5    1 
ATOM   265 C  C6    . DC B 2 2  ? 0.45008   -19.37471 -2.86952  1.000 80.57156  ? 2   DC B C6    1 
ATOM   266 P  P     . DG B 2 3  ? 0.28376   -19.92279 -9.22879  1.000 93.68812  ? 3   DG B P     1 
ATOM   267 O  OP1   . DG B 2 3  ? 0.12488   -20.61980 -10.52578 1.000 97.77846  ? 3   DG B OP1   1 
ATOM   268 O  OP2   . DG B 2 3  ? 1.54694   -19.20564 -8.94099  1.000 93.80458  ? 3   DG B OP2   1 
ATOM   269 O  "O5'" . DG B 2 3  ? -0.93061  -18.89960 -9.04807  1.000 92.64584  ? 3   DG B "O5'" 1 
ATOM   270 C  "C5'" . DG B 2 3  ? -2.24598  -19.40161 -8.82915  1.000 91.58367  ? 3   DG B "C5'" 1 
ATOM   271 C  "C4'" . DG B 2 3  ? -3.27868  -18.28820 -8.89189  1.000 91.72578  ? 3   DG B "C4'" 1 
ATOM   272 O  "O4'" . DG B 2 3  ? -3.37164  -17.62649 -7.60567  1.000 88.47240  ? 3   DG B "O4'" 1 
ATOM   273 C  "C3'" . DG B 2 3  ? -2.99431  -17.18969 -9.90576  1.000 94.95068  ? 3   DG B "C3'" 1 
ATOM   274 O  "O3'" . DG B 2 3  ? -4.21685  -16.70077 -10.42380 1.000 96.71811  ? 3   DG B "O3'" 1 
ATOM   275 C  "C2'" . DG B 2 3  ? -2.27605  -16.13453 -9.06886  1.000 93.12767  ? 3   DG B "C2'" 1 
ATOM   276 C  "C1'" . DG B 2 3  ? -2.96941  -16.27420 -7.72047  1.000 89.34904  ? 3   DG B "C1'" 1 
ATOM   277 N  N9    . DG B 2 3  ? -2.10127  -15.97106 -6.59095  1.000 87.00846  ? 3   DG B N9    1 
ATOM   278 C  C8    . DG B 2 3  ? -0.89794  -16.56192 -6.29564  1.000 86.59864  ? 3   DG B C8    1 
ATOM   279 N  N7    . DG B 2 3  ? -0.34307  -16.09746 -5.21285  1.000 84.90841  ? 3   DG B N7    1 
ATOM   280 C  C5    . DG B 2 3  ? -1.23675  -15.13746 -4.75927  1.000 84.03673  ? 3   DG B C5    1 
ATOM   281 C  C6    . DG B 2 3  ? -1.17146  -14.29855 -3.62660  1.000 82.61403  ? 3   DG B C6    1 
ATOM   282 O  O6    . DG B 2 3  ? -0.28287  -14.23757 -2.76696  1.000 81.89999  ? 3   DG B O6    1 
ATOM   283 N  N1    . DG B 2 3  ? -2.28348  -13.46800 -3.53710  1.000 82.54129  ? 3   DG B N1    1 
ATOM   284 C  C2    . DG B 2 3  ? -3.32930  -13.45082 -4.42933  1.000 83.81253  ? 3   DG B C2    1 
ATOM   285 N  N2    . DG B 2 3  ? -4.31479  -12.57894 -4.17876  1.000 83.93699  ? 3   DG B N2    1 
ATOM   286 N  N3    . DG B 2 3  ? -3.40275  -14.23207 -5.49642  1.000 85.33292  ? 3   DG B N3    1 
ATOM   287 C  C4    . DG B 2 3  ? -2.32549  -15.04710 -5.59727  1.000 85.28260  ? 3   DG B C4    1 
ATOM   288 P  P     . DA B 2 4  ? -4.22645  -15.57206 -11.56601 1.000 100.93882 ? 4   DA B P     1 
ATOM   289 O  OP1   . DA B 2 4  ? -5.21984  -15.98920 -12.57991 1.000 104.42623 ? 4   DA B OP1   1 
ATOM   290 O  OP2   . DA B 2 4  ? -2.83443  -15.28530 -11.97924 1.000 102.38595 ? 4   DA B OP2   1 
ATOM   291 O  "O5'" . DA B 2 4  ? -4.78982  -14.28699 -10.81073 1.000 99.44832  ? 4   DA B "O5'" 1 
ATOM   292 C  "C5'" . DA B 2 4  ? -6.03616  -14.36023 -10.13702 1.000 97.61891  ? 4   DA B "C5'" 1 
ATOM   293 C  "C4'" . DA B 2 4  ? -6.49755  -12.98217 -9.70343  1.000 97.61670  ? 4   DA B "C4'" 1 
ATOM   294 O  "O4'" . DA B 2 4  ? -5.81803  -12.60151 -8.48219  1.000 94.18583  ? 4   DA B "O4'" 1 
ATOM   295 C  "C3'" . DA B 2 4  ? -6.22937  -11.86783 -10.70393 1.000 101.78550 ? 4   DA B "C3'" 1 
ATOM   296 O  "O3'" . DA B 2 4  ? -7.28599  -10.92620 -10.66961 1.000 103.27219 ? 4   DA B "O3'" 1 
ATOM   297 C  "C2'" . DA B 2 4  ? -4.91402  -11.26227 -10.21615 1.000 100.53602 ? 4   DA B "C2'" 1 
ATOM   298 C  "C1'" . DA B 2 4  ? -4.98126  -11.48317 -8.70648  1.000 95.84342  ? 4   DA B "C1'" 1 
ATOM   299 N  N9    . DA B 2 4  ? -3.68064  -11.76878 -8.10758  1.000 93.84000  ? 4   DA B N9    1 
ATOM   300 C  C8    . DA B 2 4  ? -2.78564  -12.72124 -8.50551  1.000 94.01460  ? 4   DA B C8    1 
ATOM   301 N  N7    . DA B 2 4  ? -1.69398  -12.75913 -7.77972  1.000 92.39506  ? 4   DA B N7    1 
ATOM   302 C  C5    . DA B 2 4  ? -1.88724  -11.76346 -6.83948  1.000 91.09072  ? 4   DA B C5    1 
ATOM   303 C  C6    . DA B 2 4  ? -1.09172  -11.30017 -5.77777  1.000 89.63020  ? 4   DA B C6    1 
ATOM   304 N  N6    . DA B 2 4  ? 0.10871   -11.80894 -5.48387  1.000 89.19991  ? 4   DA B N6    1 
ATOM   305 N  N1    . DA B 2 4  ? -1.57934  -10.28966 -5.02709  1.000 89.10491  ? 4   DA B N1    1 
ATOM   306 C  C2    . DA B 2 4  ? -2.78238  -9.78473  -5.32647  1.000 89.90800  ? 4   DA B C2    1 
ATOM   307 N  N3    . DA B 2 4  ? -3.62031  -10.13877 -6.29830  1.000 91.36483  ? 4   DA B N3    1 
ATOM   308 C  C4    . DA B 2 4  ? -3.10832  -11.14338 -7.02466  1.000 91.89678  ? 4   DA B C4    1 
ATOM   309 P  P     . DC B 2 5  ? -7.39176  -9.79407  -11.80298 1.000 109.29557 ? 5   DC B P     1 
ATOM   310 O  OP1   . DC B 2 5  ? -8.82548  -9.57595  -12.09959 1.000 111.03218 ? 5   DC B OP1   1 
ATOM   311 O  OP2   . DC B 2 5  ? -6.46182  -10.15830 -12.89531 1.000 114.03237 ? 5   DC B OP2   1 
ATOM   312 O  "O5'" . DC B 2 5  ? -6.80829  -8.49532  -11.08385 1.000 107.77321 ? 5   DC B "O5'" 1 
ATOM   313 C  "C5'" . DC B 2 5  ? -7.27423  -8.13924  -9.79175  1.000 104.41803 ? 5   DC B "C5'" 1 
ATOM   314 C  "C4'" . DC B 2 5  ? -6.40730  -7.05009  -9.19558  1.000 104.06532 ? 5   DC B "C4'" 1 
ATOM   315 O  "O4'" . DC B 2 5  ? -5.25341  -7.64148  -8.56426  1.000 100.91902 ? 5   DC B "O4'" 1 
ATOM   316 C  "C3'" . DC B 2 5  ? -5.87359  -6.03313  -10.20648 1.000 108.81987 ? 5   DC B "C3'" 1 
ATOM   317 O  "O3'" . DC B 2 5  ? -6.43297  -4.74965  -9.92948  1.000 110.72111 ? 5   DC B "O3'" 1 
ATOM   318 C  "C2'" . DC B 2 5  ? -4.34491  -6.06469  -10.02352 1.000 107.86112 ? 5   DC B "C2'" 1 
ATOM   319 C  "C1'" . DC B 2 5  ? -4.16621  -6.76651  -8.68665  1.000 102.67401 ? 5   DC B "C1'" 1 
ATOM   320 N  N1    . DC B 2 5  ? -2.91625  -7.57204  -8.59838  1.000 101.10665 ? 5   DC B N1    1 
ATOM   321 C  C2    . DC B 2 5  ? -1.99389  -7.30510  -7.58369  1.000 99.16117  ? 5   DC B C2    1 
ATOM   322 O  O2    . DC B 2 5  ? -2.23331  -6.39347  -6.78567  1.000 98.79615  ? 5   DC B O2    1 
ATOM   323 N  N3    . DC B 2 5  ? -0.86305  -8.04987  -7.51057  1.000 98.19920  ? 5   DC B N3    1 
ATOM   324 C  C4    . DC B 2 5  ? -0.64772  -9.02355  -8.39670  1.000 98.99461  ? 5   DC B C4    1 
ATOM   325 N  N4    . DC B 2 5  ? 0.47962   -9.73369  -8.28687  1.000 98.33408  ? 5   DC B N4    1 
ATOM   326 C  C5    . DC B 2 5  ? -1.57913  -9.31182  -9.43740  1.000 100.99358 ? 5   DC B C5    1 
ATOM   327 C  C6    . DC B 2 5  ? -2.68885  -8.56976  -9.49893  1.000 102.02695 ? 5   DC B C6    1 
ATOM   328 P  P     . DA B 2 6  ? -5.79897  -3.40786  -10.54912 1.000 124.47535 ? 6   DA B P     1 
ATOM   329 O  OP1   . DA B 2 6  ? -6.89336  -2.41422  -10.60429 1.000 120.67635 ? 6   DA B OP1   1 
ATOM   330 O  OP2   . DA B 2 6  ? -5.05310  -3.71695  -11.79161 1.000 126.06376 ? 6   DA B OP2   1 
ATOM   331 O  "O5'" . DA B 2 6  ? -4.77065  -2.94077  -9.42236  1.000 112.73653 ? 6   DA B "O5'" 1 
ATOM   332 C  "C5'" . DA B 2 6  ? -5.18679  -2.92233  -8.06135  1.000 109.00479 ? 6   DA B "C5'" 1 
ATOM   333 C  "C4'" . DA B 2 6  ? -4.30083  -2.01563  -7.22671  1.000 109.18449 ? 6   DA B "C4'" 1 
ATOM   334 O  "O4'" . DA B 2 6  ? -3.10815  -2.72855  -6.82583  1.000 106.53126 ? 6   DA B "O4'" 1 
ATOM   335 C  "C3'" . DA B 2 6  ? -3.81513  -0.75764  -7.92439  1.000 114.49016 ? 6   DA B "C3'" 1 
ATOM   336 O  "O3'" . DA B 2 6  ? -3.66699  0.28345   -6.97321  1.000 115.62368 ? 6   DA B "O3'" 1 
ATOM   337 C  "C2'" . DA B 2 6  ? -2.47069  -1.18593  -8.51540  1.000 115.80197 ? 6   DA B "C2'" 1 
ATOM   338 C  "C1'" . DA B 2 6  ? -1.97689  -2.23166  -7.51739  1.000 109.55786 ? 6   DA B "C1'" 1 
ATOM   339 N  N9    . DA B 2 6  ? -1.30877  -3.36169  -8.15198  1.000 108.73565 ? 6   DA B N9    1 
ATOM   340 C  C8    . DA B 2 6  ? -1.72705  -4.04701  -9.25784  1.000 110.00724 ? 6   DA B C8    1 
ATOM   341 N  N7    . DA B 2 6  ? -0.93111  -5.02905  -9.60473  1.000 109.17612 ? 6   DA B N7    1 
ATOM   342 C  C5    . DA B 2 6  ? 0.07855   -4.98769  -8.65891  1.000 107.20255 ? 6   DA B C5    1 
ATOM   343 C  C6    . DA B 2 6  ? 1.23353   -5.76946  -8.47026  1.000 105.92984 ? 6   DA B C6    1 
ATOM   344 N  N6    . DA B 2 6  ? 1.56962   -6.78867  -9.26754  1.000 106.32595 ? 6   DA B N6    1 
ATOM   345 N  N1    . DA B 2 6  ? 2.03243   -5.46289  -7.42784  1.000 104.70417 ? 6   DA B N1    1 
ATOM   346 C  C2    . DA B 2 6  ? 1.69129   -4.44371  -6.63127  1.000 104.73214 ? 6   DA B C2    1 
ATOM   347 N  N3    . DA B 2 6  ? 0.63459   -3.63661  -6.70867  1.000 105.79737 ? 6   DA B N3    1 
ATOM   348 C  C4    . DA B 2 6  ? -0.14078  -3.96763  -7.75281  1.000 106.96640 ? 6   DA B C4    1 
ATOM   349 P  P     . DC B 2 7  ? -2.94391  1.66045   -7.37552  1.000 123.83513 ? 7   DC B P     1 
ATOM   350 O  OP1   . DC B 2 7  ? -3.45558  2.70333   -6.45816  1.000 120.34025 ? 7   DC B OP1   1 
ATOM   351 O  OP2   . DC B 2 7  ? -3.06775  1.85044   -8.83917  1.000 128.87063 ? 7   DC B OP2   1 
ATOM   352 O  "O5'" . DC B 2 7  ? -1.40542  1.39230   -7.03263  1.000 118.34244 ? 7   DC B "O5'" 1 
ATOM   353 C  "C5'" . DC B 2 7  ? -1.04962  0.87760   -5.75719  1.000 114.97473 ? 7   DC B "C5'" 1 
ATOM   354 C  "C4'" . DC B 2 7  ? 0.45634   0.85778   -5.58189  1.000 118.83871 ? 7   DC B "C4'" 1 
ATOM   355 O  "O4'" . DC B 2 7  ? 1.00109   -0.35798  -6.15687  1.000 118.07826 ? 7   DC B "O4'" 1 
ATOM   356 C  "C3'" . DC B 2 7  ? 1.20086   2.01891   -6.24079  1.000 125.15904 ? 7   DC B "C3'" 1 
ATOM   357 O  "O3'" . DC B 2 7  ? 2.18955   2.51977   -5.34308  1.000 127.21185 ? 7   DC B "O3'" 1 
ATOM   358 C  "C2'" . DC B 2 7  ? 1.81912   1.37815   -7.48538  1.000 128.25735 ? 7   DC B "C2'" 1 
ATOM   359 C  "C1'" . DC B 2 7  ? 2.07703   -0.03946  -7.00813  1.000 120.54767 ? 7   DC B "C1'" 1 
ATOM   360 N  N1    . DC B 2 7  ? 2.11549   -1.05203  -8.10375  1.000 118.09165 ? 7   DC B N1    1 
ATOM   361 C  C2    . DC B 2 7  ? 3.16615   -1.97170  -8.15129  1.000 119.04634 ? 7   DC B C2    1 
ATOM   362 O  O2    . DC B 2 7  ? 4.04492   -1.91871  -7.28392  1.000 118.80797 ? 7   DC B O2    1 
ATOM   363 N  N3    . DC B 2 7  ? 3.18513   -2.89808  -9.14266  1.000 118.87260 ? 7   DC B N3    1 
ATOM   364 C  C4    . DC B 2 7  ? 2.21082   -2.91880  -10.05464 1.000 119.13816 ? 7   DC B C4    1 
ATOM   365 N  N4    . DC B 2 7  ? 2.27030   -3.84714  -11.01595 1.000 118.63818 ? 7   DC B N4    1 
ATOM   366 C  C5    . DC B 2 7  ? 1.13063   -1.98760  -10.02184 1.000 120.05203 ? 7   DC B C5    1 
ATOM   367 C  C6    . DC B 2 7  ? 1.12078   -1.08348  -9.03647  1.000 118.83348 ? 7   DC B C6    1 
ATOM   368 P  P     . DT B 2 8  ? 3.23848   3.64876   -5.80518  1.000 132.80325 ? 8   DT B P     1 
ATOM   369 O  OP1   . DT B 2 8  ? 3.47688   4.52450   -4.63661  1.000 131.67081 ? 8   DT B OP1   1 
ATOM   370 O  OP2   . DT B 2 8  ? 2.78661   4.25559   -7.07843  1.000 132.01975 ? 8   DT B OP2   1 
ATOM   371 O  "O5'" . DT B 2 8  ? 4.57420   2.81644   -6.08035  1.000 129.40058 ? 8   DT B "O5'" 1 
ATOM   372 C  "C5'" . DT B 2 8  ? 4.96272   1.78880   -5.17078  1.000 125.50607 ? 8   DT B "C5'" 1 
ATOM   373 C  "C4'" . DT B 2 8  ? 6.40391   1.36102   -5.39721  1.000 130.22379 ? 8   DT B "C4'" 1 
ATOM   374 O  "O4'" . DT B 2 8  ? 6.45879   0.30678   -6.39192  1.000 129.05519 ? 8   DT B "O4'" 1 
ATOM   375 C  "C3'" . DT B 2 8  ? 7.33935   2.44692   -5.90422  1.000 138.02180 ? 8   DT B "C3'" 1 
ATOM   376 O  "O3'" . DT B 2 8  ? 8.64583   2.18340   -5.42992  1.000 141.75433 ? 8   DT B "O3'" 1 
ATOM   377 C  "C2'" . DT B 2 8  ? 7.25010   2.26588   -7.41665  1.000 142.47891 ? 8   DT B "C2'" 1 
ATOM   378 C  "C1'" . DT B 2 8  ? 7.18565   0.74966   -7.52367  1.000 136.79716 ? 8   DT B "C1'" 1 
ATOM   379 N  N1    . DT B 2 8  ? 6.48369   0.24505   -8.73771  1.000 134.66565 ? 8   DT B N1    1 
ATOM   380 C  C2    . DT B 2 8  ? 7.00150   -0.83854  -9.40176  1.000 135.01654 ? 8   DT B C2    1 
ATOM   381 O  O2    . DT B 2 8  ? 8.02802   -1.39977  -9.06399  1.000 133.53932 ? 8   DT B O2    1 
ATOM   382 N  N3    . DT B 2 8  ? 6.27711   -1.24453  -10.48842 1.000 133.92767 ? 8   DT B N3    1 
ATOM   383 C  C4    . DT B 2 8  ? 5.10596   -0.69281  -10.96715 1.000 132.71318 ? 8   DT B C4    1 
ATOM   384 O  O4    . DT B 2 8  ? 4.53000   -1.13379  -11.95742 1.000 133.61497 ? 8   DT B O4    1 
ATOM   385 C  C5    . DT B 2 8  ? 4.60834   0.43679   -10.22182 1.000 132.38626 ? 8   DT B C5    1 
ATOM   386 C  C7    . DT B 2 8  ? 3.34479   1.11959   -10.65054 1.000 133.04307 ? 8   DT B C7    1 
ATOM   387 C  C6    . DT B 2 8  ? 5.31047   0.84584   -9.15032  1.000 132.18062 ? 8   DT B C6    1 
ATOM   388 P  P     . DC B 2 9  ? 9.73692   3.35658   -5.33504  1.000 144.67588 ? 9   DC B P     1 
ATOM   389 O  OP1   . DC B 2 9  ? 10.09411  3.51704   -3.90756  1.000 137.21079 ? 9   DC B OP1   1 
ATOM   390 O  OP2   . DC B 2 9  ? 9.23380   4.51826   -6.10161  1.000 147.43228 ? 9   DC B OP2   1 
ATOM   391 O  "O5'" . DC B 2 9  ? 10.99002  2.75450   -6.12238  1.000 147.05954 ? 9   DC B "O5'" 1 
ATOM   392 C  "C5'" . DC B 2 9  ? 11.28361  1.36469   -6.02228  1.000 140.74142 ? 9   DC B "C5'" 1 
ATOM   393 C  "C4'" . DC B 2 9  ? 12.12315  0.90189   -7.19921  1.000 150.19560 ? 9   DC B "C4'" 1 
ATOM   394 O  "O4'" . DC B 2 9  ? 11.25826  0.43616   -8.27115  1.000 148.58851 ? 9   DC B "O4'" 1 
ATOM   395 C  "C3'" . DC B 2 9  ? 13.01560  1.97538   -7.81822  1.000 160.95721 ? 9   DC B "C3'" 1 
ATOM   396 O  "O3'" . DC B 2 9  ? 14.24740  1.39720   -8.21103  1.000 167.01945 ? 9   DC B "O3'" 1 
ATOM   397 C  "C2'" . DC B 2 9  ? 12.20352  2.42676   -9.02911  1.000 160.50332 ? 9   DC B "C2'" 1 
ATOM   398 C  "C1'" . DC B 2 9  ? 11.59245  1.10778   -9.46710  1.000 154.49005 ? 9   DC B "C1'" 1 
ATOM   399 N  N1    . DC B 2 9  ? 10.35689  1.25423   -10.28459 1.000 152.08389 ? 9   DC B N1    1 
ATOM   400 C  C2    . DC B 2 9  ? 10.11661  0.36439   -11.33593 1.000 152.03142 ? 9   DC B C2    1 
ATOM   401 O  O2    . DC B 2 9  ? 10.94400  -0.52431  -11.56590 1.000 150.99114 ? 9   DC B O2    1 
ATOM   402 N  N3    . DC B 2 9  ? 8.98336   0.50444   -12.06840 1.000 149.41844 ? 9   DC B N3    1 
ATOM   403 C  C4    . DC B 2 9  ? 8.11959   1.47971   -11.77983 1.000 147.61220 ? 9   DC B C4    1 
ATOM   404 N  N4    . DC B 2 9  ? 7.01501   1.58377   -12.52637 1.000 146.28421 ? 9   DC B N4    1 
ATOM   405 C  C5    . DC B 2 9  ? 8.35002   2.39491   -10.71182 1.000 147.75168 ? 9   DC B C5    1 
ATOM   406 C  C6    . DC B 2 9  ? 9.47003   2.24663   -9.99877  1.000 150.17276 ? 9   DC B C6    1 
ATOM   407 P  P     . DA B 2 10 ? 15.59004  2.27792   -8.22807  1.000 175.08535 ? 10  DA B P     1 
ATOM   408 O  OP1   . DA B 2 10 ? 16.29630  2.03028   -6.95053  1.000 171.58746 ? 10  DA B OP1   1 
ATOM   409 O  OP2   . DA B 2 10 ? 15.22175  3.65997   -8.61086  1.000 172.88263 ? 10  DA B OP2   1 
ATOM   410 O  "O5'" . DA B 2 10 ? 16.43927  1.64555   -9.42864  1.000 174.74368 ? 10  DA B "O5'" 1 
ATOM   411 C  "C5'" . DA B 2 10 ? 16.74156  0.25241   -9.42949  1.000 168.77072 ? 10  DA B "C5'" 1 
ATOM   412 C  "C4'" . DA B 2 10 ? 16.76964  -0.30048  -10.84582 1.000 172.39050 ? 10  DA B "C4'" 1 
ATOM   413 O  "O4'" . DA B 2 10 ? 15.43643  -0.23997  -11.41966 1.000 169.17287 ? 10  DA B "O4'" 1 
ATOM   414 C  "C3'" . DA B 2 10 ? 17.68611  0.44325   -11.81619 1.000 181.60325 ? 10  DA B "C3'" 1 
ATOM   415 O  "O3'" . DA B 2 10 ? 18.34481  -0.48292  -12.67138 1.000 185.11700 ? 10  DA B "O3'" 1 
ATOM   416 C  "C2'" . DA B 2 10 ? 16.71980  1.33236   -12.59282 1.000 182.00350 ? 10  DA B "C2'" 1 
ATOM   417 C  "C1'" . DA B 2 10 ? 15.47064  0.46368   -12.64273 1.000 172.77367 ? 10  DA B "C1'" 1 
ATOM   418 N  N9    . DA B 2 10 ? 14.23518  1.23412   -12.76320 1.000 168.69254 ? 10  DA B N9    1 
ATOM   419 C  C8    . DA B 2 10 ? 13.85107  2.29161   -11.98820 1.000 168.99378 ? 10  DA B C8    1 
ATOM   420 N  N7    . DA B 2 10 ? 12.68687  2.79621   -12.31894 1.000 167.87345 ? 10  DA B N7    1 
ATOM   421 C  C5    . DA B 2 10 ? 12.27673  2.01587   -13.38699 1.000 166.44372 ? 10  DA B C5    1 
ATOM   422 C  C6    . DA B 2 10 ? 11.11959  2.04208   -14.18887 1.000 166.41882 ? 10  DA B C6    1 
ATOM   423 N  N6    . DA B 2 10 ? 10.13210  2.92417   -14.01857 1.000 168.63743 ? 10  DA B N6    1 
ATOM   424 N  N1    . DA B 2 10 ? 11.01730  1.12440   -15.17434 1.000 166.23118 ? 10  DA B N1    1 
ATOM   425 C  C2    . DA B 2 10 ? 12.01096  0.24185   -15.33864 1.000 168.64263 ? 10  DA B C2    1 
ATOM   426 N  N3    . DA B 2 10 ? 13.14734  0.12048   -14.64818 1.000 169.30745 ? 10  DA B N3    1 
ATOM   427 C  C4    . DA B 2 10 ? 13.21683  1.04530   -13.67493 1.000 167.57704 ? 10  DA B C4    1 
ATOM   428 P  P     . DC C 3 1  ? 7.42312   -8.74689  5.12620   1.000 98.32134  ? 1   DC C P     1 
ATOM   429 O  OP1   . DC C 3 1  ? 6.99626   -7.73040  4.13652   1.000 104.20516 ? 1   DC C OP1   1 
ATOM   430 O  OP2   . DC C 3 1  ? 8.62050   -9.58017  4.86477   1.000 95.81169  ? 1   DC C OP2   1 
ATOM   431 O  "O5'" . DC C 3 1  ? 6.19209   -9.71778  5.46859   1.000 92.33494  ? 1   DC C "O5'" 1 
ATOM   432 C  "C5'" . DC C 3 1  ? 5.91191   -10.05354 6.82275   1.000 90.55722  ? 1   DC C "C5'" 1 
ATOM   433 C  "C4'" . DC C 3 1  ? 4.50948   -10.60677 6.97739   1.000 92.64988  ? 1   DC C "C4'" 1 
ATOM   434 O  "O4'" . DC C 3 1  ? 4.04751   -10.36000 8.32893   1.000 90.43256  ? 1   DC C "O4'" 1 
ATOM   435 C  "C3'" . DC C 3 1  ? 3.46375   -9.94578  6.10955   1.000 89.81566  ? 1   DC C "C3'" 1 
ATOM   436 O  "O3'" . DC C 3 1  ? 2.32089   -10.78040 6.05294   1.000 89.14472  ? 1   DC C "O3'" 1 
ATOM   437 C  "C2'" . DC C 3 1  ? 3.18159   -8.68352  6.91187   1.000 88.82416  ? 1   DC C "C2'" 1 
ATOM   438 C  "C1'" . DC C 3 1  ? 3.16220   -9.24875  8.32987   1.000 88.08805  ? 1   DC C "C1'" 1 
ATOM   439 N  N1    . DC C 3 1  ? 3.62084   -8.29482  9.37323   1.000 83.35832  ? 1   DC C N1    1 
ATOM   440 C  C2    . DC C 3 1  ? 2.98801   -8.28767  10.61897  1.000 85.91402  ? 1   DC C C2    1 
ATOM   441 O  O2    . DC C 3 1  ? 2.05298   -9.07059  10.81714  1.000 90.99045  ? 1   DC C O2    1 
ATOM   442 N  N3    . DC C 3 1  ? 3.41935   -7.42573  11.56960  1.000 82.70380  ? 1   DC C N3    1 
ATOM   443 C  C4    . DC C 3 1  ? 4.43504   -6.60178  11.30817  1.000 80.39013  ? 1   DC C C4    1 
ATOM   444 N  N4    . DC C 3 1  ? 4.82787   -5.76634  12.27417  1.000 79.68026  ? 1   DC C N4    1 
ATOM   445 C  C5    . DC C 3 1  ? 5.09561   -6.59826  10.04346  1.000 80.27225  ? 1   DC C C5    1 
ATOM   446 C  C6    . DC C 3 1  ? 4.66056   -7.45421  9.11540   1.000 81.82992  ? 1   DC C C6    1 
ATOM   447 P  P     . DA C 3 2  ? 1.65449   -11.15254 4.64162   1.000 84.32376  ? 2   DA C P     1 
ATOM   448 O  OP1   . DA C 3 2  ? 1.57696   -12.62824 4.54569   1.000 87.20817  ? 2   DA C OP1   1 
ATOM   449 O  OP2   . DA C 3 2  ? 2.37336   -10.38684 3.59822   1.000 81.24343  ? 2   DA C OP2   1 
ATOM   450 O  "O5'" . DA C 3 2  ? 0.17167   -10.56633 4.76449   1.000 83.83395  ? 2   DA C "O5'" 1 
ATOM   451 C  "C5'" . DA C 3 2  ? -0.66276  -10.96214 5.84709   1.000 85.47435  ? 2   DA C "C5'" 1 
ATOM   452 C  "C4'" . DA C 3 2  ? -1.50412  -9.79477  6.32579   1.000 86.58485  ? 2   DA C "C4'" 1 
ATOM   453 O  "O4'" . DA C 3 2  ? -0.75981  -9.03614  7.29467   1.000 84.69729  ? 2   DA C "O4'" 1 
ATOM   454 C  "C3'" . DA C 3 2  ? -1.84581  -8.78022  5.25308   1.000 87.48609  ? 2   DA C "C3'" 1 
ATOM   455 O  "O3'" . DA C 3 2  ? -3.01867  -9.17137  4.52193   1.000 91.26171  ? 2   DA C "O3'" 1 
ATOM   456 C  "C2'" . DA C 3 2  ? -2.06853  -7.49194  6.04657   1.000 84.24824  ? 2   DA C "C2'" 1 
ATOM   457 C  "C1'" . DA C 3 2  ? -1.28426  -7.72539  7.34531   1.000 82.98561  ? 2   DA C "C1'" 1 
ATOM   458 N  N9    . DA C 3 2  ? -0.18797  -6.78017  7.53191   1.000 77.82336  ? 2   DA C N9    1 
ATOM   459 C  C8    . DA C 3 2  ? 0.71783   -6.37721  6.59289   1.000 77.40691  ? 2   DA C C8    1 
ATOM   460 N  N7    . DA C 3 2  ? 1.59213   -5.50639  7.03962   1.000 74.90915  ? 2   DA C N7    1 
ATOM   461 C  C5    . DA C 3 2  ? 1.22921   -5.31974  8.36207   1.000 74.99590  ? 2   DA C C5    1 
ATOM   462 C  C6    . DA C 3 2  ? 1.76319   -4.51522  9.38546   1.000 74.01342  ? 2   DA C C6    1 
ATOM   463 N  N6    . DA C 3 2  ? 2.82180   -3.71796  9.21555   1.000 72.55785  ? 2   DA C N6    1 
ATOM   464 N  N1    . DA C 3 2  ? 1.16416   -4.56224  10.59438  1.000 74.92032  ? 2   DA C N1    1 
ATOM   465 C  C2    . DA C 3 2  ? 0.10342   -5.36202  10.75909  1.000 76.72571  ? 2   DA C C2    1 
ATOM   466 N  N3    . DA C 3 2  ? -0.48741  -6.16219  9.87311   1.000 77.69132  ? 2   DA C N3    1 
ATOM   467 C  C4    . DA C 3 2  ? 0.13069   -6.09412  8.68278   1.000 76.68983  ? 2   DA C C4    1 
ATOM   468 P  P     . DC C 3 3  ? -4.34518  -9.72165  5.25325   1.000 72.86839  ? 3   DC C P     1 
ATOM   469 O  OP1   . DC C 3 3  ? -4.68981  -8.88357  6.42031   1.000 72.82995  ? 3   DC C OP1   1 
ATOM   470 O  OP2   . DC C 3 3  ? -4.19265  -11.18136 5.42482   1.000 73.40150  ? 3   DC C OP2   1 
ATOM   471 O  "O5'" . DC C 3 3  ? -5.47596  -9.50202  4.14656   1.000 75.35922  ? 3   DC C "O5'" 1 
ATOM   472 C  "C5'" . DC C 3 3  ? -5.62600  -8.22228  3.53719   1.000 75.80415  ? 3   DC C "C5'" 1 
ATOM   473 C  "C4'" . DC C 3 3  ? -5.82383  -8.34743  2.03472   1.000 77.43565  ? 3   DC C "C4'" 1 
ATOM   474 O  "O4'" . DC C 3 3  ? -4.54706  -8.47313  1.37785   1.000 75.63242  ? 3   DC C "O4'" 1 
ATOM   475 C  "C3'" . DC C 3 3  ? -6.60059  -9.56588  1.59316   1.000 79.48422  ? 3   DC C "C3'" 1 
ATOM   476 O  "O3'" . DC C 3 3  ? -7.98158  -9.28968  1.66246   1.000 82.39429  ? 3   DC C "O3'" 1 
ATOM   477 C  "C2'" . DC C 3 3  ? -6.13953  -9.74575  0.14788   1.000 80.09753  ? 3   DC C "C2'" 1 
ATOM   478 C  "C1'" . DC C 3 3  ? -4.70807  -9.18913  0.16692   1.000 77.34286  ? 3   DC C "C1'" 1 
ATOM   479 N  N1    . DC C 3 3  ? -3.63785  -10.23473 0.09211   1.000 75.83301  ? 3   DC C N1    1 
ATOM   480 C  C2    . DC C 3 3  ? -3.49570  -11.01353 -1.06431  1.000 77.33185  ? 3   DC C C2    1 
ATOM   481 O  O2    . DC C 3 3  ? -4.26707  -10.83598 -2.01449  1.000 79.81294  ? 3   DC C O2    1 
ATOM   482 N  N3    . DC C 3 3  ? -2.51311  -11.94746 -1.10640  1.000 76.45769  ? 3   DC C N3    1 
ATOM   483 C  C4    . DC C 3 3  ? -1.69694  -12.10947 -0.06440  1.000 74.28486  ? 3   DC C C4    1 
ATOM   484 N  N4    . DC C 3 3  ? -0.74359  -13.04263 -0.15513  1.000 74.10157  ? 3   DC C N4    1 
ATOM   485 C  C5    . DC C 3 3  ? -1.82203  -11.32351 1.11627   1.000 72.66847  ? 3   DC C C5    1 
ATOM   486 C  C6    . DC C 3 3  ? -2.79387  -10.40574 1.14944   1.000 73.46062  ? 3   DC C C6    1 
ATOM   487 P  P     . DG C 3 4  ? -8.98134  -10.36535 2.30929   1.000 84.20803  ? 4   DG C P     1 
ATOM   488 O  OP1   . DG C 3 4  ? -10.15548 -9.62645  2.82733   1.000 86.69940  ? 4   DG C OP1   1 
ATOM   489 O  OP2   . DG C 3 4  ? -8.18899  -11.23397 3.21135   1.000 82.01180  ? 4   DG C OP2   1 
ATOM   490 O  "O5'" . DG C 3 4  ? -9.43312  -11.25044 1.06172   1.000 86.41737  ? 4   DG C "O5'" 1 
ATOM   491 C  "C5'" . DG C 3 4  ? -9.82350  -10.61940 -0.14496  1.000 88.54003  ? 4   DG C "C5'" 1 
ATOM   492 C  "C4'" . DG C 3 4  ? -9.66522  -11.57206 -1.30883  1.000 89.57758  ? 4   DG C "C4'" 1 
ATOM   493 O  "O4'" . DG C 3 4  ? -8.27109  -11.65588 -1.67579  1.000 86.95850  ? 4   DG C "O4'" 1 
ATOM   494 C  "C3'" . DG C 3 4  ? -10.07670 -12.99636 -1.00907  1.000 90.53338  ? 4   DG C "C3'" 1 
ATOM   495 O  "O3'" . DG C 3 4  ? -11.46807 -13.14050 -1.24056  1.000 99.24253  ? 4   DG C "O3'" 1 
ATOM   496 C  "C2'" . DG C 3 4  ? -9.24664  -13.79430 -2.01105  1.000 90.14269  ? 4   DG C "C2'" 1 
ATOM   497 C  "C1'" . DG C 3 4  ? -7.96249  -12.97122 -2.10400  1.000 87.21460  ? 4   DG C "C1'" 1 
ATOM   498 N  N9    . DG C 3 4  ? -6.86169  -13.47941 -1.28473  1.000 84.29089  ? 4   DG C N9    1 
ATOM   499 C  C8    . DG C 3 4  ? -6.50124  -13.05762 -0.02828  1.000 82.01563  ? 4   DG C C8    1 
ATOM   500 N  N7    . DG C 3 4  ? -5.46325  -13.68366 0.45337   1.000 80.17289  ? 4   DG C N7    1 
ATOM   501 C  C5    . DG C 3 4  ? -5.10947  -14.57653 -0.55084  1.000 81.30798  ? 4   DG C C5    1 
ATOM   502 C  C6    . DG C 3 4  ? -4.05922  -15.52545 -0.60036  1.000 80.78341  ? 4   DG C C6    1 
ATOM   503 O  O6    . DG C 3 4  ? -3.20392  -15.77028 0.25827   1.000 79.19676  ? 4   DG C O6    1 
ATOM   504 N  N1    . DG C 3 4  ? -4.05239  -16.22732 -1.80452  1.000 82.83992  ? 4   DG C N1    1 
ATOM   505 C  C2    . DG C 3 4  ? -4.94795  -16.03727 -2.82962  1.000 85.10090  ? 4   DG C C2    1 
ATOM   506 N  N2    . DG C 3 4  ? -4.78715  -16.80945 -3.91450  1.000 87.42085  ? 4   DG C N2    1 
ATOM   507 N  N3    . DG C 3 4  ? -5.93770  -15.15255 -2.79385  1.000 85.74571  ? 4   DG C N3    1 
ATOM   508 C  C4    . DG C 3 4  ? -5.95762  -14.46054 -1.62881  1.000 83.76088  ? 4   DG C C4    1 
ATOM   509 P  P     . DT C 3 5  ? -12.14807 -14.59558 -1.24220  1.000 96.15354  ? 5   DT C P     1 
ATOM   510 O  OP1   . DT C 3 5  ? -13.58880 -14.40903 -0.94941  1.000 100.01590 ? 5   DT C OP1   1 
ATOM   511 O  OP2   . DT C 3 5  ? -11.33897 -15.48579 -0.37629  1.000 93.77789  ? 5   DT C OP2   1 
ATOM   512 O  "O5'" . DT C 3 5  ? -11.98591 -15.08290 -2.75868  1.000 97.73940  ? 5   DT C "O5'" 1 
ATOM   513 C  "C5'" . DT C 3 5  ? -12.19620 -16.44267 -3.09204  1.000 100.06732 ? 5   DT C "C5'" 1 
ATOM   514 C  "C4'" . DT C 3 5  ? -11.06471 -16.96487 -3.95506  1.000 98.44741  ? 5   DT C "C4'" 1 
ATOM   515 O  "O4'" . DT C 3 5  ? -9.78806  -16.72219 -3.29619  1.000 94.47793  ? 5   DT C "O4'" 1 
ATOM   516 C  "C3'" . DT C 3 5  ? -11.11441 -18.46429 -4.22017  1.000 101.66261 ? 5   DT C "C3'" 1 
ATOM   517 O  "O3'" . DT C 3 5  ? -10.67151 -18.73641 -5.54233  1.000 104.08935 ? 5   DT C "O3'" 1 
ATOM   518 C  "C2'" . DT C 3 5  ? -10.14652 -19.01605 -3.18106  1.000 98.04783  ? 5   DT C "C2'" 1 
ATOM   519 C  "C1'" . DT C 3 5  ? -9.08037  -17.94071 -3.19821  1.000 94.02952  ? 5   DT C "C1'" 1 
ATOM   520 N  N1    . DT C 3 5  ? -8.22498  -17.91503 -1.97035  1.000 91.05747  ? 5   DT C N1    1 
ATOM   521 C  C2    . DT C 3 5  ? -7.16184  -18.78461 -1.87295  1.000 90.25972  ? 5   DT C C2    1 
ATOM   522 O  O2    . DT C 3 5  ? -6.87694  -19.59161 -2.73864  1.000 91.83817  ? 5   DT C O2    1 
ATOM   523 N  N3    . DT C 3 5  ? -6.43824  -18.67557 -0.71279  1.000 87.97152  ? 5   DT C N3    1 
ATOM   524 C  C4    . DT C 3 5  ? -6.66835  -17.80208 0.33500   1.000 86.34424  ? 5   DT C C4    1 
ATOM   525 O  O4    . DT C 3 5  ? -5.96444  -17.78044 1.33822   1.000 84.63462  ? 5   DT C O4    1 
ATOM   526 C  C5    . DT C 3 5  ? -7.79602  -16.91887 0.16538   1.000 87.28283  ? 5   DT C C5    1 
ATOM   527 C  C7    . DT C 3 5  ? -8.14302  -15.92743 1.23643   1.000 86.15257  ? 5   DT C C7    1 
ATOM   528 C  C6    . DT C 3 5  ? -8.51132  -17.01649 -0.96506  1.000 89.63191  ? 5   DT C C6    1 
ATOM   529 P  P     . DC D 4 1  ? 2.05473   7.21639   -20.58598 1.000 200.27559 ? 1   DC D P     1 
ATOM   530 O  OP1   . DC D 4 1  ? 1.75438   8.13835   -21.70554 1.000 209.91554 ? 1   DC D OP1   1 
ATOM   531 O  OP2   . DC D 4 1  ? 0.95165   6.52059   -19.88602 1.000 191.77864 ? 1   DC D OP2   1 
ATOM   532 O  "O5'" . DC D 4 1  ? 3.09505   6.10814   -21.08487 1.000 198.17741 ? 1   DC D "O5'" 1 
ATOM   533 C  "C5'" . DC D 4 1  ? 3.48178   6.06206   -22.45300 1.000 204.82310 ? 1   DC D "C5'" 1 
ATOM   534 C  "C4'" . DC D 4 1  ? 4.36528   4.85927   -22.72277 1.000 201.33702 ? 1   DC D "C4'" 1 
ATOM   535 O  "O4'" . DC D 4 1  ? 5.68138   5.08000   -22.14758 1.000 202.15841 ? 1   DC D "O4'" 1 
ATOM   536 C  "C3'" . DC D 4 1  ? 3.85659   3.54233   -22.13033 1.000 191.06917 ? 1   DC D "C3'" 1 
ATOM   537 O  "O3'" . DC D 4 1  ? 3.99515   2.49589   -23.08158 1.000 190.69591 ? 1   DC D "O3'" 1 
ATOM   538 C  "C2'" . DC D 4 1  ? 4.76762   3.32793   -20.92490 1.000 186.09641 ? 1   DC D "C2'" 1 
ATOM   539 C  "C1'" . DC D 4 1  ? 6.06442   3.93577   -21.42483 1.000 193.73113 ? 1   DC D "C1'" 1 
ATOM   540 N  N1    . DC D 4 1  ? 6.98934   4.34434   -20.33372 1.000 192.64196 ? 1   DC D N1    1 
ATOM   541 C  C2    . DC D 4 1  ? 8.20675   3.67476   -20.17509 1.000 190.98604 ? 1   DC D C2    1 
ATOM   542 O  O2    . DC D 4 1  ? 8.49477   2.75580   -20.95142 1.000 190.54333 ? 1   DC D O2    1 
ATOM   543 N  N3    . DC D 4 1  ? 9.03872   4.05426   -19.17525 1.000 190.22748 ? 1   DC D N3    1 
ATOM   544 C  C4    . DC D 4 1  ? 8.69077   5.05028   -18.35971 1.000 191.13650 ? 1   DC D C4    1 
ATOM   545 N  N4    . DC D 4 1  ? 9.54380   5.38837   -17.38795 1.000 190.65224 ? 1   DC D N4    1 
ATOM   546 C  C5    . DC D 4 1  ? 7.45264   5.74349   -18.50409 1.000 192.89538 ? 1   DC D C5    1 
ATOM   547 C  C6    . DC D 4 1  ? 6.64101   5.36149   -19.49504 1.000 193.54053 ? 1   DC D C6    1 
ATOM   548 P  P     . DT D 4 2  ? 3.53543   1.00017   -22.71291 1.000 181.18921 ? 2   DT D P     1 
ATOM   549 O  OP1   . DT D 4 2  ? 3.26716   0.29256   -23.98412 1.000 183.65843 ? 2   DT D OP1   1 
ATOM   550 O  OP2   . DT D 4 2  ? 2.47687   1.08502   -21.68087 1.000 175.04399 ? 2   DT D OP2   1 
ATOM   551 O  "O5'" . DT D 4 2  ? 4.82931   0.35790   -22.02529 1.000 177.30621 ? 2   DT D "O5'" 1 
ATOM   552 C  "C5'" . DT D 4 2  ? 6.08543   0.37236   -22.70278 1.000 182.84725 ? 2   DT D "C5'" 1 
ATOM   553 C  "C4'" . DT D 4 2  ? 6.98643   -0.73765  -22.18815 1.000 177.26375 ? 2   DT D "C4'" 1 
ATOM   554 O  "O4'" . DT D 4 2  ? 7.86613   -0.21995  -21.15324 1.000 176.45278 ? 2   DT D "O4'" 1 
ATOM   555 C  "C3'" . DT D 4 2  ? 6.25389   -1.91352  -21.55733 1.000 167.95840 ? 2   DT D "C3'" 1 
ATOM   556 O  "O3'" . DT D 4 2  ? 6.96222   -3.11350  -21.80866 1.000 165.60892 ? 2   DT D "O3'" 1 
ATOM   557 C  "C2'" . DT D 4 2  ? 6.27125   -1.55598  -20.07685 1.000 162.78083 ? 2   DT D "C2'" 1 
ATOM   558 C  "C1'" . DT D 4 2  ? 7.64162   -0.91165  -19.93986 1.000 167.54045 ? 2   DT D "C1'" 1 
ATOM   559 N  N1    . DT D 4 2  ? 7.72579   0.07163   -18.82233 1.000 167.14836 ? 2   DT D N1    1 
ATOM   560 C  C2    . DT D 4 2  ? 8.84667   0.09578   -18.02046 1.000 166.11076 ? 2   DT D C2    1 
ATOM   561 O  O2    . DT D 4 2  ? 9.79294   -0.65658  -18.16893 1.000 165.38704 ? 2   DT D O2    1 
ATOM   562 N  N3    . DT D 4 2  ? 8.81783   1.04550   -17.02881 1.000 166.27353 ? 2   DT D N3    1 
ATOM   563 C  C4    . DT D 4 2  ? 7.80265   1.94892   -16.76830 1.000 167.42034 ? 2   DT D C4    1 
ATOM   564 O  O4    . DT D 4 2  ? 7.86528   2.76496   -15.85495 1.000 167.85727 ? 2   DT D O4    1 
ATOM   565 C  C5    . DT D 4 2  ? 6.66168   1.86724   -17.64556 1.000 168.40615 ? 2   DT D C5    1 
ATOM   566 C  C7    . DT D 4 2  ? 5.49955   2.79595   -17.45601 1.000 169.94877 ? 2   DT D C7    1 
ATOM   567 C  C6    . DT D 4 2  ? 6.67772   0.94447   -18.61855 1.000 168.20426 ? 2   DT D C6    1 
ATOM   568 P  P     . DG D 4 3  ? 6.18780   -4.52051  -21.80563 1.000 178.31075 ? 3   DG D P     1 
ATOM   569 O  OP1   . DG D 4 3  ? 6.29720   -5.09021  -23.16781 1.000 182.57831 ? 3   DG D OP1   1 
ATOM   570 O  OP2   . DG D 4 3  ? 4.85367   -4.30032  -21.20218 1.000 172.76982 ? 3   DG D OP2   1 
ATOM   571 O  "O5'" . DG D 4 3  ? 7.03797   -5.42211  -20.79485 1.000 165.71585 ? 3   DG D "O5'" 1 
ATOM   572 C  "C5'" . DG D 4 3  ? 8.39815   -5.71154  -21.08022 1.000 167.82950 ? 3   DG D "C5'" 1 
ATOM   573 C  "C4'" . DG D 4 3  ? 9.18142   -5.95363  -19.80258 1.000 159.26667 ? 3   DG D "C4'" 1 
ATOM   574 O  "O4'" . DG D 4 3  ? 9.14209   -4.76186  -18.97128 1.000 161.02649 ? 3   DG D "O4'" 1 
ATOM   575 C  "C3'" . DG D 4 3  ? 8.66500   -7.09569  -18.92753 1.000 146.40837 ? 3   DG D "C3'" 1 
ATOM   576 O  "O3'" . DG D 4 3  ? 9.76562   -7.80056  -18.37008 1.000 143.37251 ? 3   DG D "O3'" 1 
ATOM   577 C  "C2'" . DG D 4 3  ? 7.86782   -6.36337  -17.85149 1.000 140.48190 ? 3   DG D "C2'" 1 
ATOM   578 C  "C1'" . DG D 4 3  ? 8.70018   -5.10567  -17.67638 1.000 149.98842 ? 3   DG D "C1'" 1 
ATOM   579 N  N9    . DG D 4 3  ? 7.95062   -3.97999  -17.12854 1.000 150.34999 ? 3   DG D N9    1 
ATOM   580 C  C8    . DG D 4 3  ? 6.72199   -3.52872  -17.53819 1.000 150.76991 ? 3   DG D C8    1 
ATOM   581 N  N7    . DG D 4 3  ? 6.29657   -2.49526  -16.86658 1.000 150.82700 ? 3   DG D N7    1 
ATOM   582 C  C5    . DG D 4 3  ? 7.30720   -2.24856  -15.94781 1.000 149.44155 ? 3   DG D C5    1 
ATOM   583 C  C6    . DG D 4 3  ? 7.40718   -1.25284  -14.94901 1.000 150.07675 ? 3   DG D C6    1 
ATOM   584 O  O6    . DG D 4 3  ? 6.59326   -0.36215  -14.67094 1.000 152.08508 ? 3   DG D O6    1 
ATOM   585 N  N1    . DG D 4 3  ? 8.59876   -1.35718  -14.23493 1.000 148.67971 ? 3   DG D N1    1 
ATOM   586 C  C2    . DG D 4 3  ? 9.56929   -2.30634  -14.45959 1.000 146.85700 ? 3   DG D C2    1 
ATOM   587 N  N2    . DG D 4 3  ? 10.65378  -2.25560  -13.67423 1.000 146.07887 ? 3   DG D N2    1 
ATOM   588 N  N3    . DG D 4 3  ? 9.48568   -3.24359  -15.39321 1.000 146.38085 ? 3   DG D N3    1 
ATOM   589 C  C4    . DG D 4 3  ? 8.33253   -3.15458  -16.09602 1.000 147.72712 ? 3   DG D C4    1 
ATOM   590 P  P     . DA D 4 4  ? 9.56109   -9.24779  -17.70097 1.000 156.35249 ? 4   DA D P     1 
ATOM   591 O  OP1   . DA D 4 4  ? 10.32819  -10.21971 -18.51141 1.000 152.57805 ? 4   DA D OP1   1 
ATOM   592 O  OP2   . DA D 4 4  ? 8.11424   -9.46630  -17.47224 1.000 146.51474 ? 4   DA D OP2   1 
ATOM   593 O  "O5'" . DA D 4 4  ? 10.26517  -9.10185  -16.27283 1.000 148.26091 ? 4   DA D "O5'" 1 
ATOM   594 C  "C5'" . DA D 4 4  ? 11.59249  -8.59022  -16.18051 1.000 154.66814 ? 4   DA D "C5'" 1 
ATOM   595 C  "C4'" . DA D 4 4  ? 11.93734  -8.22002  -14.74631 1.000 147.83633 ? 4   DA D "C4'" 1 
ATOM   596 O  "O4'" . DA D 4 4  ? 11.23279  -7.00987  -14.36805 1.000 151.28410 ? 4   DA D "O4'" 1 
ATOM   597 C  "C3'" . DA D 4 4  ? 11.56577  -9.26170  -13.69868 1.000 134.35716 ? 4   DA D "C3'" 1 
ATOM   598 O  "O3'" . DA D 4 4  ? 12.52426  -9.24971  -12.65308 1.000 132.99129 ? 4   DA D "O3'" 1 
ATOM   599 C  "C2'" . DA D 4 4  ? 10.20004  -8.78220  -13.21278 1.000 130.99668 ? 4   DA D "C2'" 1 
ATOM   600 C  "C1'" . DA D 4 4  ? 10.36656  -7.27099  -13.28006 1.000 139.83629 ? 4   DA D "C1'" 1 
ATOM   601 N  N9    . DA D 4 4  ? 9.11992   -6.55411  -13.51808 1.000 138.31069 ? 4   DA D N9    1 
ATOM   602 C  C8    . DA D 4 4  ? 8.17466   -6.83309  -14.46508 1.000 139.22787 ? 4   DA D C8    1 
ATOM   603 N  N7    . DA D 4 4  ? 7.15640   -6.00568  -14.45596 1.000 139.94466 ? 4   DA D N7    1 
ATOM   604 C  C5    . DA D 4 4  ? 7.45893   -5.12075  -13.43561 1.000 139.11162 ? 4   DA D C5    1 
ATOM   605 C  C6    . DA D 4 4  ? 6.78072   -4.00213  -12.91598 1.000 140.79377 ? 4   DA D C6    1 
ATOM   606 N  N6    . DA D 4 4  ? 5.60290   -3.57135  -13.38175 1.000 142.28314 ? 4   DA D N6    1 
ATOM   607 N  N1    . DA D 4 4  ? 7.36202   -3.34003  -11.89484 1.000 140.73572 ? 4   DA D N1    1 
ATOM   608 C  C2    . DA D 4 4  ? 8.53926   -3.77235  -11.43122 1.000 140.88370 ? 4   DA D C2    1 
ATOM   609 N  N3    . DA D 4 4  ? 9.26963   -4.80651  -11.83641 1.000 138.85852 ? 4   DA D N3    1 
ATOM   610 C  C4    . DA D 4 4  ? 8.66799   -5.44412  -12.85027 1.000 137.81187 ? 4   DA D C4    1 
ATOM   611 P  P     . DG D 4 5  ? 12.89532  -10.60995 -11.88329 1.000 138.81949 ? 5   DG D P     1 
ATOM   612 O  OP1   . DG D 4 5  ? 14.34047  -10.85982 -12.08941 1.000 141.93340 ? 5   DG D OP1   1 
ATOM   613 O  OP2   . DG D 4 5  ? 11.90375  -11.63708 -12.27880 1.000 130.36682 ? 5   DG D OP2   1 
ATOM   614 O  "O5'" . DG D 4 5  ? 12.63625  -10.25593 -10.34735 1.000 131.57410 ? 5   DG D "O5'" 1 
ATOM   615 C  "C5'" . DG D 4 5  ? 11.39837  -9.69082  -9.96082  1.000 127.15730 ? 5   DG D "C5'" 1 
ATOM   616 C  "C4'" . DG D 4 5  ? 11.60059  -8.63027  -8.89885  1.000 125.97107 ? 5   DG D "C4'" 1 
ATOM   617 O  "O4'" . DG D 4 5  ? 10.81691  -7.45966  -9.23550  1.000 130.07136 ? 5   DG D "O4'" 1 
ATOM   618 C  "C3'" . DG D 4 5  ? 11.14748  -9.03311  -7.50745  1.000 115.59938 ? 5   DG D "C3'" 1 
ATOM   619 O  "O3'" . DG D 4 5  ? 11.88998  -8.32587  -6.52584  1.000 118.02551 ? 5   DG D "O3'" 1 
ATOM   620 C  "C2'" . DG D 4 5  ? 9.68050   -8.61998  -7.50892  1.000 113.44858 ? 5   DG D "C2'" 1 
ATOM   621 C  "C1'" . DG D 4 5  ? 9.69683   -7.36023  -8.37525  1.000 123.08473 ? 5   DG D "C1'" 1 
ATOM   622 N  N9    . DG D 4 5  ? 8.49539   -7.20511  -9.19390  1.000 121.18841 ? 5   DG D N9    1 
ATOM   623 C  C8    . DG D 4 5  ? 8.08882   -8.00903  -10.23284 1.000 120.75278 ? 5   DG D C8    1 
ATOM   624 N  N7    . DG D 4 5  ? 6.96690   -7.62533  -10.77808 1.000 122.66226 ? 5   DG D N7    1 
ATOM   625 C  C5    . DG D 4 5  ? 6.60784   -6.49342  -10.05601 1.000 120.87816 ? 5   DG D C5    1 
ATOM   626 C  C6    . DG D 4 5  ? 5.48431   -5.64222  -10.18969 1.000 121.58112 ? 5   DG D C6    1 
ATOM   627 O  O6    . DG D 4 5  ? 4.55198   -5.72328  -11.00078 1.000 123.10191 ? 5   DG D O6    1 
ATOM   628 N  N1    . DG D 4 5  ? 5.50524   -4.60911  -9.25485  1.000 122.57344 ? 5   DG D N1    1 
ATOM   629 C  C2    . DG D 4 5  ? 6.48795   -4.42464  -8.31031  1.000 125.60014 ? 5   DG D C2    1 
ATOM   630 N  N2    . DG D 4 5  ? 6.34493   -3.37319  -7.49186  1.000 128.39601 ? 5   DG D N2    1 
ATOM   631 N  N3    . DG D 4 5  ? 7.54400   -5.21418  -8.17665  1.000 124.84049 ? 5   DG D N3    1 
ATOM   632 C  C4    . DG D 4 5  ? 7.53861   -6.22339  -9.07822  1.000 121.94244 ? 5   DG D C4    1 
ATOM   633 P  P     . DT D 4 6  ? 11.86259  -8.81254  -4.99436  1.000 116.61572 ? 6   DT D P     1 
ATOM   634 O  OP1   . DT D 4 6  ? 13.09936  -8.32435  -4.34282  1.000 118.05133 ? 6   DT D OP1   1 
ATOM   635 O  OP2   . DT D 4 6  ? 11.54769  -10.25913 -4.98853  1.000 108.14502 ? 6   DT D OP2   1 
ATOM   636 O  "O5'" . DT D 4 6  ? 10.60547  -8.04396  -4.37379  1.000 115.65954 ? 6   DT D "O5'" 1 
ATOM   637 C  "C5'" . DT D 4 6  ? 10.51583  -6.63256  -4.48781  1.000 121.22890 ? 6   DT D "C5'" 1 
ATOM   638 C  "C4'" . DT D 4 6  ? 9.27141   -6.11211  -3.79344  1.000 121.55918 ? 6   DT D "C4'" 1 
ATOM   639 O  "O4'" . DT D 4 6  ? 8.18724   -5.99070  -4.75004  1.000 120.24338 ? 6   DT D "O4'" 1 
ATOM   640 C  "C3'" . DT D 4 6  ? 8.74375   -6.98897  -2.65523  1.000 113.34382 ? 6   DT D "C3'" 1 
ATOM   641 O  "O3'" . DT D 4 6  ? 8.42200   -6.16996  -1.54281  1.000 113.02468 ? 6   DT D "O3'" 1 
ATOM   642 C  "C2'" . DT D 4 6  ? 7.49649   -7.63690  -3.26086  1.000 106.95627 ? 6   DT D "C2'" 1 
ATOM   643 C  "C1'" . DT D 4 6  ? 7.01755   -6.54400  -4.19776  1.000 111.34440 ? 6   DT D "C1'" 1 
ATOM   644 N  N1    . DT D 4 6  ? 6.16101   -7.03730  -5.31268  1.000 105.27920 ? 6   DT D N1    1 
ATOM   645 C  C2    . DT D 4 6  ? 5.00103   -6.36466  -5.61636  1.000 105.18418 ? 6   DT D C2    1 
ATOM   646 O  O2    . DT D 4 6  ? 4.62435   -5.37595  -5.01349  1.000 107.78983 ? 6   DT D O2    1 
ATOM   647 N  N3    . DT D 4 6  ? 4.29034   -6.89316  -6.65851  1.000 100.27007 ? 6   DT D N3    1 
ATOM   648 C  C4    . DT D 4 6  ? 4.61548   -8.00255  -7.41281  1.000 98.77177  ? 6   DT D C4    1 
ATOM   649 O  O4    . DT D 4 6  ? 3.90858   -8.39959  -8.33183  1.000 99.29314  ? 6   DT D O4    1 
ATOM   650 C  C5    . DT D 4 6  ? 5.84483   -8.66074  -7.04367  1.000 99.02368  ? 6   DT D C5    1 
ATOM   651 C  C7    . DT D 4 6  ? 6.30128   -9.87674  -7.79147  1.000 97.66694  ? 6   DT D C7    1 
ATOM   652 C  C6    . DT D 4 6  ? 6.55048   -8.15207  -6.02351  1.000 102.01054 ? 6   DT D C6    1 
ATOM   653 P  P     . DG D 4 7  ? 8.06278   -6.81770  -0.11651  1.000 106.97201 ? 7   DG D P     1 
ATOM   654 O  OP1   . DG D 4 7  ? 9.01488   -6.26472  0.87176   1.000 108.19208 ? 7   DG D OP1   1 
ATOM   655 O  OP2   . DG D 4 7  ? 7.94442   -8.28573  -0.26383  1.000 101.99743 ? 7   DG D OP2   1 
ATOM   656 O  "O5'" . DG D 4 7  ? 6.61215   -6.22875  0.19335   1.000 103.14724 ? 7   DG D "O5'" 1 
ATOM   657 C  "C5'" . DG D 4 7  ? 6.35573   -4.84987  -0.02706  1.000 109.25256 ? 7   DG D "C5'" 1 
ATOM   658 C  "C4'" . DG D 4 7  ? 4.86617   -4.58098  -0.12680  1.000 104.49637 ? 7   DG D "C4'" 1 
ATOM   659 O  "O4'" . DG D 4 7  ? 4.34987   -5.10380  -1.37863  1.000 100.98049 ? 7   DG D "O4'" 1 
ATOM   660 C  "C3'" . DG D 4 7  ? 4.01504   -5.21734  0.96641   1.000 94.25413  ? 7   DG D "C3'" 1 
ATOM   661 O  "O3'" . DG D 4 7  ? 2.95255   -4.34354  1.28492   1.000 91.88207  ? 7   DG D "O3'" 1 
ATOM   662 C  "C2'" . DG D 4 7  ? 3.50321   -6.48801  0.29046   1.000 86.81593  ? 7   DG D "C2'" 1 
ATOM   663 C  "C1'" . DG D 4 7  ? 3.26070   -5.96227  -1.11004  1.000 90.71975  ? 7   DG D "C1'" 1 
ATOM   664 N  N9    . DG D 4 7  ? 3.21535   -6.98120  -2.15439  1.000 87.25876  ? 7   DG D N9    1 
ATOM   665 C  C8    . DG D 4 7  ? 4.13520   -7.97304  -2.39729  1.000 88.21951  ? 7   DG D C8    1 
ATOM   666 N  N7    . DG D 4 7  ? 3.83332   -8.71805  -3.42621  1.000 83.94387  ? 7   DG D N7    1 
ATOM   667 C  C5    . DG D 4 7  ? 2.64429   -8.17601  -3.90034  1.000 81.72874  ? 7   DG D C5    1 
ATOM   668 C  C6    . DG D 4 7  ? 1.83717   -8.55847  -4.99835  1.000 82.07732  ? 7   DG D C6    1 
ATOM   669 O  O6    . DG D 4 7  ? 2.01815   -9.48539  -5.79888  1.000 81.45497  ? 7   DG D O6    1 
ATOM   670 N  N1    . DG D 4 7  ? 0.71660   -7.73812  -5.12584  1.000 83.64498  ? 7   DG D N1    1 
ATOM   671 C  C2    . DG D 4 7  ? 0.41730   -6.68296  -4.29707  1.000 84.84635  ? 7   DG D C2    1 
ATOM   672 N  N2    . DG D 4 7  ? -0.70453  -6.00382  -4.56673  1.000 86.58375  ? 7   DG D N2    1 
ATOM   673 N  N3    . DG D 4 7  ? 1.16409   -6.31756  -3.26831  1.000 84.65795  ? 7   DG D N3    1 
ATOM   674 C  C4    . DG D 4 7  ? 2.25695   -7.10483  -3.13050  1.000 83.01461  ? 7   DG D C4    1 
ATOM   675 P  P     . DT D 4 8  ? 2.31408   -4.35147  2.75462   1.000 94.38770  ? 8   DT D P     1 
ATOM   676 O  OP1   . DT D 4 8  ? 2.36050   -2.96231  3.26755   1.000 100.28275 ? 8   DT D OP1   1 
ATOM   677 O  OP2   . DT D 4 8  ? 2.95590   -5.45165  3.51015   1.000 91.74103  ? 8   DT D OP2   1 
ATOM   678 O  "O5'" . DT D 4 8  ? 0.78976   -4.75263  2.50168   1.000 83.01244  ? 8   DT D "O5'" 1 
ATOM   679 C  "C5'" . DT D 4 8  ? -0.05957  -3.87311  1.78822   1.000 85.99088  ? 8   DT D "C5'" 1 
ATOM   680 C  "C4'" . DT D 4 8  ? -1.36116  -4.56231  1.43285   1.000 80.83241  ? 8   DT D "C4'" 1 
ATOM   681 O  "O4'" . DT D 4 8  ? -1.14814  -5.44102  0.30208   1.000 79.71161  ? 8   DT D "O4'" 1 
ATOM   682 C  "C3'" . DT D 4 8  ? -1.95621  -5.42315  2.55092   1.000 75.08755  ? 8   DT D "C3'" 1 
ATOM   683 O  "O3'" . DT D 4 8  ? -3.32370  -5.07058  2.76758   1.000 74.77556  ? 8   DT D "O3'" 1 
ATOM   684 C  "C2'" . DT D 4 8  ? -1.80466  -6.85953  2.03406   1.000 70.80536  ? 8   DT D "C2'" 1 
ATOM   685 C  "C1'" . DT D 4 8  ? -1.80630  -6.66170  0.52502   1.000 74.12189  ? 8   DT D "C1'" 1 
ATOM   686 N  N1    . DT D 4 8  ? -1.07460  -7.73382  -0.23040  1.000 72.57853  ? 8   DT D N1    1 
ATOM   687 C  C2    . DT D 4 8  ? -1.55418  -8.14517  -1.45393  1.000 73.12215  ? 8   DT D C2    1 
ATOM   688 O  O2    . DT D 4 8  ? -2.55738  -7.68581  -1.96760  1.000 74.71217  ? 8   DT D O2    1 
ATOM   689 N  N3    . DT D 4 8  ? -0.81055  -9.12238  -2.06164  1.000 72.04111  ? 8   DT D N3    1 
ATOM   690 C  C4    . DT D 4 8  ? 0.33985   -9.71642  -1.58162  1.000 70.48884  ? 8   DT D C4    1 
ATOM   691 O  O4    . DT D 4 8  ? 0.93890   -10.58879 -2.20251  1.000 69.92042  ? 8   DT D O4    1 
ATOM   692 C  C5    . DT D 4 8  ? 0.78764   -9.23913  -0.29757  1.000 70.75975  ? 8   DT D C5    1 
ATOM   693 C  C7    . DT D 4 8  ? 2.02475   -9.81171  0.32429   1.000 73.82855  ? 8   DT D C7    1 
ATOM   694 C  C6    . DT D 4 8  ? 0.06884   -8.28135  0.30941   1.000 71.00888  ? 8   DT D C6    1 
ATOM   695 P  P     . DG D 4 9  ? -3.69696  -3.62250  3.36491   1.000 80.49846  ? 9   DG D P     1 
ATOM   696 O  OP1   . DG D 4 9  ? -4.40391  -2.86750  2.30576   1.000 90.45943  ? 9   DG D OP1   1 
ATOM   697 O  OP2   . DG D 4 9  ? -2.47780  -3.05729  3.98507   1.000 88.90415  ? 9   DG D OP2   1 
ATOM   698 O  "O5'" . DG D 4 9  ? -4.73374  -3.93312  4.54671   1.000 77.94743  ? 9   DG D "O5'" 1 
ATOM   699 C  "C5'" . DG D 4 9  ? -4.66797  -5.16830  5.24950   1.000 71.79496  ? 9   DG D "C5'" 1 
ATOM   700 C  "C4'" . DG D 4 9  ? -4.86290  -4.96725  6.74534   1.000 72.22045  ? 9   DG D "C4'" 1 
ATOM   701 O  "O4'" . DG D 4 9  ? -3.61261  -5.21168  7.42606   1.000 70.21985  ? 9   DG D "O4'" 1 
ATOM   702 C  "C3'" . DG D 4 9  ? -5.27234  -3.56811  7.16793   1.000 79.05311  ? 9   DG D "C3'" 1 
ATOM   703 O  "O3'" . DG D 4 9  ? -6.68334  -3.44505  7.13146   1.000 83.57244  ? 9   DG D "O3'" 1 
ATOM   704 C  "C2'" . DG D 4 9  ? -4.75179  -3.49414  8.59919   1.000 76.64177  ? 9   DG D "C2'" 1 
ATOM   705 C  "C1'" . DG D 4 9  ? -3.48156  -4.34106  8.53243   1.000 72.79226  ? 9   DG D "C1'" 1 
ATOM   706 N  N9    . DG D 4 9  ? -2.26095  -3.55850  8.36566   1.000 74.24308  ? 9   DG D N9    1 
ATOM   707 C  C8    . DG D 4 9  ? -1.46563  -3.48803  7.24648   1.000 77.83080  ? 9   DG D C8    1 
ATOM   708 N  N7    . DG D 4 9  ? -0.43327  -2.70423  7.39107   1.000 85.97073  ? 9   DG D N7    1 
ATOM   709 C  C5    . DG D 4 9  ? -0.55067  -2.22719  8.68960   1.000 86.15795  ? 9   DG D C5    1 
ATOM   710 C  C6    . DG D 4 9  ? 0.27815   -1.33855  9.41011   1.000 95.20762  ? 9   DG D C6    1 
ATOM   711 O  O6    . DG D 4 9  ? 1.31564   -0.77814  9.03198   1.000 104.38043 ? 9   DG D O6    1 
ATOM   712 N  N1    . DG D 4 9  ? -0.20298  -1.11847  10.70064  1.000 92.79508  ? 9   DG D N1    1 
ATOM   713 C  C2    . DG D 4 9  ? -1.34082  -1.68726  11.22522  1.000 83.81823  ? 9   DG D C2    1 
ATOM   714 N  N2    . DG D 4 9  ? -1.65089  -1.35989  12.48894  1.000 86.95291  ? 9   DG D N2    1 
ATOM   715 N  N3    . DG D 4 9  ? -2.12482  -2.52185  10.55767  1.000 78.67357  ? 9   DG D N3    1 
ATOM   716 C  C4    . DG D 4 9  ? -1.66948  -2.74507  9.30094   1.000 77.58572  ? 9   DG D C4    1 
ATOM   717 P  P     . DG D 4 10 ? -7.35539  -2.01874  6.82320   1.000 83.90758  ? 10  DG D P     1 
ATOM   718 O  OP1   . DG D 4 10 ? -8.81628  -2.22179  6.68428   1.000 83.88513  ? 10  DG D OP1   1 
ATOM   719 O  OP2   . DG D 4 10 ? -6.58710  -1.40564  5.71457   1.000 81.66362  ? 10  DG D OP2   1 
ATOM   720 O  "O5'" . DG D 4 10 ? -7.07452  -1.16300  8.14687   1.000 85.00274  ? 10  DG D "O5'" 1 
ATOM   721 C  "C5'" . DG D 4 10 ? -7.73260  -1.48967  9.36624   1.000 84.48081  ? 10  DG D "C5'" 1 
ATOM   722 C  "C4'" . DG D 4 10 ? -7.05250  -0.80267  10.53500  1.000 87.72205  ? 10  DG D "C4'" 1 
ATOM   723 O  "O4'" . DG D 4 10 ? -5.63709  -1.04938  10.45752  1.000 80.92864  ? 10  DG D "O4'" 1 
ATOM   724 C  "C3'" . DG D 4 10 ? -7.19072  0.71082   10.55243  1.000 97.46741  ? 10  DG D "C3'" 1 
ATOM   725 O  "O3'" . DG D 4 10 ? -8.34491  1.07969   11.29566  1.000 104.62257 ? 10  DG D "O3'" 1 
ATOM   726 C  "C2'" . DG D 4 10 ? -5.91358  1.17753   11.25312  1.000 94.30230  ? 10  DG D "C2'" 1 
ATOM   727 C  "C1'" . DG D 4 10 ? -4.92519  0.04139   10.99996  1.000 85.88024  ? 10  DG D "C1'" 1 
ATOM   728 N  N9    . DG D 4 10 ? -3.83983  0.38785   10.08932  1.000 86.89644  ? 10  DG D N9    1 
ATOM   729 C  C8    . DG D 4 10 ? -3.64531  -0.08251  8.81172   1.000 84.08179  ? 10  DG D C8    1 
ATOM   730 N  N7    . DG D 4 10 ? -2.57256  0.39318   8.24207   1.000 89.30476  ? 10  DG D N7    1 
ATOM   731 C  C5    . DG D 4 10 ? -2.01931  1.22929   9.20582   1.000 95.42376  ? 10  DG D C5    1 
ATOM   732 C  C6    . DG D 4 10 ? -0.84773  2.02133   9.16269   1.000 106.47853 ? 10  DG D C6    1 
ATOM   733 O  O6    . DG D 4 10 ? -0.03826  2.14619   8.23350   1.000 111.82018 ? 10  DG D O6    1 
ATOM   734 N  N1    . DG D 4 10 ? -0.65327  2.71714   10.35397  1.000 110.85739 ? 10  DG D N1    1 
ATOM   735 C  C2    . DG D 4 10 ? -1.48469  2.65198   11.44771  1.000 107.09887 ? 10  DG D C2    1 
ATOM   736 N  N2    . DG D 4 10 ? -1.13927  3.39223   12.50805  1.000 112.42511 ? 10  DG D N2    1 
ATOM   737 N  N3    . DG D 4 10 ? -2.58405  1.91505   11.49907  1.000 98.10533  ? 10  DG D N3    1 
ATOM   738 C  C4    . DG D 4 10 ? -2.78782  1.23280   10.34720  1.000 93.32645  ? 10  DG D C4    1 
ATOM   739 P  P     . DT D 4 11 ? -8.92229  2.57577   11.20227  1.000 106.94786 ? 11  DT D P     1 
ATOM   740 O  OP1   . DT D 4 11 ? -10.22217 2.59531   11.91013  1.000 105.07222 ? 11  DT D OP1   1 
ATOM   741 O  OP2   . DT D 4 11 ? -8.84304  2.99150   9.78398   1.000 105.58096 ? 11  DT D OP2   1 
ATOM   742 O  "O5'" . DT D 4 11 ? -7.87171  3.45842   12.02940  1.000 103.02719 ? 11  DT D "O5'" 1 
ATOM   743 C  "C5'" . DT D 4 11 ? -7.74922  3.29253   13.43954  1.000 102.54274 ? 11  DT D "C5'" 1 
ATOM   744 C  "C4'" . DT D 4 11 ? -6.83202  4.34911   14.03482  1.000 108.50502 ? 11  DT D "C4'" 1 
ATOM   745 O  "O4'" . DT D 4 11 ? -5.53269  4.29061   13.38774  1.000 106.08242 ? 11  DT D "O4'" 1 
ATOM   746 C  "C3'" . DT D 4 11 ? -7.30923  5.79075   13.87620  1.000 120.75844 ? 11  DT D "C3'" 1 
ATOM   747 O  "O3'" . DT D 4 11 ? -6.93654  6.54548   15.02447  1.000 127.42195 ? 11  DT D "O3'" 1 
ATOM   748 C  "C2'" . DT D 4 11 ? -6.55598  6.25464   12.63286  1.000 121.96833 ? 11  DT D "C2'" 1 
ATOM   749 C  "C1'" . DT D 4 11 ? -5.22423  5.54762   12.81839  1.000 115.45255 ? 11  DT D "C1'" 1 
ATOM   750 N  N1    . DT D 4 11 ? -4.49436  5.31355   11.54634  1.000 114.48875 ? 11  DT D N1    1 
ATOM   751 C  C2    . DT D 4 11 ? -3.25778  5.89044   11.35649  1.000 120.87211 ? 11  DT D C2    1 
ATOM   752 O  O2    . DT D 4 11 ? -2.71874  6.60432   12.18303  1.000 127.48102 ? 11  DT D O2    1 
ATOM   753 N  N3    . DT D 4 11 ? -2.67470  5.60448   10.14998  1.000 119.78477 ? 11  DT D N3    1 
ATOM   754 C  C4    . DT D 4 11 ? -3.19259  4.81319   9.14066   1.000 113.23429 ? 11  DT D C4    1 
ATOM   755 O  O4    . DT D 4 11 ? -2.59444  4.61270   8.09029   1.000 113.36286 ? 11  DT D O4    1 
ATOM   756 C  C5    . DT D 4 11 ? -4.48907  4.23894   9.40886   1.000 106.80132 ? 11  DT D C5    1 
ATOM   757 C  C7    . DT D 4 11 ? -5.15144  3.36284   8.38773   1.000 100.00045 ? 11  DT D C7    1 
ATOM   758 C  C6    . DT D 4 11 ? -5.06878  4.51392   10.58353  1.000 107.66000 ? 11  DT D C6    1 
ATOM   759 P  P     . DC D 4 12 ? -7.57596  7.99590   15.29329  1.000 130.50924 ? 12  DC D P     1 
ATOM   760 O  OP1   . DC D 4 12 ? -8.31807  7.91649   16.57066  1.000 131.44402 ? 12  DC D OP1   1 
ATOM   761 O  OP2   . DC D 4 12 ? -8.27869  8.43271   14.06625  1.000 131.04338 ? 12  DC D OP2   1 
ATOM   762 O  "O5'" . DC D 4 12 ? -6.29944  8.94063   15.49627  1.000 132.39509 ? 12  DC D "O5'" 1 
ATOM   763 C  "C5'" . DC D 4 12 ? -5.17273  8.79621   14.64158  1.000 131.72685 ? 12  DC D "C5'" 1 
ATOM   764 C  "C4'" . DC D 4 12 ? -4.19591  9.94241   14.81922  1.000 145.12884 ? 12  DC D "C4'" 1 
ATOM   765 O  "O4'" . DC D 4 12 ? -3.17172  9.85100   13.80254  1.000 146.35504 ? 12  DC D "O4'" 1 
ATOM   766 C  "C3'" . DC D 4 12 ? -4.78936  11.32332  14.63060  1.000 159.23448 ? 12  DC D "C3'" 1 
ATOM   767 O  "O3'" . DC D 4 12 ? -3.95769  12.29254  15.25973  1.000 170.08640 ? 12  DC D "O3'" 1 
ATOM   768 C  "C2'" . DC D 4 12 ? -4.76741  11.46555  13.11218  1.000 159.12670 ? 12  DC D "C2'" 1 
ATOM   769 C  "C1'" . DC D 4 12 ? -3.46901  10.74534  12.74149  1.000 152.92257 ? 12  DC D "C1'" 1 
ATOM   770 N  N1    . DC D 4 12 ? -3.56073  9.95602   11.47693  1.000 144.56583 ? 12  DC D N1    1 
ATOM   771 C  C2    . DC D 4 12 ? -2.50426  9.99370   10.56080  1.000 146.57126 ? 12  DC D C2    1 
ATOM   772 O  O2    . DC D 4 12 ? -1.51551  10.68943  10.81937  1.000 154.57890 ? 12  DC D O2    1 
ATOM   773 N  N3    . DC D 4 12 ? -2.59920  9.26701   9.41866   1.000 140.18040 ? 12  DC D N3    1 
ATOM   774 C  C4    . DC D 4 12 ? -3.68879  8.53107   9.18478   1.000 132.12195 ? 12  DC D C4    1 
ATOM   775 N  N4    . DC D 4 12 ? -3.74249  7.82997   8.04750   1.000 126.63154 ? 12  DC D N4    1 
ATOM   776 C  C5    . DC D 4 12 ? -4.77506  8.48246   10.10747  1.000 129.88731 ? 12  DC D C5    1 
ATOM   777 C  C6    . DC D 4 12 ? -4.66788  9.19946   11.22918  1.000 136.20641 ? 12  DC D C6    1 
ATOM   778 P  P     . DT D 4 13 ? -4.31126  13.85727  15.16008  1.000 164.67577 ? 13  DT D P     1 
ATOM   779 O  OP1   . DT D 4 13 ? -3.80054  14.50746  16.38634  1.000 172.67076 ? 13  DT D OP1   1 
ATOM   780 O  OP2   . DT D 4 13 ? -5.74222  13.98557  14.80479  1.000 164.33725 ? 13  DT D OP2   1 
ATOM   781 O  "O5'" . DT D 4 13 ? -3.44435  14.36638  13.91690  1.000 171.18823 ? 13  DT D "O5'" 1 
ATOM   782 C  "C5'" . DT D 4 13 ? -2.01956  14.30579  13.96421  1.000 172.15117 ? 13  DT D "C5'" 1 
ATOM   783 C  "C4'" . DT D 4 13 ? -1.40257  15.02585  12.77497  1.000 180.72038 ? 13  DT D "C4'" 1 
ATOM   784 O  "O4'" . DT D 4 13 ? -1.45761  14.17179  11.59835  1.000 171.55596 ? 13  DT D "O4'" 1 
ATOM   785 C  "C3'" . DT D 4 13 ? -2.10057  16.32340  12.36745  1.000 194.05534 ? 13  DT D "C3'" 1 
ATOM   786 O  "O3'" . DT D 4 13 ? -1.14827  17.22754  11.83058  1.000 205.82508 ? 13  DT D "O3'" 1 
ATOM   787 C  "C2'" . DT D 4 13 ? -3.04710  15.83746  11.28073  1.000 187.51042 ? 13  DT D "C2'" 1 
ATOM   788 C  "C1'" . DT D 4 13 ? -2.13484  14.85865  10.56628  1.000 178.20764 ? 13  DT D "C1'" 1 
ATOM   789 N  N1    . DT D 4 13 ? -2.84740  13.86851  9.71492   1.000 166.94685 ? 13  DT D N1    1 
ATOM   790 C  C2    . DT D 4 13 ? -2.24702  13.42932  8.55811   1.000 163.73063 ? 13  DT D C2    1 
ATOM   791 O  O2    . DT D 4 13 ? -1.15127  13.81265  8.18738   1.000 169.54906 ? 13  DT D O2    1 
ATOM   792 N  N3    . DT D 4 13 ? -2.97736  12.51669  7.84462   1.000 153.87675 ? 13  DT D N3    1 
ATOM   793 C  C4    . DT D 4 13 ? -4.22478  12.01132  8.16707   1.000 147.53880 ? 13  DT D C4    1 
ATOM   794 O  O4    . DT D 4 13 ? -4.80345  11.19219  7.46024   1.000 142.45014 ? 13  DT D O4    1 
ATOM   795 C  C5    . DT D 4 13 ? -4.79860  12.51504  9.39296   1.000 150.80395 ? 13  DT D C5    1 
ATOM   796 C  C7    . DT D 4 13 ? -6.14827  12.04071  9.84374   1.000 145.26705 ? 13  DT D C7    1 
ATOM   797 C  C6    . DT D 4 13 ? -4.09040  13.40967  10.09971  1.000 160.51379 ? 13  DT D C6    1 
ATOM   798 P  P     . DG D 4 14 ? -0.46947  18.34905  12.75765  1.000 198.53812 ? 14  DG D P     1 
ATOM   799 O  OP1   . DG D 4 14 ? 0.47778   17.66774  13.66871  1.000 192.25525 ? 14  DG D OP1   1 
ATOM   800 O  OP2   . DG D 4 14 ? -1.55453  19.18873  13.31344  1.000 206.65452 ? 14  DG D OP2   1 
ATOM   801 O  "O5'" . DG D 4 14 ? 0.36046   19.24247  11.72074  1.000 210.80620 ? 14  DG D "O5'" 1 
ATOM   802 C  "C5'" . DG D 4 14 ? 1.14853   18.61778  10.70569  1.000 205.45223 ? 14  DG D "C5'" 1 
ATOM   803 C  "C4'" . DG D 4 14 ? 0.69785   19.06569  9.32550   1.000 210.78378 ? 14  DG D "C4'" 1 
ATOM   804 O  "O4'" . DG D 4 14 ? -0.08450  18.02445  8.71777   1.000 197.71776 ? 14  DG D "O4'" 1 
ATOM   805 C  "C3'" . DG D 4 14 ? -0.19421  20.30019  9.32432   1.000 224.09126 ? 14  DG D "C3'" 1 
ATOM   806 O  "O3'" . DG D 4 14 ? 0.56684   21.51228  9.05530   1.000 240.40882 ? 14  DG D "O3'" 1 
ATOM   807 C  "C2'" . DG D 4 14 ? -1.25965  20.02330  8.24829   1.000 219.80360 ? 14  DG D "C2'" 1 
ATOM   808 C  "C1'" . DG D 4 14 ? -0.97231  18.59045  7.78544   1.000 203.65290 ? 14  DG D "C1'" 1 
ATOM   809 N  N9    . DG D 4 14 ? -2.16348  17.74843  7.73890   1.000 192.09920 ? 14  DG D N9    1 
ATOM   810 C  C8    . DG D 4 14 ? -3.19296  17.73550  8.64446   1.000 189.97256 ? 14  DG D C8    1 
ATOM   811 N  N7    . DG D 4 14 ? -4.12485  16.86941  8.36238   1.000 180.14472 ? 14  DG D N7    1 
ATOM   812 C  C5    . DG D 4 14 ? -3.68522  16.26535  7.19200   1.000 177.14763 ? 14  DG D C5    1 
ATOM   813 C  C6    . DG D 4 14 ? -4.28657  15.24854  6.41253   1.000 170.28053 ? 14  DG D C6    1 
ATOM   814 O  O6    . DG D 4 14 ? -5.35828  14.66237  6.61446   1.000 165.25854 ? 14  DG D O6    1 
ATOM   815 N  N1    . DG D 4 14 ? -3.51208  14.92421  5.30140   1.000 169.86049 ? 14  DG D N1    1 
ATOM   816 C  C2    . DG D 4 14 ? -2.30942  15.51189  4.98224   1.000 175.37579 ? 14  DG D C2    1 
ATOM   817 N  N2    . DG D 4 14 ? -1.70472  15.06926  3.87136   1.000 174.30229 ? 14  DG D N2    1 
ATOM   818 N  N3    . DG D 4 14 ? -1.73548  16.46812  5.70597   1.000 181.82788 ? 14  DG D N3    1 
ATOM   819 C  C4    . DG D 4 14 ? -2.47766  16.79367  6.79305   1.000 182.32918 ? 14  DG D C4    1 
ATOM   820 P  P     . DC D 4 15 ? 1.80009   21.55859  8.01395   1.000 221.63087 ? 15  DC D P     1 
ATOM   821 O  OP1   . DC D 4 15 ? 2.96982   20.82383  8.54763   1.000 217.16418 ? 15  DC D OP1   1 
ATOM   822 O  OP2   . DC D 4 15 ? 1.97565   22.98726  7.67604   1.000 234.69001 ? 15  DC D OP2   1 
ATOM   823 O  "O5'" . DC D 4 15 ? 1.24635   20.85830  6.68750   1.000 216.58205 ? 15  DC D "O5'" 1 
ATOM   824 C  "C5'" . DC D 4 15 ? 0.55735   21.63884  5.71474   1.000 222.66242 ? 15  DC D "C5'" 1 
ATOM   825 C  "C4'" . DC D 4 15 ? 0.72901   21.05281  4.32650   1.000 219.87099 ? 15  DC D "C4'" 1 
ATOM   826 O  "O4'" . DC D 4 15 ? -0.06923  19.84872  4.20699   1.000 209.89211 ? 15  DC D "O4'" 1 
ATOM   827 C  "C3'" . DC D 4 15 ? 0.26853   21.95606  3.19612   1.000 227.69677 ? 15  DC D "C3'" 1 
ATOM   828 O  "O3'" . DC D 4 15 ? 1.00900   21.67774  2.01789   1.000 228.11834 ? 15  DC D "O3'" 1 
ATOM   829 C  "C2'" . DC D 4 15 ? -1.20038  21.57509  3.04413   1.000 223.19410 ? 15  DC D "C2'" 1 
ATOM   830 C  "C1'" . DC D 4 15 ? -1.18366  20.08099  3.36257   1.000 211.39271 ? 15  DC D "C1'" 1 
ATOM   831 N  N1    . DC D 4 15 ? -2.40981  19.61590  4.07249   1.000 205.70734 ? 15  DC D N1    1 
ATOM   832 C  C2    . DC D 4 15 ? -3.13283  18.52611  3.57507   1.000 197.56096 ? 15  DC D C2    1 
ATOM   833 O  O2    . DC D 4 15 ? -2.74458  17.96125  2.54815   1.000 195.21457 ? 15  DC D O2    1 
ATOM   834 N  N3    . DC D 4 15 ? -4.24516  18.11902  4.23713   1.000 192.77207 ? 15  DC D N3    1 
ATOM   835 C  C4    . DC D 4 15 ? -4.63488  18.75758  5.34270   1.000 195.87617 ? 15  DC D C4    1 
ATOM   836 N  N4    . DC D 4 15 ? -5.73576  18.32176  5.96492   1.000 191.20875 ? 15  DC D N4    1 
ATOM   837 C  C5    . DC D 4 15 ? -3.90969  19.86802  5.86362   1.000 204.22588 ? 15  DC D C5    1 
ATOM   838 C  C6    . DC D 4 15 ? -2.81715  20.26033  5.20158   1.000 208.86929 ? 15  DC D C6    1 
ATOM   839 P  P     . DT D 4 16 ? 0.88955   22.65018  0.74454   1.000 237.53599 ? 16  DT D P     1 
ATOM   840 O  OP1   . DT D 4 16 ? 2.16222   22.56901  -0.00590  1.000 239.89229 ? 16  DT D OP1   1 
ATOM   841 O  OP2   . DT D 4 16 ? 0.40383   23.96343  1.22360   1.000 246.63429 ? 16  DT D OP2   1 
ATOM   842 O  "O5'" . DT D 4 16 ? -0.27365  21.98620  -0.12948  1.000 232.31617 ? 16  DT D "O5'" 1 
ATOM   843 C  "C5'" . DT D 4 16 ? -0.16585  20.62657  -0.53706  1.000 222.72210 ? 16  DT D "C5'" 1 
ATOM   844 C  "C4'" . DT D 4 16 ? -1.40542  20.18933  -1.29676  1.000 219.33187 ? 16  DT D "C4'" 1 
ATOM   845 O  "O4'" . DT D 4 16 ? -2.44116  19.79688  -0.36110  1.000 213.55614 ? 16  DT D "O4'" 1 
ATOM   846 C  "C3'" . DT D 4 16 ? -2.02339  21.26206  -2.20100  1.000 228.50448 ? 16  DT D "C3'" 1 
ATOM   847 O  "O3'" . DT D 4 16 ? -2.23064  20.73628  -3.50307  1.000 226.94609 ? 16  DT D "O3'" 1 
ATOM   848 C  "C2'" . DT D 4 16 ? -3.34859  21.60203  -1.51287  1.000 228.38923 ? 16  DT D "C2'" 1 
ATOM   849 C  "C1'" . DT D 4 16 ? -3.67511  20.29571  -0.80991  1.000 216.83117 ? 16  DT D "C1'" 1 
ATOM   850 N  N1    . DT D 4 16 ? -4.57859  20.45744  0.36577   1.000 215.19471 ? 16  DT D N1    1 
ATOM   851 C  C2    . DT D 4 16 ? -5.64175  19.60040  0.51599   1.000 207.63088 ? 16  DT D C2    1 
ATOM   852 O  O2    . DT D 4 16 ? -5.89145  18.70227  -0.26723  1.000 202.12779 ? 16  DT D O2    1 
ATOM   853 N  N3    . DT D 4 16 ? -6.41007  19.83086  1.62541   1.000 207.04609 ? 16  DT D N3    1 
ATOM   854 C  C4    . DT D 4 16 ? -6.22625  20.81391  2.58109   1.000 213.25312 ? 16  DT D C4    1 
ATOM   855 O  O4    . DT D 4 16 ? -6.97499  20.94012  3.54489   1.000 212.45146 ? 16  DT D O4    1 
ATOM   856 C  C5    . DT D 4 16 ? -5.09315  21.68057  2.36312   1.000 221.10041 ? 16  DT D C5    1 
ATOM   857 C  C7    . DT D 4 16 ? -4.79213  22.78531  3.33283   1.000 228.73280 ? 16  DT D C7    1 
ATOM   858 C  C6    . DT D 4 16 ? -4.33239  21.46366  1.27816   1.000 221.65431 ? 16  DT D C6    1 
HETATM 859 MG MG    . MG E 5 .  ? 2.28784   -16.53413 0.89385   1.000 56.43372  ? 101 MG B MG    1 
HETATM 860 MG MG    . MG F 5 .  ? 0.15105   0.34557   5.14933   1.000 70.05636  ? 101 MG D MG    1 
# 
loop_
_atom_site_anisotrop.id 
_atom_site_anisotrop.type_symbol 
_atom_site_anisotrop.pdbx_label_atom_id 
_atom_site_anisotrop.pdbx_label_alt_id 
_atom_site_anisotrop.pdbx_label_comp_id 
_atom_site_anisotrop.pdbx_label_asym_id 
_atom_site_anisotrop.pdbx_label_seq_id 
_atom_site_anisotrop.pdbx_PDB_ins_code 
_atom_site_anisotrop.U[1][1] 
_atom_site_anisotrop.U[2][2] 
_atom_site_anisotrop.U[3][3] 
_atom_site_anisotrop.U[1][2] 
_atom_site_anisotrop.U[1][3] 
_atom_site_anisotrop.U[2][3] 
_atom_site_anisotrop.pdbx_auth_seq_id 
_atom_site_anisotrop.pdbx_auth_comp_id 
_atom_site_anisotrop.pdbx_auth_asym_id 
_atom_site_anisotrop.pdbx_auth_atom_id 
1   O "O5'" . DG A 1  ? 3.00871 1.67722 3.65435 1.03852  -0.45994 0.42905  1  DG A "O5'" 
2   C "C5'" . DG A 1  ? 3.08211 1.67843 3.72777 1.03794  -0.45890 0.44032  1  DG A "C5'" 
3   C "C4'" . DG A 1  ? 3.10493 1.72093 3.73833 1.03190  -0.49366 0.50255  1  DG A "C4'" 
4   O "O4'" . DG A 1  ? 3.18835 1.72895 3.82870 1.03541  -0.49152 0.51596  1  DG A "O4'" 
5   C "C3'" . DG A 1  ? 3.01459 1.68198 3.59383 0.98440  -0.51858 0.50840  1  DG A "C3'" 
6   O "O3'" . DG A 1  ? 2.95524 1.70485 3.52858 0.98293  -0.53693 0.52289  1  DG A "O3'" 
7   C "C2'" . DG A 1  ? 3.07286 1.71851 3.64282 0.97903  -0.54278 0.55952  1  DG A "C2'" 
8   C "C1'" . DG A 1  ? 3.18320 1.74491 3.79569 1.01267  -0.52310 0.56133  1  DG A "C1'" 
9   N N9    . DG A 1  ? 3.21214 1.70784 3.80689 0.99074  -0.51655 0.55170  1  DG A N9    
10  C C8    . DG A 1  ? 3.25526 1.67427 3.86405 0.99500  -0.48742 0.51000  1  DG A C8    
11  N N7    . DG A 1  ? 3.27658 1.64956 3.86552 0.97113  -0.48992 0.51224  1  DG A N7    
12  C C5    . DG A 1  ? 3.24519 1.66781 3.80419 0.95046  -0.52181 0.55886  1  DG A C5    
13  C C6    . DG A 1  ? 3.25064 1.65805 3.77865 0.92104  -0.53793 0.58281  1  DG A C6    
14  O O6    . DG A 1  ? 3.28323 1.62844 3.80569 0.90677  -0.52711 0.56784  1  DG A O6    
15  N N1    . DG A 1  ? 3.21600 1.69071 3.71635 0.90755  -0.56954 0.62821  1  DG A N1    
16  C C2    . DG A 1  ? 3.18175 1.72853 3.68477 0.91975  -0.58499 0.64724  1  DG A C2    
17  N N2    . DG A 1  ? 3.15652 1.76144 3.62598 0.90221  -0.61485 0.68914  1  DG A N2    
18  N N3    . DG A 1  ? 3.17523 1.73724 3.71017 0.94698  -0.57153 0.62626  1  DG A N3    
19  C C4    . DG A 1  ? 3.20736 1.70509 3.76885 0.96156  -0.53937 0.58260  1  DG A C4    
20  P P     . DA A 2  ? 2.84134 1.64999 3.35706 0.93442  -0.55400 0.50392  2  DA A P     
21  O OP1   . DA A 2  ? 2.80278 1.68819 3.32541 0.94288  -0.56923 0.52015  2  DA A OP1   
22  O OP2   . DA A 2  ? 2.79154 1.56685 3.28459 0.91020  -0.53007 0.44110  2  DA A OP2   
23  O "O5'" . DA A 2  ? 2.85218 1.66183 3.32820 0.90748  -0.58276 0.54478  2  DA A "O5'" 
24  C "C5'" . DA A 2  ? 2.89394 1.74139 3.37544 0.92045  -0.61114 0.60562  2  DA A "C5'" 
25  C "C4'" . DA A 2  ? 2.87552 1.73872 3.30287 0.88387  -0.63585 0.63213  2  DA A "C4'" 
26  O "O4'" . DA A 2  ? 2.92720 1.71976 3.35336 0.87915  -0.62674 0.63421  2  DA A "O4'" 
27  C "C3'" . DA A 2  ? 2.77328 1.67387 3.14002 0.83794  -0.64233 0.59936  2  DA A "C3'" 
28  O "O3'" . DA A 2  ? 2.76293 1.70851 3.08490 0.81485  -0.67066 0.63832  2  DA A "O3'" 
29  C "C2'" . DA A 2  ? 2.76361 1.59897 3.11410 0.81829  -0.62230 0.55803  2  DA A "C2'" 
30  C "C1'" . DA A 2  ? 2.86136 1.64099 3.23949 0.83813  -0.62096 0.59568  2  DA A "C1'" 
31  N N9    . DA A 2  ? 2.89733 1.59911 3.29831 0.84532  -0.59321 0.56107  2  DA A N9    
32  C C8    . DA A 2  ? 2.91414 1.58324 3.35566 0.87054  -0.56516 0.52345  2  DA A C8    
33  N N7    . DA A 2  ? 2.95396 1.55144 3.40551 0.87074  -0.54338 0.49691  2  DA A N7    
34  C C5    . DA A 2  ? 2.96243 1.54470 3.38073 0.84425  -0.55919 0.52050  2  DA A C5    
35  C C6    . DA A 2  ? 3.00046 1.51729 3.41149 0.83053  -0.54975 0.51102  2  DA A C6    
36  N N6    . DA A 2  ? 3.04089 1.49139 3.47752 0.84134  -0.52148 0.47161  2  DA A N6    
37  N N1    . DA A 2  ? 2.99873 1.52155 3.37393 0.80473  -0.57008 0.54322  2  DA A N1    
38  C C2    . DA A 2  ? 2.96354 1.55299 3.30932 0.79331  -0.59722 0.58046  2  DA A C2    
39  N N3    . DA A 2  ? 2.92765 1.58167 3.27473 0.80318  -0.60852 0.59144  2  DA A N3    
40  C C4    . DA A 2  ? 2.92827 1.57468 3.31446 0.82900  -0.58903 0.56052  2  DA A C4    
41  P P     . DG A 3  ? 2.66725 1.65902 2.91718 0.76699  -0.68288 0.61434  3  DG A P     
42  O OP1   . DG A 3  ? 2.67514 1.72919 2.89814 0.75886  -0.71278 0.66080  3  DG A OP1   
43  O OP2   . DG A 3  ? 2.59892 1.59934 2.84940 0.76166  -0.66858 0.55927  3  DG A OP2   
44  O "O5'" . DG A 3  ? 2.66486 1.60473 2.87669 0.73773  -0.67823 0.59931  3  DG A "O5'" 
45  C "C5'" . DG A 3  ? 2.73778 1.64698 2.95467 0.74280  -0.68634 0.64238  3  DG A "C5'" 
46  C "C4'" . DG A 3  ? 2.71323 1.59453 2.87848 0.70542  -0.68693 0.62663  3  DG A "C4'" 
47  O "O4'" . DG A 3  ? 2.74402 1.55115 2.93705 0.71357  -0.66351 0.60088  3  DG A "O4'" 
48  C "C3'" . DG A 3  ? 2.61750 1.52816 2.72053 0.66673  -0.68943 0.58168  3  DG A "C3'" 
49  O "O3'" . DG A 3  ? 2.60887 1.52281 2.65444 0.63351  -0.70281 0.59422  3  DG A "O3'" 
50  C "C2'" . DG A 3  ? 2.59255 1.45249 2.71046 0.66839  -0.66331 0.52399  3  DG A "C2'" 
51  C "C1'" . DG A 3  ? 2.67263 1.46742 2.82839 0.68510  -0.65231 0.54348  3  DG A "C1'" 
52  N N9    . DG A 3  ? 2.69211 1.43263 2.89207 0.70549  -0.62456 0.50454  3  DG A N9    
53  C C8    . DG A 3  ? 2.68472 1.43046 2.92430 0.73088  -0.60912 0.47873  3  DG A C8    
54  N N7    . DG A 3  ? 2.71442 1.40268 2.98598 0.74469  -0.58369 0.44434  3  DG A N7    
55  C C5    . DG A 3  ? 2.74248 1.38413 2.99591 0.72696  -0.58289 0.44847  3  DG A C5    
56  C C6    . DG A 3  ? 2.78427 1.35520 3.05590 0.72933  -0.56075 0.41995  3  DG A C6    
57  O O6    . DG A 3  ? 2.80696 1.34129 3.11307 0.74818  -0.53555 0.38282  3  DG A O6    
58  N N1    . DG A 3  ? 2.80345 1.34695 3.04763 0.70620  -0.56972 0.43769  3  DG A N1    
59  C C2    . DG A 3  ? 2.78517 1.36605 2.98808 0.68430  -0.59552 0.47772  3  DG A C2    
60  N N2    . DG A 3  ? 2.80971 1.35749 2.99138 0.66428  -0.59953 0.49070  3  DG A N2    
61  N N3    . DG A 3  ? 2.74879 1.39566 2.93169 0.68169  -0.61540 0.50286  3  DG A N3    
62  C C4    . DG A 3  ? 2.72869 1.40212 2.93923 0.70336  -0.60813 0.48638  3  DG A C4    
63  P P     . DC A 4  ? 2.52495 1.47774 2.49057 0.59096  -0.71259 0.56280  4  DC A P     
64  O OP1   . DC A 4  ? 2.53658 1.54636 2.47232 0.58092  -0.73607 0.60597  4  DC A OP1   
65  O OP2   . DC A 4  ? 2.45974 1.41822 2.42241 0.58992  -0.70017 0.50783  4  DC A OP2   
66  O "O5'" . DC A 4  ? 2.52100 1.42807 2.44771 0.56441  -0.70682 0.54617  4  DC A "O5'" 
67  C "C5'" . DC A 4  ? 2.59181 1.44998 2.55331 0.57767  -0.70158 0.57501  4  DC A "C5'" 
68  C "C4'" . DC A 4  ? 2.57376 1.37946 2.51568 0.55934  -0.68702 0.53555  4  DC A "C4'" 
69  O "O4'" . DC A 4  ? 2.59194 1.34973 2.58866 0.58402  -0.66501 0.50536  4  DC A "O4'" 
70  C "C3'" . DC A 4  ? 2.48903 1.31260 2.35915 0.52452  -0.68752 0.48573  4  DC A "C3'" 
71  O "O3'" . DC A 4  ? 2.48912 1.28276 2.32142 0.49986  -0.68594 0.47905  4  DC A "O3'" 
72  C "C2'" . DC A 4  ? 2.45527 1.25956 2.34950 0.53817  -0.66922 0.43205  4  DC A "C2'" 
73  C "C1'" . DC A 4  ? 2.52651 1.27351 2.48849 0.56508  -0.65389 0.44376  4  DC A "C1'" 
74  N N1    . DC A 4  ? 2.52814 1.25471 2.54065 0.59202  -0.63359 0.40863  4  DC A N1    
75  C C2    . DC A 4  ? 2.55965 1.22540 2.60207 0.60047  -0.61229 0.38000  4  DC A C2    
76  O O2    . DC A 4  ? 2.58383 1.21374 2.61177 0.58519  -0.61195 0.38579  4  DC A O2    
77  N N3    . DC A 4  ? 2.56603 1.21473 2.65227 0.62483  -0.59170 0.34641  4  DC A N3    
78  C C4    . DC A 4  ? 2.53966 1.23032 2.64163 0.64091  -0.59248 0.34302  4  DC A C4    
79  N N4    . DC A 4  ? 2.54950 1.22318 2.69438 0.66514  -0.57040 0.30970  4  DC A N4    
80  C C5    . DC A 4  ? 2.50550 1.25816 2.57939 0.63230  -0.61525 0.37316  4  DC A C5    
81  C C6    . DC A 4  ? 2.50221 1.27018 2.53098 0.60759  -0.63491 0.40410  4  DC A C6    
82  P P     . DA A 5  ? 2.66172 1.48805 2.40755 0.46038  -0.69785 0.47344  5  DA A P     
83  O OP1   . DA A 5  ? 2.73113 1.58194 2.47382 0.45778  -0.71329 0.53316  5  DA A OP1   
84  O OP2   . DA A 5  ? 2.53422 1.39520 2.23871 0.44956  -0.69804 0.43188  5  DA A OP2   
85  O "O5'" . DA A 5  ? 2.57090 1.35052 2.28889 0.44095  -0.68699 0.44280  5  DA A "O5'" 
86  C "C5'" . DA A 5  ? 2.61971 1.35120 2.38092 0.45118  -0.68089 0.46669  5  DA A "C5'" 
87  C "C4'" . DA A 5  ? 2.63040 1.31357 2.39236 0.44671  -0.66414 0.41769  5  DA A "C4'" 
88  O "O4'" . DA A 5  ? 2.64463 1.31013 2.45820 0.47364  -0.65016 0.38878  5  DA A "O4'" 
89  C "C3'" . DA A 5  ? 2.50412 1.19990 2.18781 0.41612  -0.66303 0.36914  5  DA A "C3'" 
90  O "O3'" . DA A 5  ? 2.52361 1.17789 2.19693 0.40302  -0.65490 0.35394  5  DA A "O3'" 
91  C "C2'" . DA A 5  ? 2.42802 1.13238 2.11561 0.42844  -0.65368 0.31962  5  DA A "C2'" 
92  C "C1'" . DA A 5  ? 2.51718 1.18501 2.29109 0.46174  -0.64146 0.32761  5  DA A "C1'" 
93  N N9    . DA A 5  ? 2.47827 1.16472 2.28285 0.48438  -0.63517 0.30687  5  DA A N9    
94  C C8    . DA A 5  ? 2.46048 1.19686 2.25593 0.48839  -0.64600 0.31908  5  DA A C8    
95  N N7    . DA A 5  ? 2.44960 1.19341 2.28143 0.51090  -0.63623 0.29651  5  DA A N7    
96  C C5    . DA A 5  ? 2.46038 1.15566 2.32641 0.52254  -0.61652 0.26595  5  DA A C5    
97  C C6    . DA A 5  ? 2.46232 1.14103 2.37431 0.54661  -0.59654 0.23106  5  DA A C6    
98  N N6    . DA A 5  ? 2.44158 1.15323 2.37511 0.56470  -0.59406 0.22327  5  DA A N6    
99  N N1    . DA A 5  ? 2.50467 1.13260 2.43977 0.55082  -0.57805 0.20408  5  DA A N1    
100 C C2    . DA A 5  ? 2.54978 1.14554 2.46506 0.53216  -0.58076 0.21314  5  DA A C2    
101 N N3    . DA A 5  ? 2.53362 1.14133 2.40751 0.50955  -0.59906 0.24680  5  DA A N3    
102 C C4    . DA A 5  ? 2.48002 1.13874 2.33001 0.50598  -0.61598 0.27158  5  DA A C4    
103 P P     . DG A 6  ? 2.68454 1.34844 2.27130 0.36819  -0.65561 0.32162  6  DG A P     
104 O OP1   . DG A 6  ? 2.75970 1.40899 2.33847 0.35242  -0.66036 0.35862  6  DG A OP1   
105 O OP2   . DG A 6  ? 2.55429 1.26592 2.08353 0.35669  -0.66141 0.30326  6  DG A OP2   
106 O "O5'" . DG A 6  ? 2.59733 1.22680 2.18549 0.37103  -0.63964 0.26492  6  DG A "O5'" 
107 C "C5'" . DG A 6  ? 2.65472 1.23464 2.31084 0.38910  -0.62786 0.26580  6  DG A "C5'" 
108 C "C4'" . DG A 6  ? 2.63373 1.20008 2.30006 0.40051  -0.61183 0.20853  6  DG A "C4'" 
109 O "O4'" . DG A 6  ? 2.64366 1.23104 2.34522 0.42476  -0.60966 0.20474  6  DG A "O4'" 
110 C "C3'" . DG A 6  ? 2.50501 1.09310 2.09073 0.37924  -0.61001 0.15903  6  DG A "C3'" 
111 O "O3'" . DG A 6  ? 2.53129 1.08329 2.11506 0.37211  -0.59898 0.13004  6  DG A "O3'" 
112 C "C2'" . DG A 6  ? 2.44835 1.06527 2.03334 0.39525  -0.60442 0.12447  6  DG A "C2'" 
113 C "C1'" . DG A 6  ? 2.54048 1.14056 2.21526 0.42586  -0.59931 0.14852  6  DG A "C1'" 
114 N N9    . DG A 6  ? 2.47369 1.11171 2.15780 0.44142  -0.60226 0.14692  6  DG A N9    
115 C C8    . DG A 6  ? 2.43812 1.11769 2.09480 0.43506  -0.61826 0.17449  6  DG A C8    
116 N N7    . DG A 6  ? 2.43085 1.13808 2.10663 0.45202  -0.61694 0.16584  6  DG A N7    
117 C C5    . DG A 6  ? 2.44858 1.13202 2.16664 0.47143  -0.59803 0.13021  6  DG A C5    
118 C C6    . DG A 6  ? 2.42862 1.12673 2.18346 0.49505  -0.58681 0.10707  6  DG A C6    
119 O O6    . DG A 6  ? 2.38765 1.12337 2.14614 0.50381  -0.59294 0.11495  6  DG A O6    
120 N N1    . DG A 6  ? 2.44024 1.10555 2.23078 0.50828  -0.56534 0.07137  6  DG A N1    
121 C C2    . DG A 6  ? 2.49897 1.12157 2.29022 0.49903  -0.55658 0.05931  6  DG A C2    
122 N N2    . DG A 6  ? 2.54553 1.14144 2.37292 0.51273  -0.53402 0.02195  6  DG A N2    
123 N N3    . DG A 6  ? 2.49295 1.10099 2.25155 0.47699  -0.56816 0.08200  6  DG A N3    
124 C C4    . DG A 6  ? 2.46761 1.10814 2.19067 0.46470  -0.58840 0.11717  6  DG A C4    
125 P P     . DA A 7  ? 2.59102 1.15891 2.09737 0.35527  -0.59421 0.07630  7  DA A P     
126 O OP1   . DA A 7  ? 2.68201 1.21388 2.18150 0.34030  -0.59072 0.07135  7  DA A OP1   
127 O OP2   . DA A 7  ? 2.43608 1.05142 1.86800 0.34017  -0.60296 0.07523  7  DA A OP2   
128 O "O5'" . DA A 7  ? 2.54246 1.11256 2.08231 0.37817  -0.57778 0.03200  7  DA A "O5'" 
129 C "C5'" . DA A 7  ? 2.66553 1.19541 2.28979 0.39894  -0.56265 0.02983  7  DA A "C5'" 
130 C "C4'" . DA A 7  ? 2.63286 1.17565 2.27388 0.41571  -0.54356 -0.01845 7  DA A "C4'" 
131 O "O4'" . DA A 7  ? 2.58551 1.15657 2.24954 0.43528  -0.54664 -0.00945 7  DA A "O4'" 
132 C "C3'" . DA A 7  ? 2.50652 1.08411 2.07227 0.40135  -0.53983 -0.06180 7  DA A "C3'" 
133 O "O3'" . DA A 7  ? 2.56630 1.12903 2.15793 0.40854  -0.51839 -0.10349 7  DA A "O3'" 
134 C "C2'" . DA A 7  ? 2.39866 1.02657 1.93269 0.40879  -0.54596 -0.06798 7  DA A "C2'" 
135 C "C1'" . DA A 7  ? 2.48359 1.09925 2.09857 0.43456  -0.54344 -0.04716 7  DA A "C1'" 
136 N N9    . DA A 7  ? 2.42680 1.07968 2.02548 0.43803  -0.55763 -0.02548 7  DA A N9    
137 C C8    . DA A 7  ? 2.38585 1.05302 1.94520 0.42174  -0.57681 0.00980  7  DA A C8    
138 N N7    . DA A 7  ? 2.32969 1.03109 1.88322 0.42776  -0.58498 0.02081  7  DA A N7    
139 C C5    . DA A 7  ? 2.32397 1.03461 1.91608 0.45037  -0.57100 -0.00773 7  DA A C5    
140 C C6    . DA A 7  ? 2.30762 1.05167 1.91592 0.46627  -0.57067 -0.01173 7  DA A C6    
141 N N6    . DA A 7  ? 2.26987 1.04389 1.85627 0.46072  -0.58593 0.01357  7  DA A N6    
142 N N1    . DA A 7  ? 2.30538 1.05187 1.95448 0.48732  -0.55276 -0.04282 7  DA A N1    
143 C C2    . DA A 7  ? 2.35601 1.07299 2.02707 0.49124  -0.53558 -0.06969 7  DA A C2    
144 N N3    . DA A 7  ? 2.38316 1.06625 2.04262 0.47685  -0.53423 -0.07005 7  DA A N3    
145 C C4    . DA A 7  ? 2.36751 1.04931 1.98726 0.45696  -0.55323 -0.03705 7  DA A C4    
146 P P     . DC A 8  ? 2.62802 1.22541 2.15196 0.39559  -0.51022 -0.14545 8  DC A P     
147 O OP1   . DC A 8  ? 2.68110 1.24482 2.24072 0.39471  -0.49058 -0.17407 8  DC A OP1   
148 O OP2   . DC A 8  ? 2.46948 1.09099 1.91002 0.37319  -0.52767 -0.12761 8  DC A OP2   
149 O "O5'" . DC A 8  ? 2.49606 1.14084 2.01536 0.41333  -0.50268 -0.17059 8  DC A "O5'" 
150 C "C5'" . DC A 8  ? 2.55254 1.18417 2.14630 0.43791  -0.48824 -0.18204 8  DC A "C5'" 
151 C "C4'" . DC A 8  ? 2.49148 1.17424 2.07086 0.45131  -0.48696 -0.19524 8  DC A "C4'" 
152 O "O4'" . DC A 8  ? 2.47177 1.16825 2.03816 0.45147  -0.50718 -0.15999 8  DC A "O4'" 
153 C "C3'" . DC A 8  ? 2.37141 1.10718 1.87708 0.44121  -0.48354 -0.22166 8  DC A "C3'" 
154 O "O3'" . DC A 8  ? 2.41292 1.16882 1.94754 0.45632  -0.46159 -0.25753 8  DC A "O3'" 
155 C "C2'" . DC A 8  ? 2.28539 1.05977 1.73858 0.43776  -0.50165 -0.20197 8  DC A "C2'" 
156 C "C1'" . DC A 8  ? 2.34760 1.09755 1.86344 0.45174  -0.50962 -0.17445 8  DC A "C1'" 
157 N N1    . DC A 8  ? 2.23784 1.00248 1.71376 0.44169  -0.53124 -0.14288 8  DC A N1    
158 C C2    . DC A 8  ? 2.22494 1.02290 1.70215 0.45247  -0.53504 -0.14098 8  DC A C2    
159 O O2    . DC A 8  ? 2.21835 1.03385 1.73045 0.47096  -0.52084 -0.16380 8  DC A O2    
160 N N3    . DC A 8  ? 2.20582 1.01608 1.64676 0.44125  -0.55268 -0.11512 8  DC A N3    
161 C C4    . DC A 8  ? 2.22120 1.01294 1.62568 0.42041  -0.56519 -0.09170 8  DC A C4    
162 N N4    . DC A 8  ? 2.19647 1.00149 1.56787 0.40847  -0.57919 -0.06858 8  DC A N4    
163 C C5    . DC A 8  ? 2.24527 1.00445 1.64779 0.40991  -0.56218 -0.09139 8  DC A C5    
164 C C6    . DC A 8  ? 2.23947 0.98553 1.67827 0.42096  -0.54559 -0.11735 8  DC A C6    
165 P P     . DC A 9  ? 2.38116 1.20174 1.85835 0.45387  -0.45384 -0.28006 9  DC A P     
166 O OP1   . DC A 9  ? 2.39325 1.21620 1.91050 0.46356  -0.42795 -0.31702 9  DC A OP1   
167 O OP2   . DC A 9  ? 2.18672 1.02514 1.58481 0.43290  -0.46596 -0.26481 9  DC A OP2   
168 O "O5'" . DC A 9  ? 2.22798 1.08498 1.70257 0.46711  -0.46148 -0.27124 9  DC A "O5'" 
169 C "C5'" . DC A 9  ? 2.24478 1.08472 1.79148 0.48820  -0.45558 -0.27210 9  DC A "C5'" 
170 C "C4'" . DC A 9  ? 2.19434 1.08214 1.73093 0.49917  -0.45778 -0.27296 9  DC A "C4'" 
171 O "O4'" . DC A 9  ? 2.18831 1.07924 1.69359 0.49153  -0.48099 -0.24154 9  DC A "O4'" 
172 C "C3'" . DC A 9  ? 2.07693 1.02293 1.55949 0.49466  -0.44981 -0.29185 9  DC A "C3'" 
173 O "O3'" . DC A 9  ? 2.07425 1.05239 1.58785 0.51261  -0.43875 -0.30616 9  DC A "O3'" 
174 C "C2'" . DC A 9  ? 1.99929 0.96604 1.40369 0.47786  -0.47087 -0.26700 9  DC A "C2'" 
175 C "C1'" . DC A 9  ? 2.03258 0.97307 1.46432 0.48180  -0.48707 -0.24401 9  DC A "C1'" 
176 N N1    . DC A 9  ? 1.98762 0.91789 1.36004 0.46206  -0.50856 -0.21764 9  DC A N1    
177 C C2    . DC A 9  ? 1.94518 0.89519 1.28838 0.45907  -0.52162 -0.20463 9  DC A C2    
178 O O2    . DC A 9  ? 1.93365 0.91103 1.30213 0.47359  -0.51625 -0.21324 9  DC A O2    
179 N N3    . DC A 9  ? 1.92255 0.85984 1.21119 0.43906  -0.53784 -0.18511 9  DC A N3    
180 C C4    . DC A 9  ? 1.93841 0.84675 1.20266 0.42352  -0.54223 -0.17587 9  DC A C4    
181 N N4    . DC A 9  ? 1.92093 0.81665 1.13257 0.40274  -0.55514 -0.15917 9  DC A N4    
182 C C5    . DC A 9  ? 1.97825 0.86746 1.27306 0.42717  -0.53094 -0.18595 9  DC A C5    
183 C C6    . DC A 9  ? 2.00328 0.90300 1.35174 0.44602  -0.51379 -0.20806 9  DC A C6    
184 P P     . DT A 10 ? 2.10963 1.15311 1.58391 0.51283  -0.42837 -0.32082 10 DT A P     
185 O OP1   . DT A 10 ? 2.14095 1.19951 1.67163 0.53302  -0.40988 -0.34334 10 DT A OP1   
186 O OP2   . DT A 10 ? 2.02336 1.07692 1.45632 0.49841  -0.42243 -0.32483 10 DT A OP2   
187 O "O5'" . DT A 10 ? 1.99398 1.06753 1.41286 0.50609  -0.44843 -0.29615 10 DT A "O5'" 
188 C "C5'" . DT A 10 ? 2.02093 1.08727 1.46733 0.51519  -0.45856 -0.28586 10 DT A "C5'" 
189 C "C4'" . DT A 10 ? 1.95495 1.07135 1.35775 0.51384  -0.46438 -0.28027 10 DT A "C4'" 
190 O "O4'" . DT A 10 ? 1.89899 1.00621 1.24493 0.49787  -0.48622 -0.25712 10 DT A "O4'" 
191 C "C3'" . DT A 10 ? 1.88458 1.05123 1.24704 0.51077  -0.45291 -0.28618 10 DT A "C3'" 
192 O "O3'" . DT A 10 ? 1.86977 1.08122 1.23346 0.51947  -0.44903 -0.28868 10 DT A "O3'" 
193 C "C2'" . DT A 10 ? 1.82388 0.98924 1.11157 0.49263  -0.46771 -0.26098 10 DT A "C2'" 
194 C "C1'" . DT A 10 ? 1.79805 0.93975 1.06940 0.48613  -0.48851 -0.24810 10 DT A "C1'" 
195 N N1    . DT A 10 ? 1.77393 0.88480 0.98986 0.46686  -0.50464 -0.22947 10 DT A N1    
196 C C2    . DT A 10 ? 1.73945 0.85027 0.90718 0.45293  -0.51752 -0.21704 10 DT A C2    
197 O O2    . DT A 10 ? 1.71073 0.85044 0.89514 0.45234  -0.50800 -0.21731 10 DT A O2    
198 N N3    . DT A 10 ? 1.72622 0.81889 0.88012 0.42544  -0.50767 -0.19996 10 DT A N3    
199 C C4    . DT A 10 ? 1.76392 0.82224 0.89771 0.42289  -0.51774 -0.19782 10 DT A C4    
200 O O4    . DT A 10 ? 1.75055 0.79580 0.87326 0.39737  -0.50791 -0.18305 10 DT A O4    
201 C C5    . DT A 10 ? 1.80597 0.85907 0.97675 0.44235  -0.51460 -0.21246 10 DT A C5    
202 C C7    . DT A 10 ? 1.84375 0.86570 1.02089 0.43500  -0.51051 -0.21162 10 DT A C7    
203 C C6    . DT A 10 ? 1.80622 0.88821 1.02441 0.46029  -0.50165 -0.22840 10 DT A C6    
204 P P     . DG A 11 ? 2.06279 1.32339 1.44365 0.52886  -0.42631 -0.30497 11 DG A P     
205 O OP1   . DG A 11 ? 2.13414 1.38508 1.58506 0.54575  -0.41131 -0.33076 11 DG A OP1   
206 O OP2   . DG A 11 ? 1.94224 1.20995 1.29595 0.51973  -0.41835 -0.30029 11 DG A OP2   
207 O "O5'" . DG A 11 ? 1.95745 1.26651 1.30505 0.52904  -0.43182 -0.28886 11 DG A "O5'" 
208 C "C5'" . DG A 11 ? 1.94566 1.24698 1.28564 0.52859  -0.44793 -0.28122 11 DG A "C5'" 
209 C "C4'" . DG A 11 ? 1.87134 1.19957 1.14844 0.51932  -0.46019 -0.25405 11 DG A "C4'" 
210 O "O4'" . DG A 11 ? 1.84754 1.14990 1.10501 0.49290  -0.45569 -0.23295 11 DG A "O4'" 
211 C "C3'" . DG A 11 ? 1.75757 1.13753 1.04596 0.51245  -0.42906 -0.23918 11 DG A "C3'" 
212 O "O3'" . DG A 11 ? 1.68484 1.10886 0.99792 0.49824  -0.40467 -0.22610 11 DG A "O3'" 
213 C "C2'" . DG A 11 ? 1.64776 1.02133 0.93092 0.48410  -0.40639 -0.21336 11 DG A "C2'" 
214 C "C1'" . DG A 11 ? 1.67392 1.01567 0.94659 0.46483  -0.41419 -0.20456 11 DG A "C1'" 
215 N N9    . DG A 11 ? 1.66490 0.97513 0.91962 0.45064  -0.41461 -0.19420 11 DG A N9    
216 C C8    . DG A 11 ? 1.72678 1.00613 0.96079 0.46697  -0.43167 -0.20606 11 DG A C8    
217 N N7    . DG A 11 ? 1.71381 0.96751 0.93374 0.44787  -0.42846 -0.19269 11 DG A N7    
218 C C5    . DG A 11 ? 1.62517 0.89752 0.85941 0.41747  -0.40763 -0.17142 11 DG A C5    
219 C C6    . DG A 11 ? 1.60696 0.87077 0.83799 0.38796  -0.39560 -0.15208 11 DG A C6    
220 O O6    . DG A 11 ? 1.64935 0.88465 0.86224 0.38171  -0.40048 -0.14864 11 DG A O6    
221 N N1    . DG A 11 ? 1.55895 0.85228 0.81075 0.36484  -0.37729 -0.13736 11 DG A N1    
222 C C2    . DG A 11 ? 1.53383 0.85672 0.80513 0.36909  -0.37182 -0.13979 11 DG A C2    
223 N N2    . DG A 11 ? 1.49185 0.83793 0.78029 0.34503  -0.35592 -0.12554 11 DG A N2    
224 N N3    . DG A 11 ? 1.55060 0.88067 0.82416 0.39567  -0.38230 -0.15681 11 DG A N3    
225 C C4    . DG A 11 ? 1.59541 0.90102 0.85069 0.41904  -0.39970 -0.17232 11 DG A C4    
226 P P     . DA B 1  ? 1.32846 1.46346 1.20342 -0.32764 0.02706  -0.26766 1  DA B P     
227 O OP1   . DA B 1  ? 1.29472 1.47320 1.22324 -0.31156 0.02666  -0.25439 1  DA B OP1   
228 O OP2   . DA B 1  ? 1.24029 1.32745 1.05132 -0.34134 0.00604  -0.25359 1  DA B OP2   
229 O "O5'" . DA B 1  ? 1.36008 1.47059 1.26479 -0.30420 0.04179  -0.28403 1  DA B "O5'" 
230 C "C5'" . DA B 1  ? 1.29019 1.34917 1.16091 -0.30297 0.03140  -0.28486 1  DA B "C5'" 
231 C "C4'" . DA B 1  ? 1.27486 1.33149 1.11985 -0.31941 0.03643  -0.31089 1  DA B "C4'" 
232 O "O4'" . DA B 1  ? 1.23657 1.24827 1.04355 -0.32160 0.01841  -0.30548 1  DA B "O4'" 
233 C "C3'" . DA B 1  ? 1.31365 1.39643 1.11567 -0.34851 0.03837  -0.31507 1  DA B "C3'" 
234 O "O3'" . DA B 1  ? 1.38641 1.48699 1.18657 -0.35608 0.05545  -0.34537 1  DA B "O3'" 
235 C "C2'" . DA B 1  ? 1.31092 1.35577 1.04601 -0.36465 0.01593  -0.29626 1  DA B "C2'" 
236 C "C1'" . DA B 1  ? 1.25415 1.25889 0.99589 -0.34677 0.00509  -0.29706 1  DA B "C1'" 
237 N N9    . DA B 1  ? 1.20565 1.16833 0.91823 -0.34613 -0.01251 -0.27070 1  DA B N9    
238 C C8    . DA B 1  ? 1.17858 1.13276 0.89177 -0.34314 -0.01661 -0.25052 1  DA B C8    
239 N N7    . DA B 1  ? 1.16032 1.06924 0.84012 -0.34499 -0.02885 -0.23282 1  DA B N7    
240 C C5    . DA B 1  ? 1.16745 1.05702 0.82970 -0.34731 -0.03476 -0.23809 1  DA B C5    
241 C C6    . DA B 1  ? 1.15931 1.00421 0.79359 -0.34753 -0.04673 -0.22388 1  DA B C6    
242 N N6    . DA B 1  ? 1.15795 0.96178 0.77384 -0.34675 -0.04984 -0.20366 1  DA B N6    
243 N N1    . DA B 1  ? 1.16491 1.01033 0.79178 -0.34829 -0.05528 -0.23201 1  DA B N1    
244 C C2    . DA B 1  ? 1.21478 1.09964 0.85334 -0.35130 -0.05079 -0.25696 1  DA B C2    
245 N N3    . DA B 1  ? 1.21413 1.13708 0.87756 -0.35237 -0.03456 -0.27488 1  DA B N3    
246 C C4    . DA B 1  ? 1.17798 1.10223 0.85627 -0.34895 -0.02742 -0.26207 1  DA B C4    
247 P P     . DC B 2  ? 1.25663 1.38542 1.01354 -0.38442 0.06778  -0.35269 2  DC B P     
248 O OP1   . DC B 2  ? 1.25747 1.41463 1.04180 -0.38305 0.09668  -0.38743 2  DC B OP1   
249 O OP2   . DC B 2  ? 1.20090 1.34755 0.96184 -0.39483 0.06527  -0.32882 2  DC B OP2   
250 O "O5'" . DC B 2  ? 1.23093 1.32600 0.90668 -0.40094 0.04755  -0.34599 2  DC B "O5'" 
251 C "C5'" . DC B 2  ? 1.26589 1.34321 0.92962 -0.39391 0.03765  -0.36445 2  DC B "C5'" 
252 C "C4'" . DC B 2  ? 1.24255 1.28689 0.84116 -0.40286 0.01060  -0.34379 2  DC B "C4'" 
253 O "O4'" . DC B 2  ? 1.18653 1.19857 0.79403 -0.39463 -0.00495 -0.31342 2  DC B "O4'" 
254 C "C3'" . DC B 2  ? 1.30717 1.35551 0.83285 -0.42745 0.01338  -0.33066 2  DC B "C3'" 
255 O "O3'" . DC B 2  ? 1.36582 1.41600 0.84072 -0.43315 0.00466  -0.34550 2  DC B "O3'" 
256 C "C2'" . DC B 2  ? 1.27279 1.28410 0.77274 -0.43142 -0.00399 -0.29195 2  DC B "C2'" 
257 C "C1'" . DC B 2  ? 1.21353 1.19979 0.75870 -0.40842 -0.02011 -0.28909 2  DC B "C1'" 
258 N N1    . DC B 2  ? 1.19472 1.14967 0.74328 -0.40696 -0.02742 -0.26059 2  DC B N1    
259 C C2    . DC B 2  ? 1.20840 1.11933 0.72717 -0.40504 -0.04510 -0.23754 2  DC B C2    
260 O O2    . DC B 2  ? 1.23346 1.13761 0.72710 -0.40304 -0.05805 -0.23784 2  DC B O2    
261 N N3    . DC B 2  ? 1.19903 1.07742 0.71782 -0.40537 -0.04755 -0.21641 2  DC B N3    
262 C C4    . DC B 2  ? 1.17823 1.07156 0.72134 -0.40822 -0.03838 -0.21793 2  DC B C4    
263 N N4    . DC B 2  ? 1.17835 1.03890 0.71342 -0.41077 -0.04242 -0.20104 2  DC B N4    
264 C C5    . DC B 2  ? 1.16143 1.10552 0.73957 -0.40819 -0.02469 -0.23749 2  DC B C5    
265 C C6    . DC B 2  ? 1.16963 1.14043 0.75130 -0.40714 -0.01706 -0.25819 2  DC B C6    
266 P P     . DG B 3  ? 1.37569 1.42386 0.76017 -0.45479 0.00574  -0.32838 3  DG B P     
267 O OP1   . DG B 3  ? 1.43153 1.50394 0.77966 -0.46022 0.01105  -0.36181 3  DG B OP1   
268 O OP2   . DG B 3  ? 1.37636 1.42918 0.75860 -0.47031 0.02856  -0.30937 3  DG B OP2   
269 O "O5'" . DG B 3  ? 1.38724 1.39611 0.73678 -0.44893 -0.02794 -0.29443 3  DG B "O5'" 
270 C "C5'" . DG B 3  ? 1.36760 1.36702 0.74514 -0.43105 -0.05449 -0.30350 3  DG B "C5'" 
271 C "C4'" . DG B 3  ? 1.39295 1.36000 0.73221 -0.42688 -0.08282 -0.26747 3  DG B "C4'" 
272 O "O4'" . DG B 3  ? 1.35345 1.28357 0.72454 -0.42003 -0.08302 -0.23968 3  DG B "O4'" 
273 C "C3'" . DG B 3  ? 1.46418 1.42576 0.71774 -0.44205 -0.08248 -0.24028 3  DG B "C3'" 
274 O "O3'" . DG B 3  ? 1.50111 1.45149 0.72225 -0.43252 -0.11512 -0.22094 3  DG B "O3'" 
275 C "C2'" . DG B 3  ? 1.45088 1.38091 0.70664 -0.45069 -0.06564 -0.20776 3  DG B "C2'" 
276 C "C1'" . DG B 3  ? 1.39004 1.29472 0.71010 -0.43337 -0.07780 -0.20392 3  DG B "C1'" 
277 N N9    . DG B 3  ? 1.35467 1.24594 0.70531 -0.43983 -0.05951 -0.19693 3  DG B N9    
278 C C8    . DG B 3  ? 1.32949 1.25128 0.70959 -0.44817 -0.03777 -0.21679 3  DG B C8    
279 N N7    . DG B 3  ? 1.30523 1.21252 0.70837 -0.45305 -0.03087 -0.20537 3  DG B N7    
280 C C5    . DG B 3  ? 1.31649 1.17487 0.70166 -0.44866 -0.04476 -0.17853 3  DG B C5    
281 C C6    . DG B 3  ? 1.30861 1.12959 0.70075 -0.45294 -0.04320 -0.16101 3  DG B C6    
282 O O6    . DG B 3  ? 1.28984 1.11843 0.70356 -0.46254 -0.03380 -0.16609 3  DG B O6    
283 N N1    . DG B 3  ? 1.33055 1.10295 0.70269 -0.44499 -0.05467 -0.13663 3  DG B N1    
284 C C2    . DG B 3  ? 1.35487 1.12234 0.70729 -0.43279 -0.07050 -0.12710 3  DG B C2    
285 N N2    . DG B 3  ? 1.37467 1.09528 0.71927 -0.42372 -0.07935 -0.10011 3  DG B N2    
286 N N3    . DG B 3  ? 1.36428 1.17167 0.70632 -0.42986 -0.07744 -0.14408 3  DG B N3    
287 C C4    . DG B 3  ? 1.34488 1.19331 0.70216 -0.43896 -0.06180 -0.17085 3  DG B C4    
288 P P     . DA B 4  ? 1.58882 1.53102 0.71538 -0.44140 -0.12136 -0.18508 4  DA B P     
289 O OP1   . DA B 4  ? 1.63457 1.60451 0.72863 -0.43368 -0.15479 -0.19763 4  DA B OP1   
290 O OP2   . DA B 4  ? 1.61900 1.56656 0.70462 -0.46259 -0.08454 -0.18367 4  DA B OP2   
291 O "O5'" . DA B 4  ? 1.58426 1.47555 0.71877 -0.43239 -0.13039 -0.13539 4  DA B "O5'" 
292 C "C5'" . DA B 4  ? 1.54847 1.42473 0.73588 -0.41168 -0.15712 -0.12972 4  DA B "C5'" 
293 C "C4'" . DA B 4  ? 1.56845 1.39361 0.74692 -0.40489 -0.15987 -0.07927 4  DA B "C4'" 
294 O "O4'" . DA B 4  ? 1.52526 1.31551 0.73786 -0.41252 -0.13271 -0.07535 4  DA B "O4'" 
295 C "C3'" . DA B 4  ? 1.65309 1.46446 0.74983 -0.41290 -0.15584 -0.03890 4  DA B "C3'" 
296 O "O3'" . DA B 4  ? 1.68311 1.46164 0.77911 -0.39515 -0.17575 0.00458  4  DA B "O3'" 
297 C "C2'" . DA B 4  ? 1.64893 1.43402 0.73695 -0.43473 -0.11534 -0.03172 4  DA B "C2'" 
298 C "C1'" . DA B 4  ? 1.57135 1.33479 0.73546 -0.43010 -0.10939 -0.04620 4  DA B "C1'" 
299 N N9    . DA B 4  ? 1.53631 1.30920 0.71999 -0.44927 -0.08063 -0.06922 4  DA B N9    
300 C C8    . DA B 4  ? 1.52250 1.34193 0.70770 -0.45973 -0.06831 -0.10318 4  DA B C8    
301 N N7    . DA B 4  ? 1.49106 1.31455 0.70498 -0.47435 -0.04492 -0.11502 4  DA B N7    
302 C C5    . DA B 4  ? 1.48667 1.26194 0.71244 -0.47603 -0.04268 -0.09051 4  DA B C5    
303 C C6    . DA B 4  ? 1.46488 1.22330 0.71736 -0.49097 -0.02577 -0.09154 4  DA B C6    
304 N N6    . DA B 4  ? 1.43831 1.23371 0.71717 -0.50535 -0.01023 -0.11520 4  DA B N6    
305 N N1    . DA B 4  ? 1.47607 1.18004 0.72947 -0.49072 -0.02579 -0.06852 4  DA B N1    
306 C C2    . DA B 4  ? 1.50359 1.17297 0.73955 -0.47367 -0.04012 -0.04240 4  DA B C2    
307 N N3    . DA B 4  ? 1.52315 1.20938 0.73891 -0.45674 -0.06017 -0.03526 4  DA B N3    
308 C C4    . DA B 4  ? 1.51440 1.25461 0.72265 -0.46024 -0.06145 -0.06221 4  DA B C4    
309 P P     . DC B 5  ? 1.79167 1.55570 0.80537 -0.39356 -0.18037 0.05623  5  DC B P     
310 O OP1   . DC B 5  ? 1.80782 1.57681 0.83409 -0.36685 -0.22144 0.08203  5  DC B OP1   
311 O OP2   . DC B 5  ? 1.86420 1.66284 0.80568 -0.41174 -0.16777 0.04085  5  DC B OP2   
312 O "O5'" . DC B 5  ? 1.79387 1.49195 0.80906 -0.40354 -0.14379 0.09268  5  DC B "O5'" 
313 C "C5'" . DC B 5  ? 1.74324 1.39852 0.82564 -0.39514 -0.13857 0.09728  5  DC B "C5'" 
314 C "C4'" . DC B 5  ? 1.75962 1.35941 0.83498 -0.41452 -0.09846 0.11724  5  DC B "C4'" 
315 O "O4'" . DC B 5  ? 1.70733 1.32407 0.80307 -0.43757 -0.07605 0.07625  5  DC B "O4'" 
316 C "C3'" . DC B 5  ? 1.85071 1.42998 0.85396 -0.42540 -0.07896 0.15882  5  DC B "C3'" 
317 O "O3'" . DC B 5  ? 1.89439 1.40938 0.90312 -0.41527 -0.06895 0.20682  5  DC B "O3'" 
318 C "C2'" . DC B 5  ? 1.84040 1.42395 0.83388 -0.45890 -0.04093 0.13482  5  DC B "C2'" 
319 C "C1'" . DC B 5  ? 1.74875 1.33962 0.81278 -0.46302 -0.04103 0.09155  5  DC B "C1'" 
320 N N1    . DC B 5  ? 1.71162 1.34600 0.78397 -0.48518 -0.02464 0.05062  5  DC B N1    
321 C C2    . DC B 5  ? 1.68033 1.29971 0.78764 -0.50686 -0.00036 0.03469  5  DC B C2    
322 O O2    . DC B 5  ? 1.68791 1.25397 0.81192 -0.50967 0.00884  0.05145  5  DC B O2    
323 N N3    . DC B 5  ? 1.64735 1.31270 0.77106 -0.52420 0.01232  0.00041  5  DC B N3    
324 C C4    . DC B 5  ? 1.64592 1.36348 0.75193 -0.52057 0.00676  -0.01908 5  DC B C4    
325 N N4    . DC B 5  ? 1.61475 1.37571 0.74579 -0.53586 0.02305  -0.05120 5  DC B N4    
326 C C5    . DC B 5  ? 1.68139 1.41088 0.74503 -0.50128 -0.01611 -0.00783 5  DC B C5    
327 C C6    . DC B 5  ? 1.71255 1.40288 0.76113 -0.48405 -0.03380 0.02759  5  DC B C6    
328 P P     . DA B 6  ? 2.10343 1.56967 1.05638 -0.42916 -0.03312 0.25551  6  DA B P     
329 O OP1   . DA B 6  ? 2.06941 1.48676 1.02898 -0.40267 -0.04078 0.30941  6  DA B OP1   
330 O OP2   . DA B 6  ? 2.13425 1.64091 1.01469 -0.44129 -0.02798 0.25632  6  DA B OP2   
331 O "O5'" . DA B 6  ? 1.95598 1.38193 0.94556 -0.46032 0.00865  0.23342  6  DA B "O5'" 
332 C "C5'" . DA B 6  ? 1.89699 1.29339 0.95130 -0.45677 0.00806  0.21349  6  DA B "C5'" 
333 C "C4'" . DA B 6  ? 1.91164 1.25502 0.98185 -0.48714 0.04982  0.20859  6  DA B "C4'" 
334 O "O4'" . DA B 6  ? 1.85978 1.24579 0.94214 -0.51486 0.05855  0.16123  6  DA B "O4'" 
335 C "C3'" . DA B 6  ? 2.00819 1.30377 1.03815 -0.50186 0.08548  0.25224  6  DA B "C3'" 
336 O "O3'" . DA B 6  ? 2.03559 1.26048 1.09710 -0.51815 0.11793  0.25564  6  DA B "O3'" 
337 C "C2'" . DA B 6  ? 2.01920 1.36126 1.01949 -0.53106 0.10206  0.23018  6  DA B "C2'" 
338 C "C1'" . DA B 6  ? 1.90917 1.29636 0.95717 -0.54279 0.08972  0.17057  6  DA B "C1'" 
339 N N9    . DA B 6  ? 1.87945 1.34038 0.91163 -0.54815 0.07977  0.14188  6  DA B N9    
340 C C8    . DA B 6  ? 1.89534 1.39841 0.88602 -0.52915 0.05754  0.14911  6  DA B C8    
341 N N7    . DA B 6  ? 1.86622 1.42871 0.85326 -0.54032 0.05847  0.11422  6  DA B N7    
342 C C5    . DA B 6  ? 1.82518 1.38904 0.85899 -0.56641 0.08005  0.08566  6  DA B C5    
343 C C6    . DA B 6  ? 1.78218 1.39869 0.84399 -0.58599 0.09121  0.04577  6  DA B C6    
344 N N6    . DA B 6  ? 1.77383 1.44717 0.81890 -0.58240 0.08741  0.02544  6  DA B N6    
345 N N1    . DA B 6  ? 1.75285 1.36271 0.86272 -0.60938 0.10653  0.02650  6  DA B N1    
346 C C2    . DA B 6  ? 1.76889 1.31857 0.89188 -0.61520 0.11282  0.04181  6  DA B C2    
347 N N3    . DA B 6  ? 1.80959 1.29993 0.91030 -0.59860 0.10914  0.07761  6  DA B N3    
348 C C4    . DA B 6  ? 1.83416 1.33720 0.89287 -0.57293 0.09136  0.10041  6  DA B C4    
349 P P     . DC B 7  ? 2.16792 1.33116 1.20609 -0.54357 0.16761  0.29048  7  DC B P     
350 O OP1   . DC B 7  ? 2.13880 1.21991 1.21366 -0.54350 0.19059  0.30232  7  DC B OP1   
351 O OP2   . DC B 7  ? 2.24832 1.42250 1.22567 -0.52855 0.16679  0.33944  7  DC B OP2   
352 O "O5'" . DC B 7  ? 2.08410 1.27934 1.13303 -0.58836 0.19014  0.24403  7  DC B "O5'" 
353 C "C5'" . DC B 7  ? 2.01967 1.23308 1.11576 -0.60418 0.18154  0.19024  7  DC B "C5'" 
354 C "C4'" . DC B 7  ? 2.05453 1.29704 1.16377 -0.64733 0.20544  0.15667  7  DC B "C4'" 
355 O "O4'" . DC B 7  ? 2.02029 1.34681 1.11933 -0.64494 0.18581  0.13457  7  DC B "O4'" 
356 C "C3'" . DC B 7  ? 2.15489 1.35416 1.24643 -0.67559 0.25308  0.18586  7  DC B "C3'" 
357 O "O3'" . DC B 7  ? 2.17155 1.35701 1.30491 -0.71824 0.27872  0.15054  7  DC B "O3'" 
358 C "C2'" . DC B 7  ? 2.18671 1.44681 1.23968 -0.67593 0.25372  0.19379  7  DC B "C2'" 
359 C "C1'" . DC B 7  ? 2.05361 1.39397 1.13268 -0.67148 0.21817  0.14332  7  DC B "C1'" 
360 N N1    . DC B 7  ? 2.01405 1.41768 1.05521 -0.65443 0.20153  0.14492  7  DC B N1    
361 C C2    . DC B 7  ? 1.99599 1.46973 1.05750 -0.67140 0.20277  0.10570  7  DC B C2    
362 O O2    . DC B 7  ? 1.97141 1.45865 1.08411 -0.69911 0.21348  0.07344  7  DC B O2    
363 N N3    . DC B 7  ? 1.98805 1.51431 1.01424 -0.65681 0.19188  0.10300  7  DC B N3    
364 C C4    . DC B 7  ? 2.01458 1.52931 0.98282 -0.62836 0.17564  0.13617  7  DC B C4    
365 N N4    . DC B 7  ? 2.00351 1.57095 0.93325 -0.61775 0.16531  0.12686  7  DC B N4    
366 C C5    . DC B 7  ? 2.05400 1.50420 1.00322 -0.60931 0.16910  0.17955  7  DC B C5    
367 C C6    . DC B 7  ? 2.04384 1.43831 1.03300 -0.62227 0.18467  0.18300  7  DC B C6    
368 P P     . DT B 8  ? 2.25398 1.40203 1.38991 -0.75959 0.33369  0.16525  8  DT B P     
369 O OP1   . DT B 8  ? 2.24327 1.33695 1.42267 -0.79095 0.35480  0.13895  8  DT B OP1   
370 O OP2   . DT B 8  ? 2.27470 1.38252 1.35892 -0.74019 0.35552  0.22838  8  DT B OP2   
371 O "O5'" . DT B 8  ? 2.17626 1.41188 1.32849 -0.78573 0.33377  0.12955  8  DT B "O5'" 
372 C "C5'" . DT B 8  ? 2.09126 1.39479 1.28261 -0.79017 0.29979  0.07650  8  DT B "C5'" 
373 C "C4'" . DT B 8  ? 2.11713 1.49079 1.33998 -0.82266 0.31365  0.04732  8  DT B "C4'" 
374 O "O4'" . DT B 8  ? 2.09158 1.52672 1.28520 -0.79979 0.30088  0.05426  8  DT B "O4'" 
375 C "C3'" . DT B 8  ? 2.22276 1.56482 1.45663 -0.86314 0.36771  0.06120  8  DT B "C3'" 
376 O "O3'" . DT B 8  ? 2.22911 1.63287 1.52406 -0.90088 0.37338  0.01684  8  DT B "O3'" 
377 C "C2'" . DT B 8  ? 2.29626 1.64536 1.47194 -0.84412 0.38516  0.10384  8  DT B "C2'" 
378 C "C1'" . DT B 8  ? 2.19750 1.63091 1.36927 -0.81818 0.34343  0.07843  8  DT B "C1'" 
379 N N1    . DT B 8  ? 2.19147 1.63258 1.29264 -0.78248 0.33406  0.11245  8  DT B N1    
380 C C2    . DT B 8  ? 2.17491 1.68843 1.26668 -0.77708 0.32879  0.09478  8  DT B C2    
381 O O2    . DT B 8  ? 2.11905 1.69134 1.26350 -0.79803 0.33347  0.05652  8  DT B O2    
382 N N3    . DT B 8  ? 2.18404 1.70054 1.20406 -0.74610 0.31783  0.12283  8  DT B N3    
383 C C4    . DT B 8  ? 2.20644 1.66820 1.16785 -0.71857 0.30733  0.16911  8  DT B C4    
384 O O4    . DT B 8  ? 2.23436 1.71081 1.13159 -0.69268 0.29279  0.18991  8  DT B O4    
385 C C5    . DT B 8  ? 2.21989 1.60771 1.20247 -0.72243 0.31444  0.19000  8  DT B C5    
386 C C7    . DT B 8  ? 2.26504 1.59142 1.19857 -0.69079 0.30527  0.24381  8  DT B C7    
387 C C6    . DT B 8  ? 2.19840 1.57658 1.24729 -0.75475 0.32916  0.15908  8  DT B C6    
388 P P     . DC B 9  ? 2.25991 1.63575 1.60137 -0.95569 0.42381  0.00829  9  DC B P     
389 O OP1   . DC B 9  ? 2.13916 1.53293 1.54130 -0.97144 0.39944  -0.04247 9  DC B OP1   
390 O OP2   . DC B 9  ? 2.33449 1.62693 1.64034 -0.94045 0.46075  0.05814  9  DC B OP2   
391 O "O5'" . DC B 9  ? 2.25418 1.71057 1.62285 -0.97424 0.44362  -0.00227 9  DC B "O5'" 
392 C "C5'" . DC B 9  ? 2.13728 1.68654 1.52371 -0.95585 0.40647  -0.03045 9  DC B "C5'" 
393 C "C4'" . DC B 9  ? 2.24056 1.84070 1.62548 -0.96087 0.43742  -0.02152 9  DC B "C4'" 
394 O "O4'" . DC B 9  ? 2.25319 1.83791 1.55460 -0.91988 0.43333  0.01536  9  DC B "O4'" 
395 C "C3'" . DC B 9  ? 2.38061 1.95010 1.78493 -1.00276 0.50074  -0.00545 9  DC B "C3'" 
396 O "O3'" . DC B 9  ? 2.41341 2.06268 1.86989 -1.02279 0.52080  -0.02770 9  DC B "O3'" 
397 C "C2'" . DC B 9  ? 2.42912 1.92970 1.73958 -0.97725 0.52745  0.05359  9  DC B "C2'" 
398 C "C1'" . DC B 9  ? 2.35242 1.90306 1.61444 -0.93211 0.48682  0.05311  9  DC B "C1'" 
399 N N1    . DC B 9  ? 2.37229 1.86772 1.53850 -0.89320 0.47965  0.10221  9  DC B N1    
400 C C2    . DC B 9  ? 2.38020 1.91190 1.48441 -0.86470 0.47216  0.11422  9  DC B C2    
401 O O2    . DC B 9  ? 2.33389 1.93731 1.46578 -0.87206 0.47695  0.08365  9  DC B O2    
402 N N3    . DC B 9  ? 2.39015 1.87894 1.40813 -0.83002 0.45957  0.15783  9  DC B N3    
403 C C4    . DC B 9  ? 2.39871 1.81130 1.39858 -0.82071 0.45664  0.19219  9  DC B C4    
404 N N4    . DC B 9  ? 2.41929 1.79855 1.34028 -0.78422 0.44081  0.23733  9  DC B N4    
405 C C5    . DC B 9  ? 2.39381 1.76231 1.45777 -0.84870 0.46987  0.18040  9  DC B C5    
406 C C6    . DC B 9  ? 2.38383 1.79604 1.52600 -0.88565 0.47994  0.13357  9  DC B C6    
407 P P     . DA B 10 ? 2.48332 2.14579 2.02333 -1.05711 0.56212  -0.04291 10 DA B P     
408 O OP1   . DA B 10 ? 2.38603 2.11369 2.01982 -1.07731 0.52715  -0.09608 10 DA B OP1   
409 O OP2   . DA B 10 ? 2.49737 2.06490 2.00648 -1.05406 0.59626  -0.00582 10 DA B OP2   
410 O "O5'" . DA B 10 ? 2.46045 2.17764 2.00137 -1.05988 0.60149  -0.03508 10 DA B "O5'" 
411 C "C5'" . DA B 10 ? 2.34935 2.15406 1.90910 -1.05601 0.58182  -0.06070 10 DA B "C5'" 
412 C "C4'" . DA B 10 ? 2.41435 2.22740 1.90830 -1.03693 0.61655  -0.03468 10 DA B "C4'" 
413 O "O4'" . DA B 10 ? 2.43424 2.18102 1.81254 -0.99840 0.60130  0.00492  10 DA B "O4'" 
414 C "C3'" . DA B 10 ? 2.53191 2.32916 2.03903 -1.05209 0.68030  -0.01565 10 DA B "C3'" 
415 O "O3'" . DA B 10 ? 2.55564 2.41416 2.06379 -1.04780 0.70743  -0.02370 10 DA B "O3'" 
416 C "C2'" . DA B 10 ? 2.60540 2.30352 2.00637 -1.03077 0.69799  0.03940  10 DA B "C2'" 
417 C "C1'" . DA B 10 ? 2.52014 2.21331 1.83116 -1.00090 0.65572  0.04936  10 DA B "C1'" 
418 N N9    . DA B 10 ? 2.52480 2.12979 1.75496 -0.97750 0.64262  0.09301  10 DA B N9    
419 C C8    . DA B 10 ? 2.54014 2.08389 1.79696 -0.98283 0.63383  0.10082  10 DA B C8    
420 N N7    . DA B 10 ? 2.57613 2.04846 1.75384 -0.95387 0.62449  0.14529  10 DA B N7    
421 C C5    . DA B 10 ? 2.58153 2.07245 1.67012 -0.92821 0.62229  0.16759  10 DA B C5    
422 C C6    . DA B 10 ? 2.63059 2.07969 1.61287 -0.88977 0.60751  0.21470  10 DA B C6    
423 N N6    . DA B 10 ? 2.69216 2.06819 1.64710 -0.86933 0.59521  0.25303  10 DA B N6    
424 N N1    . DA B 10 ? 2.63886 2.12817 1.54899 -0.87065 0.60395  0.21886  10 DA B N1    
425 C C2    . DA B 10 ? 2.63203 2.19481 1.58081 -0.88557 0.61794  0.17822  10 DA B C2    
426 N N3    . DA B 10 ? 2.59039 2.19874 1.64379 -0.91993 0.63495  0.13619  10 DA B N3    
427 C C4    . DA B 10 ? 2.56019 2.13017 1.67681 -0.94269 0.63510  0.13371  10 DA B C4    
428 P P     . DC C 1  ? 1.67270 1.16506 0.89800 0.03593  -0.11379 0.19788  1  DC C P     
429 O OP1   . DC C 1  ? 1.73410 1.24608 0.97914 0.00372  -0.15109 0.19629  1  DC C OP1   
430 O OP2   . DC C 1  ? 1.65716 1.13000 0.85325 0.04450  -0.08456 0.20037  1  DC C OP2   
431 O "O5'" . DC C 1  ? 1.63319 1.06504 0.81008 0.03147  -0.09032 0.19113  1  DC C "O5'" 
432 C "C5'" . DC C 1  ? 1.61572 1.03604 0.78899 0.06199  -0.07482 0.18959  1  DC C "C5'" 
433 C "C4'" . DC C 1  ? 1.67563 1.04289 0.80176 0.04696  -0.06085 0.18100  1  DC C "C4'" 
434 O "O4'" . DC C 1  ? 1.64517 1.01633 0.77452 0.07166  -0.06264 0.17812  1  DC C "O4'" 
435 C "C3'" . DC C 1  ? 1.64113 1.00625 0.76521 0.01026  -0.09564 0.17580  1  DC C "C3'" 
436 O "O3'" . DC C 1  ? 1.67298 0.97718 0.73693 -0.01217 -0.07076 0.16614  1  DC C "O3'" 
437 C "C2'" . DC C 1  ? 1.59772 1.00654 0.77065 0.02906  -0.13827 0.17442  1  DC C "C2'" 
438 C "C1'" . DC C 1  ? 1.60172 0.99351 0.75172 0.06114  -0.10606 0.17216  1  DC C "C1'" 
439 N N1    . DC C 1  ? 1.50692 0.95230 0.70801 0.09094  -0.12844 0.17269  1  DC C N1    
440 C C2    . DC C 1  ? 1.55319 0.98285 0.72830 0.10892  -0.12286 0.16457  1  DC C C2    
441 O O2    . DC C 1  ? 1.65957 1.03020 0.76745 0.09844  -0.09670 0.15759  1  DC C O2    
442 N N3    . DC C 1  ? 1.48184 0.96034 0.70019 0.13297  -0.14204 0.16265  1  DC C N3    
443 C C4    . DC C 1  ? 1.40866 0.94882 0.69699 0.13659  -0.16233 0.16887  1  DC C C4    
444 N N4    . DC C 1  ? 1.37130 0.95659 0.69961 0.15548  -0.17698 0.16496  1  DC C N4    
445 C C5    . DC C 1  ? 1.39429 0.94966 0.70603 0.11776  -0.16496 0.17793  1  DC C C5    
446 C C6    . DC C 1  ? 1.44570 0.95262 0.71085 0.09662  -0.14941 0.17927  1  DC C C6    
447 P P     . DA C 2  ? 1.63482 0.90663 0.66247 -0.06615 -0.07168 0.15999  2  DA C P     
448 O OP1   . DA C 2  ? 1.70669 0.92378 0.68305 -0.07542 -0.00861 0.15155  2  DA C OP1   
449 O OP2   . DA C 2  ? 1.56931 0.88279 0.63478 -0.08241 -0.10781 0.16771  2  DA C OP2   
450 O "O5'" . DA C 2  ? 1.63972 0.89550 0.65009 -0.09086 -0.10974 0.15122  2  DA C "O5'" 
451 C "C5'" . DA C 2  ? 1.68638 0.90642 0.65484 -0.08033 -0.08399 0.14000  2  DA C "C5'" 
452 C "C4'" . DA C 2  ? 1.68975 0.92696 0.67312 -0.07838 -0.14831 0.13277  2  DA C "C4'" 
453 O "O4'" . DA C 2  ? 1.63279 0.91483 0.67049 -0.02957 -0.16562 0.13884  2  DA C "O4'" 
454 C "C3'" . DA C 2  ? 1.67356 0.94361 0.70689 -0.10837 -0.22704 0.13528  2  DA C "C3'" 
455 O "O3'" . DA C 2  ? 1.72181 0.98823 0.75749 -0.15726 -0.22826 0.11170  2  DA C "O3'" 
456 C "C2'" . DA C 2  ? 1.58917 0.90990 0.70197 -0.07690 -0.29004 0.12506  2  DA C "C2'" 
457 C "C1'" . DA C 2  ? 1.58032 0.89925 0.67351 -0.02789 -0.24385 0.13047  2  DA C "C1'" 
458 N N9    . DA C 2  ? 1.46365 0.84829 0.64500 0.00308  -0.26359 0.14053  2  DA C N9    
459 C C8    . DA C 2  ? 1.42928 0.85131 0.66052 -0.00659 -0.27065 0.15331  2  DA C C8    
460 N N7    . DA C 2  ? 1.35706 0.83556 0.65359 0.02010  -0.27957 0.15601  2  DA C N7    
461 C C5    . DA C 2  ? 1.35696 0.83874 0.65380 0.04991  -0.28206 0.14498  2  DA C C5    
462 C C6    . DA C 2  ? 1.31087 0.84196 0.65936 0.08154  -0.28874 0.14034  2  DA C C6    
463 N N6    . DA C 2  ? 1.25299 0.84007 0.66381 0.08703  -0.29081 0.14788  2  DA C N6    
464 N N1    . DA C 2  ? 1.33537 0.85326 0.65799 0.10386  -0.29086 0.12524  2  DA C N1    
465 C C2    . DA C 2  ? 1.40571 0.86236 0.64715 0.09447  -0.28333 0.11451  2  DA C C2    
466 N N3    . DA C 2  ? 1.45422 0.85899 0.63871 0.06161  -0.27157 0.11781  2  DA C N3    
467 C C4    . DA C 2  ? 1.42319 0.84551 0.64516 0.04130  -0.27366 0.13450  2  DA C C4    
468 P P     . DC C 3  ? 1.47350 0.75460 0.54057 -0.16619 -0.18794 0.06331  3  DC C P     
469 O OP1   . DC C 3  ? 1.43005 0.76195 0.57522 -0.13070 -0.21392 0.03899  3  DC C OP1   
470 O OP2   . DC C 3  ? 1.53157 0.75040 0.50695 -0.17595 -0.09675 0.06437  3  DC C OP2   
471 O "O5'" . DC C 3  ? 1.47853 0.78880 0.59597 -0.21703 -0.23283 0.04040  3  DC C "O5'" 
472 C "C5'" . DC C 3  ? 1.44502 0.79730 0.63790 -0.22123 -0.32980 0.04849  3  DC C "C5'" 
473 C "C4'" . DC C 3  ? 1.47926 0.81883 0.64410 -0.27598 -0.36125 0.06366  3  DC C "C4'" 
474 O "O4'" . DC C 3  ? 1.49806 0.79648 0.57914 -0.28334 -0.35400 0.10928  3  DC C "O4'" 
475 C "C3'" . DC C 3  ? 1.52535 0.84640 0.64829 -0.31988 -0.29981 0.03710  3  DC C "C3'" 
476 O "O3'" . DC C 3  ? 1.51538 0.88712 0.72811 -0.33455 -0.33140 -0.00793 3  DC C "O3'" 
477 C "C2'" . DC C 3  ? 1.56411 0.85813 0.62110 -0.36885 -0.31755 0.06869  3  DC C "C2'" 
478 C "C1'" . DC C 3  ? 1.54813 0.82201 0.56854 -0.34121 -0.33627 0.11365  3  DC C "C1'" 
479 N N1    . DC C 3  ? 1.57351 0.79949 0.50831 -0.33831 -0.25268 0.12864  3  DC C N1    
480 C C2    . DC C 3  ? 1.61008 0.82096 0.50722 -0.38723 -0.21718 0.12713  3  DC C C2    
481 O O2    . DC C 3  ? 1.63731 0.86086 0.53436 -0.44035 -0.25808 0.12358  3  DC C O2    
482 N N3    . DC C 3  ? 1.61221 0.80408 0.48876 -0.37214 -0.14339 0.12405  3  DC C N3    
483 C C4    . DC C 3  ? 1.58007 0.76950 0.47292 -0.31114 -0.10881 0.12738  3  DC C C4    
484 N N4    . DC C 3  ? 1.58499 0.76158 0.46896 -0.29464 -0.04863 0.12234  3  DC C N4    
485 C C5    . DC C 3  ? 1.54512 0.74839 0.46756 -0.26519 -0.13948 0.13427  3  DC C C5    
486 C C6    . DC C 3  ? 1.54420 0.76298 0.48399 -0.28110 -0.20921 0.13356  3  DC C C6    
487 P P     . DG C 4  ? 1.53767 0.91242 0.74944 -0.34790 -0.25026 -0.06052 4  DG C P     
488 O OP1   . DG C 4  ? 1.50348 0.94980 0.84090 -0.33917 -0.29625 -0.11100 4  DG C OP1   
489 O OP2   . DG C 4  ? 1.55552 0.87685 0.68369 -0.32114 -0.16242 -0.04801 4  DG C OP2   
490 O "O5'" . DG C 4  ? 1.59092 0.94447 0.74808 -0.41086 -0.22738 -0.06473 4  DG C "O5'" 
491 C "C5'" . DG C 4  ? 1.59690 0.97876 0.78845 -0.44734 -0.30951 -0.05558 4  DG C "C5'" 
492 C "C4'" . DG C 4  ? 1.65452 0.99744 0.75157 -0.50478 -0.27099 -0.04276 4  DG C "C4'" 
493 O "O4'" . DG C 4  ? 1.66659 0.96011 0.67733 -0.49986 -0.25626 0.00636  4  DG C "O4'" 
494 C "C3'" . DG C 4  ? 1.69481 1.00698 0.73806 -0.52533 -0.16512 -0.07672 4  DG C "C3'" 
495 O "O3'" . DG C 4  ? 1.76905 1.12860 0.87312 -0.56023 -0.17617 -0.12588 4  DG C "O3'" 
496 C "C2'" . DG C 4  ? 1.74431 1.00137 0.67934 -0.56350 -0.12316 -0.04740 4  DG C "C2'" 
497 C "C1'" . DG C 4  ? 1.71807 0.96148 0.63420 -0.53295 -0.16869 0.00360  4  DG C "C1'" 
498 N N9    . DG C 4  ? 1.71584 0.90892 0.57791 -0.48826 -0.10250 0.02199  4  DG C N9    
499 C C8    . DG C 4  ? 1.67536 0.87141 0.56945 -0.42644 -0.10172 0.02744  4  DG C C8    
500 N N7    . DG C 4  ? 1.69045 0.83474 0.52101 -0.39685 -0.04183 0.04745  4  DG C N7    
501 C C5    . DG C 4  ? 1.74204 0.84659 0.50069 -0.44032 0.00206  0.05208  4  DG C C5    
502 C C6    . DG C 4  ? 1.74178 0.82300 0.50462 -0.41430 0.06376  0.05317  4  DG C C6    
503 O O6    . DG C 4  ? 1.71872 0.78967 0.50073 -0.35620 0.09060  0.06177  4  DG C O6    
504 N N1    . DG C 4  ? 1.77326 0.85139 0.52289 -0.46243 0.08634  0.03822  4  DG C N1    
505 C C2    . DG C 4  ? 1.80382 0.89800 0.53163 -0.53195 0.05672  0.02899  4  DG C C2    
506 N N2    . DG C 4  ? 1.83781 0.92921 0.55457 -0.57353 0.08635  0.01173  4  DG C N2    
507 N N3    . DG C 4  ? 1.80824 0.92460 0.52511 -0.55847 -0.00550 0.03201  4  DG C N3    
508 C C4    . DG C 4  ? 1.75816 0.89324 0.53113 -0.49951 -0.03249 0.03629  4  DG C C4    
509 P P     . DT C 5  ? 1.75543 1.09009 0.80786 -0.60169 -0.07616 -0.16757 5  DT C P     
510 O OP1   . DT C 5  ? 1.74876 1.15167 0.89972 -0.61494 -0.09550 -0.22742 5  DT C OP1   
511 O OP2   . DT C 5  ? 1.77588 1.04002 0.74723 -0.57383 0.01776  -0.15479 5  DT C OP2   
512 O "O5'" . DT C 5  ? 1.80524 1.12014 0.78827 -0.66444 -0.07854 -0.15029 5  DT C "O5'" 
513 C "C5'" . DT C 5  ? 1.87268 1.14729 0.78213 -0.70856 0.01277  -0.17318 5  DT C "C5'" 
514 C "C4'" . DT C 5  ? 1.90471 1.12212 0.71373 -0.73198 0.04370  -0.13527 5  DT C "C4'" 
515 O "O4'" . DT C 5  ? 1.87813 1.05361 0.65799 -0.67552 0.05405  -0.09484 5  DT C "O4'" 
516 C "C3'" . DT C 5  ? 1.98901 1.15279 0.72091 -0.77107 0.14948  -0.15833 5  DT C "C3'" 
517 O "O3'" . DT C 5  ? 2.03146 1.19913 0.72433 -0.81315 0.15010  -0.13487 5  DT C "O3'" 
518 C "C2'" . DT C 5  ? 1.98360 1.07465 0.66712 -0.71813 0.21919  -0.13989 5  DT C "C2'" 
519 C "C1'" . DT C 5  ? 1.92538 1.02706 0.62025 -0.67751 0.15084  -0.09177 5  DT C "C1'" 
520 N N1    . DT C 5  ? 1.90401 0.96608 0.58968 -0.60827 0.17811  -0.06892 5  DT C N1    
521 C C2    . DT C 5  ? 1.90457 0.92664 0.59825 -0.57090 0.22744  -0.05923 5  DT C C2    
522 O O2    . DT C 5  ? 1.92829 0.93971 0.62142 -0.59347 0.25458  -0.07285 5  DT C O2    
523 N N3    . DT C 5  ? 1.87659 0.88000 0.58592 -0.50240 0.23600  -0.04008 5  DT C N3    
524 C C4    . DT C 5  ? 1.85238 0.86710 0.56121 -0.47273 0.20835  -0.02870 5  DT C C4    
525 O O4    . DT C 5  ? 1.83070 0.83101 0.55402 -0.41395 0.21798  -0.01186 5  DT C O4    
526 C C5    . DT C 5  ? 1.83196 0.90548 0.57891 -0.50239 0.15077  -0.04962 5  DT C C5    
527 C C7    . DT C 5  ? 1.77563 0.89838 0.59939 -0.45807 0.10328  -0.05646 5  DT C C7    
528 C C6    . DT C 5  ? 1.84998 0.95108 0.60454 -0.56145 0.13233  -0.06933 5  DT C C6    
529 P P     . DC D 1  ? 3.49034 2.05278 2.06645 -0.38280 0.18502  1.09815  1  DC D P     
530 O OP1   . DC D 1  ? 3.63771 2.16914 2.16900 -0.38853 0.19108  1.17002  1  DC D OP1   
531 O OP2   . DC D 1  ? 3.36177 1.97736 1.94758 -0.32144 0.15017  1.05763  1  DC D OP2   
532 O "O5'" . DC D 1  ? 3.43388 2.08277 2.01319 -0.43400 0.23689  1.06744  1  DC D "O5'" 
533 C "C5'" . DC D 1  ? 3.51714 2.20986 2.05533 -0.47097 0.27759  1.10471  1  DC D "C5'" 
534 C "C4'" . DC D 1  ? 3.43792 2.22244 1.98953 -0.50865 0.32172  1.05983  1  DC D "C4'" 
535 O "O4'" . DC D 1  ? 3.44397 2.18798 2.04916 -0.55860 0.34264  1.04274  1  DC D "O4'" 
536 C "C3'" . DC D 1  ? 3.27504 2.14050 1.84423 -0.47298 0.31132  0.99568  1  DC D "C3'" 
537 O "O3'" . DC D 1  ? 3.24404 2.21268 1.78886 -0.48690 0.34733  0.97839  1  DC D "O3'" 
538 C "C2'" . DC D 1  ? 3.20019 2.03689 1.83374 -0.49362 0.31416  0.94864  1  DC D "C2'" 
539 C "C1'" . DC D 1  ? 3.30314 2.10797 1.94978 -0.55897 0.35248  0.97540  1  DC D "C1'" 
540 N N1    . DC D 1  ? 3.28981 2.02921 2.00050 -0.58471 0.34998  0.95318  1  DC D N1    
541 C C2    . DC D 1  ? 3.23514 2.02580 1.99566 -0.62951 0.38972  0.91407  1  DC D C2    
542 O O2    . DC D 1  ? 3.20140 2.08790 1.95048 -0.64590 0.42607  0.89772  1  DC D O2    
543 N N3    . DC D 1  ? 3.22233 1.95876 2.04668 -0.65198 0.38688  0.89301  1  DC D N3    
544 C C4    . DC D 1  ? 3.26578 1.89543 2.10111 -0.63121 0.34570  0.90742  1  DC D C4    
545 N N4    . DC D 1  ? 3.25398 1.83421 2.15573 -0.65429 0.34345  0.88235  1  DC D N4    
546 C C5    . DC D 1  ? 3.32415 1.89687 2.10813 -0.58374 0.30452  0.94554  1  DC D C5    
547 C C6    . DC D 1  ? 3.33181 1.96519 2.05665 -0.56225 0.30872  0.96832  1  DC D C6    
548 P P     . DT D 2  ? 3.08547 2.14965 1.64924 -0.45568 0.34483  0.91361  2  DT D P     
549 O OP1   . DT D 2  ? 3.10350 2.25344 1.62125 -0.45728 0.37071  0.91643  2  DT D OP1   
550 O OP2   . DT D 2  ? 3.00962 2.04923 1.59202 -0.39835 0.29432  0.90066  2  DT D OP2   
551 O "O5'" . DT D 2  ? 3.01088 2.09102 1.63493 -0.49612 0.37507  0.86217  2  DT D "O5'" 
552 C "C5'" . DT D 2  ? 3.07269 2.17094 1.70373 -0.55574 0.42333  0.86753  2  DT D "C5'" 
553 C "C4'" . DT D 2  ? 2.96146 2.12191 1.65184 -0.57675 0.45237  0.80365  2  DT D "C4'" 
554 O "O4'" . DT D 2  ? 2.95181 2.05142 1.70118 -0.60118 0.45144  0.79309  2  DT D "O4'" 
555 C "C3'" . DT D 2  ? 2.81812 2.03574 1.52780 -0.53155 0.43424  0.75113  2  DT D "C3'" 
556 O "O3'" . DT D 2  ? 2.74857 2.05345 1.49036 -0.55243 0.47314  0.70212  2  DT D "O3'" 
557 C "C2'" . DT D 2  ? 2.75874 1.91075 1.51544 -0.51453 0.40371  0.73451  2  DT D "C2'" 
558 C "C1'" . DT D 2  ? 2.82062 1.93044 1.61473 -0.57052 0.43183  0.74229  2  DT D "C1'" 
559 N N1    . DT D 2  ? 2.84052 1.84860 1.66174 -0.56524 0.40049  0.75277  2  DT D N1    
560 C C2    . DT D 2  ? 2.81026 1.80250 1.69870 -0.59771 0.41713  0.72431  2  DT D C2    
561 O O2    . DT D 2  ? 2.76313 1.82611 1.69472 -0.62972 0.45708  0.69119  2  DT D O2    
562 N N3    . DT D 2  ? 2.83895 1.73128 1.74741 -0.58882 0.38389  0.73394  2  DT D N3    
563 C C4    . DT D 2  ? 2.89460 1.70262 1.76400 -0.54911 0.33651  0.76720  2  DT D C4    
564 O O4    . DT D 2  ? 2.92200 1.64029 1.81552 -0.54115 0.30769  0.76903  2  DT D O4    
565 C C5    . DT D 2  ? 2.91927 1.75596 1.72344 -0.51524 0.32237  0.79678  2  DT D C5    
566 C C7    . DT D 2  ? 2.97550 1.73817 1.74361 -0.46741 0.27232  0.83232  2  DT D C7    
567 C C6    . DT D 2  ? 2.89115 1.82551 1.67434 -0.52584 0.35468  0.78870  2  DT D C6    
568 P P     . DG D 3  ? 2.87964 2.26897 1.62639 -0.51268 0.46717  0.65500  3  DG D P     
569 O OP1   . DG D 3  ? 2.92366 2.38134 1.63213 -0.52967 0.49966  0.65390  3  DG D OP1   
570 O OP2   . DG D 3  ? 2.82484 2.18460 1.55501 -0.45675 0.41629  0.66703  3  DG D OP2   
571 O "O5'" . DG D 3  ? 2.68105 2.10472 1.51067 -0.52244 0.48482  0.59448  3  DG D "O5'" 
572 C "C5'" . DG D 3  ? 2.68222 2.14169 1.55284 -0.57067 0.53105  0.57251  3  DG D "C5'" 
573 C "C4'" . DG D 3  ? 2.54794 2.00161 1.50186 -0.57738 0.53527  0.53387  3  DG D "C4'" 
574 O "O4'" . DG D 3  ? 2.60204 1.95960 1.55664 -0.57731 0.50717  0.56498  3  DG D "O4'" 
575 C "C3'" . DG D 3  ? 2.35558 1.85439 1.35288 -0.53621 0.52046  0.48494  3  DG D "C3'" 
576 O "O3'" . DG D 3  ? 2.27339 1.81909 1.35502 -0.55544 0.54992  0.43779  3  DG D "O3'" 
577 C "C2'" . DG D 3  ? 2.30979 1.73118 1.29669 -0.50187 0.47388  0.50531  3  DG D "C2'" 
578 C "C1'" . DG D 3  ? 2.45446 1.79840 1.44601 -0.54046 0.47911  0.53632  3  DG D "C1'" 
579 N N9    . DG D 3  ? 2.50353 1.75015 1.45893 -0.51635 0.43464  0.57486  3  DG D N9    
580 C C8    . DG D 3  ? 2.53997 1.75814 1.43046 -0.48041 0.39965  0.61124  3  DG D C8    
581 N N7    . DG D 3  ? 2.57516 1.70277 1.45282 -0.46102 0.36187  0.63802  3  DG D N7    
582 C C5    . DG D 3  ? 2.55169 1.64078 1.48563 -0.48761 0.37238  0.61776  3  DG D C5    
583 C C6    . DG D 3  ? 2.58763 1.57723 1.53737 -0.48192 0.34314  0.62803  3  DG D C6    
584 O O6    . DG D 3  ? 2.65002 1.56249 1.56603 -0.44893 0.30035  0.65730  3  DG D O6    
585 N N1    . DG D 3  ? 2.54734 1.53548 1.56633 -0.51698 0.36707  0.59700  3  DG D N1    
586 C C2    . DG D 3  ? 2.47669 1.55518 1.54803 -0.55055 0.41363  0.56096  3  DG D C2    
587 N N2    . DG D 3  ? 2.44307 1.51762 1.58964 -0.57928 0.43012  0.53335  3  DG D N2    
588 N N3    . DG D 3  ? 2.44502 1.61476 1.50201 -0.55320 0.44047  0.54999  3  DG D N3    
589 C C4    . DG D 3  ? 2.48716 1.65350 1.47230 -0.52209 0.41766  0.57959  3  DG D C4    
590 P P     . DA D 4  ? 2.39278 2.01098 1.53693 -0.52214 0.54980  0.38088  4  DA D P     
591 O OP1   . DA D 4  ? 2.30757 2.00681 1.48289 -0.54343 0.58975  0.34586  4  DA D OP1   
592 O OP2   . DA D 4  ? 2.28488 1.89387 1.38814 -0.47238 0.51004  0.39039  4  DA D OP2   
593 O "O5'" . DA D 4  ? 2.27024 1.86815 1.49486 -0.52407 0.54760  0.35894  4  DA D "O5'" 
594 C "C5'" . DA D 4  ? 2.33845 1.92816 1.61008 -0.56788 0.57456  0.35663  4  DA D "C5'" 
595 C "C4'" . DA D 4  ? 2.24411 1.79627 1.57673 -0.56233 0.56023  0.34485  4  DA D "C4'" 
596 O "O4'" . DA D 4  ? 2.34215 1.79051 1.61545 -0.55347 0.52441  0.38835  4  DA D "O4'" 
597 C "C3'" . DA D 4  ? 2.03803 1.63725 1.42968 -0.52067 0.54892  0.30373  4  DA D "C3'" 
598 O "O3'" . DA D 4  ? 1.98681 1.59717 1.46909 -0.53102 0.55802  0.27685  4  DA D "O3'" 
599 C "C2'" . DA D 4  ? 2.04013 1.57172 1.36543 -0.48098 0.50514  0.33288  4  DA D "C2'" 
600 C "C1'" . DA D 4  ? 2.20161 1.63153 1.48000 -0.50692 0.49200  0.37722  4  DA D "C1'" 
601 N N9    . DA D 4  ? 2.23563 1.59564 1.42390 -0.47786 0.45205  0.42037  4  DA D N9    
602 C C8    . DA D 4  ? 2.25979 1.64497 1.38526 -0.45726 0.44154  0.43797  4  DA D C8    
603 N N7    . DA D 4  ? 2.31271 1.63015 1.37440 -0.42850 0.40061  0.47681  4  DA D N7    
604 C C5    . DA D 4  ? 2.32433 1.55806 1.40321 -0.43006 0.38236  0.48449  4  DA D C5    
605 C C6    . DA D 4  ? 2.39174 1.52635 1.43144 -0.40275 0.33688  0.51686  4  DA D C6    
606 N N6    . DA D 4  ? 2.43824 1.55108 1.41679 -0.36657 0.30140  0.54994  4  DA D N6    
607 N N1    . DA D 4  ? 2.40333 1.46631 1.47767 -0.41162 0.32775  0.51094  4  DA D N1    
608 C C2    . DA D 4  ? 2.36926 1.46652 1.51716 -0.44749 0.36342  0.47627  4  DA D C2    
609 N N3    . DA D 4  ? 2.29367 1.49150 1.49082 -0.47372 0.40783  0.44431  4  DA D N3    
610 C C4    . DA D 4  ? 2.27398 1.53234 1.42990 -0.46240 0.41448  0.45010  4  DA D C4    
611 P P     . DG D 5  ? 1.99440 1.69973 1.58038 -0.50473 0.56801  0.22228  5  DG D P     
612 O OP1   . DG D 5  ? 1.99032 1.75066 1.65185 -0.53674 0.59957  0.19650  5  DG D OP1   
613 O OP2   . DG D 5  ? 1.88122 1.63121 1.44092 -0.46854 0.55917  0.21233  5  DG D OP2   
614 O "O5'" . DG D 5  ? 1.90264 1.56973 1.52684 -0.48073 0.54372  0.21831  5  DG D "O5'" 
615 C "C5'" . DG D 5  ? 1.89765 1.48784 1.44591 -0.45169 0.50978  0.24944  5  DG D "C5'" 
616 C "C4'" . DG D 5  ? 1.90715 1.41310 1.46608 -0.45743 0.49282  0.26125  5  DG D "C4'" 
617 O "O4'" . DG D 5  ? 2.03195 1.42503 1.48514 -0.45539 0.46179  0.30998  5  DG D "O4'" 
618 C "C3'" . DG D 5  ? 1.75751 1.27143 1.36332 -0.41433 0.47722  0.24220  5  DG D "C3'" 
619 O "O3'" . DG D 5  ? 1.78241 1.25486 1.44716 -0.43153 0.47578  0.23242  5  DG D "O3'" 
620 C "C2'" . DG D 5  ? 1.79338 1.22802 1.28913 -0.37186 0.43726  0.28056  5  DG D "C2'" 
621 C "C1'" . DG D 5  ? 1.97370 1.31539 1.38757 -0.40326 0.42377  0.32122  5  DG D "C1'" 
622 N N9    . DG D 5  ? 1.99113 1.30755 1.30593 -0.37549 0.39534  0.35569  5  DG D N9    
623 C C8    . DG D 5  ? 1.96798 1.35917 1.26090 -0.37196 0.40689  0.35327  5  DG D C8    
624 N N7    . DG D 5  ? 2.03036 1.38800 1.24224 -0.34403 0.37311  0.38662  5  DG D N7    
625 C C5    . DG D 5  ? 2.05364 1.30749 1.23168 -0.32415 0.33473  0.41251  5  DG D C5    
626 C C6    . DG D 5  ? 2.10753 1.29665 1.21534 -0.28576 0.28519  0.44949  5  DG D C6    
627 O O6    . DG D 5  ? 2.13224 1.34963 1.19545 -0.26470 0.26775  0.46870  5  DG D O6    
628 N N1    . DG D 5  ? 2.15506 1.24384 1.25832 -0.26998 0.25316  0.46032  5  DG D N1    
629 C C2    . DG D 5  ? 2.18788 1.23929 1.34505 -0.29192 0.26753  0.43885  5  DG D C2    
630 N N2    . DG D 5  ? 2.26098 1.20942 1.40806 -0.26928 0.22706  0.44889  5  DG D N2    
631 N N3    . DG D 5  ? 2.13183 1.25076 1.36078 -0.33141 0.31649  0.40521  5  DG D N3    
632 C C4    . DG D 5  ? 2.05893 1.27935 1.29497 -0.34368 0.34749  0.39372  5  DG D C4    
633 P P     . DT D 6  ? 1.71067 1.24028 1.47992 -0.38059 0.45383  0.19584  6  DT D P     
634 O OP1   . DT D 6  ? 1.69624 1.23124 1.55792 -0.41454 0.46320  0.17141  6  DT D OP1   
635 O OP2   . DT D 6  ? 1.55118 1.19187 1.36597 -0.35087 0.47237  0.17324  6  DT D OP2   
636 O "O5'" . DT D 6  ? 1.74608 1.19904 1.44942 -0.31366 0.38164  0.21777  6  DT D "O5'" 
637 C "C5'" . DT D 6  ? 1.88153 1.20839 1.51622 -0.32860 0.35336  0.24716  6  DT D "C5'" 
638 C "C4'" . DT D 6  ? 1.91876 1.19413 1.50581 -0.25316 0.28524  0.25952  6  DT D "C4'" 
639 O "O4'" . DT D 6  ? 1.96111 1.18194 1.42566 -0.24198 0.27601  0.30393  6  DT D "O4'" 
640 C "C3'" . DT D 6  ? 1.75659 1.13293 1.41703 -0.17995 0.25597  0.22716  6  DT D "C3'" 
641 O "O3'" . DT D 6  ? 1.76119 1.09614 1.43709 -0.13075 0.19926  0.21647  6  DT D "O3'" 
642 C "C2'" . DT D 6  ? 1.69550 1.09002 1.27833 -0.14361 0.24809  0.25287  6  DT D "C2'" 
643 C "C1'" . DT D 6  ? 1.83587 1.10217 1.29253 -0.16567 0.23664  0.30051  6  DT D "C1'" 
644 N N1    . DT D 6  ? 1.78970 1.05852 1.15192 -0.16691 0.24950  0.33315  6  DT D N1    
645 C C2    . DT D 6  ? 1.84999 1.03942 1.10710 -0.13182 0.20779  0.37362  6  DT D C2    
646 O O2    . DT D 6  ? 1.91480 1.02787 1.15285 -0.09740 0.16090  0.38330  6  DT D O2    
647 N N3    . DT D 6  ? 1.80015 1.01891 0.99074 -0.13549 0.21843  0.39571  6  DT D N3    
648 C C4    . DT D 6  ? 1.73920 1.05472 0.95896 -0.16832 0.26318  0.37747  6  DT D C4    
649 O O4    . DT D 6  ? 1.73726 1.10521 0.93022 -0.16262 0.25582  0.38485  6  DT D O4    
650 C C5    . DT D 6  ? 1.69902 1.06188 1.00154 -0.20764 0.31619  0.34345  6  DT D C5    
651 C C7    . DT D 6  ? 1.62689 1.10247 0.98153 -0.23793 0.36074  0.31419  6  DT D C7    
652 C C6    . DT D 6  ? 1.71358 1.06556 1.09680 -0.20262 0.30230  0.32045  6  DT D C6    
653 P P     . DG D 7  ? 1.62088 1.05872 1.38486 -0.05633 0.16341  0.18076  7  DG D P     
654 O OP1   . DG D 7  ? 1.60655 1.04820 1.45606 -0.06554 0.15173  0.14524  7  DG D OP1   
655 O OP2   . DG D 7  ? 1.50237 1.06019 1.31288 -0.04615 0.19361  0.17197  7  DG D OP2   
656 O "O5'" . DG D 7  ? 1.62008 0.99862 1.30042 0.01585  0.10207  0.20377  7  DG D "O5'" 
657 C "C5'" . DG D 7  ? 1.76907 1.01135 1.37067 0.01117  0.07217  0.22622  7  DG D "C5'" 
658 C "C4'" . DG D 7  ? 1.75417 0.95320 1.26302 0.07457  0.02730  0.25746  7  DG D "C4'" 
659 O "O4'" . DG D 7  ? 1.73648 0.93315 1.16717 0.05233  0.05516  0.29555  7  DG D "O4'" 
660 C "C3'" . DG D 7  ? 1.57865 0.87341 1.12917 0.15810  -0.01096 0.23790  7  DG D "C3'" 
661 O "O3'" . DG D 7  ? 1.59557 0.81738 1.07815 0.21704  -0.06604 0.25403  7  DG D "O3'" 
662 C "C2'" . DG D 7  ? 1.46101 0.83938 0.99822 0.15908  0.01731  0.25500  7  DG D "C2'" 
663 C "C1'" . DG D 7  ? 1.58201 0.85829 1.00663 0.11469  0.03447  0.29891  7  DG D "C1'" 
664 N N9    . DG D 7  ? 1.52807 0.85719 0.93019 0.07983  0.07908  0.31335  7  DG D N9    
665 C C8    . DG D 7  ? 1.48818 0.90110 0.96266 0.03440  0.13170  0.28925  7  DG D C8    
666 N N7    . DG D 7  ? 1.43986 0.88027 0.86936 0.01129  0.16261  0.30582  7  DG D N7    
667 C C5    . DG D 7  ? 1.47125 0.84377 0.79030 0.04161  0.12767  0.34596  7  DG D C5    
668 C C6    . DG D 7  ? 1.49063 0.88249 0.74544 0.03267  0.13107  0.36792  7  DG D C6    
669 O O6    . DG D 7  ? 1.45851 0.91412 0.72230 -0.00233 0.16908  0.35978  7  DG D O6    
670 N N1    . DG D 7  ? 1.52355 0.90031 0.75427 0.06383  0.07621  0.38118  7  DG D N1    
671 C C2    . DG D 7  ? 1.55672 0.87714 0.78991 0.10243  0.03249  0.38231  7  DG D C2    
672 N N2    . DG D 7  ? 1.57953 0.90662 0.80364 0.12313  -0.00646 0.39237  7  DG D N2    
673 N N3    . DG D 7  ? 1.56631 0.83208 0.81824 0.11849  0.02909  0.37147  7  DG D N3    
674 C C4    . DG D 7  ? 1.51638 0.81896 0.81884 0.08468  0.07672  0.35210  7  DG D C4    
675 P P     . DT D 8  ? 1.58978 0.87573 1.12078 0.30408  -0.11893 0.22431  8  DT D P     
676 O OP1   . DT D 8  ? 1.70716 0.88571 1.21742 0.32015  -0.15919 0.21219  8  DT D OP1   
677 O OP2   . DT D 8  ? 1.47184 0.89770 1.11620 0.30555  -0.09779 0.18915  8  DT D OP2   
678 O "O5'" . DT D 8  ? 1.42559 0.79384 0.93467 0.33451  -0.13406 0.23941  8  DT D "O5'" 
679 C "C5'" . DT D 8  ? 1.50199 0.81417 0.95110 0.32313  -0.14681 0.26072  8  DT D "C5'" 
680 C "C4'" . DT D 8  ? 1.39108 0.81779 0.86239 0.32306  -0.14373 0.26194  8  DT D "C4'" 
681 O "O4'" . DT D 8  ? 1.38601 0.81909 0.82359 0.28851  -0.11055 0.28690  8  DT D "O4'" 
682 C "C3'" . DT D 8  ? 1.23897 0.80909 0.80493 0.34301  -0.14892 0.22452  8  DT D "C3'" 
683 O "O3'" . DT D 8  ? 1.21616 0.82827 0.79671 0.34871  -0.16383 0.21675  8  DT D "O3'" 
684 C "C2'" . DT D 8  ? 1.15442 0.79398 0.74189 0.32271  -0.12010 0.22845  8  DT D "C2'" 
685 C "C1'" . DT D 8  ? 1.25071 0.81305 0.75254 0.29299  -0.10457 0.26723  8  DT D "C1'" 
686 N N1    . DT D 8  ? 1.23432 0.80587 0.71746 0.26757  -0.06549 0.28124  8  DT D N1    
687 C C2    . DT D 8  ? 1.25240 0.83059 0.69533 0.23541  -0.04949 0.30006  8  DT D C2    
688 O O2    . DT D 8  ? 1.27788 0.85639 0.70444 0.22924  -0.06870 0.30860  8  DT D O2    
689 N N3    . DT D 8  ? 1.23916 0.83039 0.66768 0.20924  -0.00623 0.30817  8  DT D N3    
690 C C4    . DT D 8  ? 1.20838 0.80722 0.66265 0.21255  0.02932  0.30558  8  DT D C4    
691 O O4    . DT D 8  ? 1.19533 0.81651 0.64483 0.18040  0.08058  0.31310  8  DT D O4    
692 C C5    . DT D 8  ? 1.19840 0.78962 0.70053 0.25257  0.00674  0.29055  8  DT D C5    
693 C C7    . DT D 8  ? 1.17847 0.83654 0.79014 0.23097  0.03869  0.25617  8  DT D C7    
694 C C6    . DT D 8  ? 1.20236 0.78108 0.71458 0.27638  -0.04236 0.27508  8  DT D C6    
695 P P     . DG D 9  ? 1.31533 0.86810 0.87515 0.37545  -0.19192 0.20888  9  DG D P     
696 O OP1   . DG D 9  ? 1.48287 0.97138 0.98280 0.36787  -0.19824 0.23974  9  DG D OP1   
697 O OP2   . DG D 9  ? 1.44568 0.93133 1.00094 0.39175  -0.20351 0.19588  9  DG D OP2   
698 O "O5'" . DG D 9  ? 1.25066 0.88154 0.82944 0.40833  -0.19727 0.16680  9  DG D "O5'" 
699 C "C5'" . DG D 9  ? 1.12763 0.85049 0.74976 0.41017  -0.17882 0.14090  9  DG D "C5'" 
700 C "C4'" . DG D 9  ? 1.11572 0.87670 0.75163 0.44048  -0.18910 0.10131  9  DG D "C4'" 
701 O "O4'" . DG D 9  ? 1.06171 0.84997 0.75635 0.42987  -0.18831 0.09198  9  DG D "O4'" 
702 C "C3'" . DG D 9  ? 1.23545 0.93411 0.83410 0.46777  -0.21865 0.09156  9  DG D "C3'" 
703 O "O3'" . DG D 9  ? 1.30752 1.00992 0.85793 0.49217  -0.21976 0.08278  9  DG D "O3'" 
704 C "C2'" . DG D 9  ? 1.18076 0.91847 0.81280 0.48384  -0.22829 0.05581  9  DG D "C2'" 
705 C "C1'" . DG D 9  ? 1.09761 0.87390 0.79426 0.45411  -0.21126 0.06528  9  DG D "C1'" 
706 N N9    . DG D 9  ? 1.12434 0.84146 0.85511 0.44221  -0.22346 0.07940  9  DG D N9    
707 C C8    . DG D 9  ? 1.20315 0.84419 0.90988 0.43125  -0.21957 0.10728  9  DG D C8    
708 N N7    . DG D 9  ? 1.34116 0.89161 1.03372 0.44632  -0.23909 0.09727  9  DG D N7    
709 C C5    . DG D 9  ? 1.31973 0.90979 1.04410 0.46795  -0.25876 0.05989  9  DG D C5    
710 C C6    . DG D 9  ? 1.45137 0.98108 1.18501 0.48905  -0.28866 0.02750  9  DG D C6    
711 O O6    . DG D 9  ? 1.60960 1.02393 1.33246 0.48661  -0.30257 0.02490  9  DG D O6    
712 N N1    . DG D 9  ? 1.38815 0.99131 1.14633 0.50682  -0.30132 -0.00671 9  DG D N1    
713 C C2    . DG D 9  ? 1.23776 0.94145 1.00550 0.49912  -0.28246 -0.00530 9  DG D C2    
714 N N2    . DG D 9  ? 1.26718 1.00647 1.03017 0.52350  -0.30087 -0.04487 9  DG D N2    
715 N N3    . DG D 9  ? 1.16960 0.90604 0.91359 0.48646  -0.26028 0.01566  9  DG D N3    
716 C C4    . DG D 9  ? 1.16855 0.86320 0.91616 0.46177  -0.24558 0.05357  9  DG D C4    
717 P P     . DG D 10 ? 1.35825 0.97504 0.85481 0.51346  -0.24770 0.09121  10 DG D P     
718 O OP1   . DG D 10 ? 1.36301 1.00282 0.82143 0.53563  -0.24117 0.08469  10 DG D OP1   
719 O OP2   . DG D 10 ? 1.35786 0.89539 0.84961 0.48546  -0.25354 0.13206  10 DG D OP2   
720 O "O5'" . DG D 10 ? 1.37448 0.97911 0.87613 0.54134  -0.27362 0.05653  10 DG D "O5'" 
721 C "C5'" . DG D 10 ? 1.34845 1.01755 0.84388 0.57072  -0.27216 0.01602  10 DG D "C5'" 
722 C "C4'" . DG D 10 ? 1.38633 1.04817 0.89853 0.58678  -0.29687 -0.01485 10 DG D "C4'" 
723 O "O4'" . DG D 10 ? 1.28077 0.94443 0.84972 0.55744  -0.29284 -0.00383 10 DG D "O4'" 
724 C "C3'" . DG D 10 ? 1.54978 1.12197 1.03156 0.60864  -0.33288 -0.01757 10 DG D "C3'" 
725 O "O3'" . DG D 10 ? 1.65074 1.23653 1.08791 0.64858  -0.34543 -0.04823 10 DG D "O3'" 
726 C "C2'" . DG D 10 ? 1.49937 1.05653 1.02715 0.60383  -0.35052 -0.03366 10 DG D "C2'" 
727 C "C1'" . DG D 10 ? 1.35605 0.96750 0.93952 0.56798  -0.32208 -0.01802 10 DG D "C1'" 
728 N N9    . DG D 10 ? 1.38009 0.92561 0.99597 0.53844  -0.31898 0.01723  10 DG D N9    
729 C C8    . DG D 10 ? 1.35098 0.87649 0.96725 0.50719  -0.29635 0.06017  10 DG D C8    
730 N N7    . DG D 10 ? 1.45847 0.88104 1.05367 0.50448  -0.30806 0.07025  10 DG D N7    
731 C C5    . DG D 10 ? 1.54682 0.92794 1.15090 0.52928  -0.33915 0.03269  10 DG D C5    
732 C C6    . DG D 10 ? 1.72928 0.98921 1.32721 0.53076  -0.36356 0.02041  10 DG D C6    
733 O O6    . DG D 10 ? 1.83980 0.99306 1.41579 0.50464  -0.35736 0.04523  10 DG D O6    
734 N N1    . DG D 10 ? 1.77664 1.03769 1.39775 0.55805  -0.39547 -0.02732 10 DG D N1    
735 C C2    . DG D 10 ? 1.69030 1.05420 1.32477 0.58172  -0.40112 -0.05572 10 DG D C2    
736 N N2    . DG D 10 ? 1.75740 1.10697 1.40726 0.60690  -0.43555 -0.10282 10 DG D N2    
737 N N3    . DG D 10 ? 1.54268 1.00825 1.17662 0.57533  -0.37338 -0.04039 10 DG D N3    
738 C C4    . DG D 10 ? 1.48431 0.95299 1.10868 0.54828  -0.34424 0.00258  10 DG D C4    
739 P P     . DT D 11 ? 1.72475 1.22050 1.11826 0.67817  -0.38134 -0.05011 11 DT D P     
740 O OP1   . DT D 11 ? 1.70326 1.23645 1.05257 0.71816  -0.38419 -0.08036 11 DT D OP1   
741 O OP2   . DT D 11 ? 1.73629 1.15528 1.12001 0.65529  -0.37974 -0.00156 11 DT D OP2   
742 O "O5'" . DT D 11 ? 1.67744 1.13596 1.10116 0.68482  -0.41220 -0.07440 11 DT D "O5'" 
743 C "C5'" . DT D 11 ? 1.64676 1.16856 1.08083 0.70643  -0.42193 -0.12269 11 DT D "C5'" 
744 C "C4'" . DT D 11 ? 1.73012 1.19948 1.19310 0.71446  -0.45655 -0.14400 11 DT D "C4'" 
745 O "O4'" . DT D 11 ? 1.69278 1.12647 1.21142 0.67663  -0.44619 -0.11497 11 DT D "O4'" 
746 C "C3'" . DT D 11 ? 1.92883 1.30011 1.35933 0.74150  -0.49108 -0.14567 11 DT D "C3'" 
747 O "O3'" . DT D 11 ? 2.01025 1.37557 1.45563 0.76718  -0.52470 -0.19157 11 DT D "O3'" 
748 C "C2'" . DT D 11 ? 1.96776 1.24437 1.42211 0.70841  -0.48404 -0.09716 11 DT D "C2'" 
749 C "C1'" . DT D 11 ? 1.85450 1.16645 1.36572 0.68006  -0.46951 -0.10065 11 DT D "C1'" 
750 N N1    . DT D 11 ? 1.86609 1.10945 1.37451 0.64903  -0.45483 -0.05948 11 DT D N1    
751 C C2    . DT D 11 ? 1.98062 1.11659 1.49538 0.64295  -0.47657 -0.06758 11 DT D C2    
752 O O2    . DT D 11 ? 2.07179 1.16918 1.60273 0.66217  -0.50995 -0.11008 11 DT D O2    
753 N N3    . DT D 11 ? 1.99228 1.06303 1.49597 0.60863  -0.45632 -0.02535 11 DT D N3    
754 C C4    . DT D 11 ? 1.90185 1.01219 1.38834 0.58513  -0.42149 0.02067  11 DT D C4    
755 O O4    . DT D 11 ? 1.93087 0.97585 1.40056 0.55391  -0.40559 0.05610  11 DT D O4    
756 C C5    . DT D 11 ? 1.77891 1.00863 1.27043 0.59410  -0.40346 0.02265  11 DT D C5    
757 C C7    . DT D 11 ? 1.67631 0.95975 1.16350 0.56672  -0.36815 0.06482  11 DT D C7    
758 C C6    . DT D 11 ? 1.76780 1.05284 1.26996 0.62282  -0.41869 -0.01563 11 DT D C6    
759 P P     . DC D 12 ? 2.08771 1.37162 1.49943 0.80736  -0.56559 -0.21127 12 DC D P     
760 O OP1   . DC D 12 ? 2.08615 1.44307 1.46506 0.84792  -0.58259 -0.26386 12 DC D OP1   
761 O OP2   . DC D 12 ? 2.13192 1.33889 1.50824 0.80404  -0.55972 -0.16606 12 DC D OP2   
762 O "O5'" . DC D 12 ? 2.12763 1.32315 1.57964 0.80654  -0.59760 -0.23054 12 DC D "O5'" 
763 C "C5'" . DC D 12 ? 2.13497 1.26170 1.60836 0.77463  -0.59068 -0.20586 12 DC D "C5'" 
764 C "C4'" . DC D 12 ? 2.34126 1.34316 1.82982 0.78386  -0.63359 -0.23674 12 DC D "C4'" 
765 O "O4'" . DC D 12 ? 2.38179 1.29409 1.88495 0.74361  -0.61899 -0.20455 12 DC D "O4'" 
766 C "C3'" . DC D 12 ? 2.57013 1.45532 2.02473 0.80996  -0.66478 -0.23931 12 DC D "C3'" 
767 O "O3'" . DC D 12 ? 2.72493 1.52843 2.20915 0.82128  -0.70515 -0.28727 12 DC D "O3'" 
768 C "C2'" . DC D 12 ? 2.61133 1.39419 2.04057 0.77710  -0.64175 -0.17611 12 DC D "C2'" 
769 C "C1'" . DC D 12 ? 2.52309 1.29967 1.98759 0.73472  -0.62158 -0.16608 12 DC D "C1'" 
770 N N1    . DC D 12 ? 2.42262 1.20383 1.86638 0.69872  -0.58029 -0.10427 12 DC D N1    
771 C C2    . DC D 12 ? 2.48058 1.15930 1.92916 0.65425  -0.56683 -0.07567 12 DC D C2    
772 O O2    . DC D 12 ? 2.60455 1.18824 2.08049 0.64032  -0.58611 -0.10270 12 DC D O2    
773 N N3    . DC D 12 ? 2.40463 1.09197 1.82962 0.62254  -0.53084 -0.02103 12 DC D N3    
774 C C4    . DC D 12 ? 2.27263 1.06791 1.67949 0.63326  -0.50918 0.00180  12 DC D C4    
775 N N4    . DC D 12 ? 2.20613 1.01102 1.59427 0.60073  -0.47571 0.05159  12 DC D N4    
776 C C5    . DC D 12 ? 2.20950 1.10664 1.61899 0.67217  -0.51859 -0.02715 12 DC D C5    
777 C C6    . DC D 12 ? 2.28898 1.17411 1.71214 0.70415  -0.55378 -0.07821 12 DC D C6    
778 P P     . DT D 13 ? 2.70983 1.37241 2.17468 0.84455  -0.74047 -0.29820 13 DT D P     
779 O OP1   . DT D 13 ? 2.79912 1.46018 2.30140 0.87000  -0.78208 -0.36899 13 DT D OP1   
780 O OP2   . DT D 13 ? 2.71595 1.39841 2.12970 0.86937  -0.73273 -0.26802 13 DT D OP2   
781 O "O5'" . DT D 13 ? 2.84387 1.34691 2.31360 0.79571  -0.72717 -0.25679 13 DT D "O5'" 
782 C "C5'" . DT D 13 ? 2.85537 1.31112 2.37447 0.75626  -0.72517 -0.27589 13 DT D "C5'" 
783 C "C4'" . DT D 13 ? 3.02225 1.30929 2.53501 0.70572  -0.71147 -0.23424 13 DT D "C4'" 
784 O "O4'" . DT D 13 ? 2.91229 1.21127 2.39479 0.67144  -0.67040 -0.16840 13 DT D "O4'" 
785 C "C3'" . DT D 13 ? 3.24191 1.40789 2.72341 0.72119  -0.72946 -0.21771 13 DT D "C3'" 
786 O "O3'" . DT D 13 ? 3.43574 1.44534 2.93935 0.67203  -0.72825 -0.21027 13 DT D "O3'" 
787 C "C2'" . DT D 13 ? 3.16967 1.35902 2.59585 0.71995  -0.70091 -0.14817 13 DT D "C2'" 
788 C "C1'" . DT D 13 ? 3.04397 1.24744 2.47967 0.66577  -0.66416 -0.11560 13 DT D "C1'" 
789 N N1    . DT D 13 ? 2.88828 1.17110 2.28384 0.66085  -0.63075 -0.06006 13 DT D N1    
790 C C2    . DT D 13 ? 2.86724 1.10372 2.25005 0.60703  -0.59712 -0.00806 13 DT D C2    
791 O O2    . DT D 13 ? 2.96953 1.10134 2.37123 0.55886  -0.59064 -0.00284 13 DT D O2    
792 N N3    . DT D 13 ? 2.72527 1.04667 2.07468 0.60620  -0.56880 0.03641  13 DT D N3    
793 C C4    . DT D 13 ? 2.60859 1.05412 1.94310 0.64705  -0.56743 0.03364  13 DT D C4    
794 O O4    . DT D 13 ? 2.52663 1.04489 1.84094 0.63660  -0.53862 0.07212  13 DT D O4    
795 C C5    . DT D 13 ? 2.63227 1.11780 1.97980 0.69754  -0.60015 -0.01958 13 DT D C5    
796 C C7    . DT D 13 ? 2.52321 1.13880 1.85748 0.73432  -0.59579 -0.02658 13 DT D C7    
797 C C6    . DT D 13 ? 2.77362 1.17734 2.14783 0.70485  -0.63169 -0.06338 13 DT D C6    
798 P P     . DG D 14 ? 3.35206 1.28409 2.90739 0.67386  -0.76348 -0.27814 14 DG D P     
799 O OP1   . DG D 14 ? 3.22479 1.24588 2.83415 0.66350  -0.76672 -0.33254 14 DG D OP1   
800 O OP2   . DG D 14 ? 3.46409 1.38873 2.99911 0.73516  -0.79773 -0.30175 14 DG D OP2   
801 O "O5'" . DG D 14 ? 3.56302 1.31835 3.12829 0.60525  -0.74652 -0.24109 14 DG D "O5'" 
802 C "C5'" . DG D 14 ? 3.50452 1.23418 3.06754 0.53840  -0.70560 -0.19070 14 DG D "C5'" 
803 C "C4'" . DG D 14 ? 3.62146 1.25163 3.13575 0.51364  -0.68426 -0.11127 14 DG D "C4'" 
804 O "O4'" . DG D 14 ? 3.44102 1.16619 2.90516 0.53098  -0.66225 -0.06279 14 DG D "O4'" 
805 C "C3'" . DG D 14 ? 3.82441 1.37014 3.31990 0.55288  -0.71146 -0.10751 14 DG D "C3'" 
806 O "O3'" . DG D 14 ? 4.07191 1.46328 3.59926 0.50687  -0.71463 -0.10764 14 DG D "O3'" 
807 C "C2'" . DG D 14 ? 3.78623 1.34672 3.21858 0.56693  -0.69284 -0.03312 14 DG D "C2'" 
808 C "C1'" . DG D 14 ? 3.55275 1.21582 2.96931 0.53979  -0.65804 -0.00443 14 DG D "C1'" 
809 N N9    . DG D 14 ? 3.37826 1.16759 2.75304 0.58748  -0.65379 0.01378  14 DG D N9    
810 C C8    . DG D 14 ? 3.32404 1.20157 2.69247 0.65464  -0.67990 -0.02385 14 DG D C8    
811 N N7    . DG D 14 ? 3.17364 1.16305 2.50798 0.67649  -0.66392 0.00365  14 DG D N7    
812 C C5    . DG D 14 ? 3.14706 1.12092 2.46282 0.62452  -0.62736 0.06167  14 DG D C5    
813 C C6    . DG D 14 ? 3.04050 1.10648 2.32290 0.61797  -0.59695 0.10821  14 DG D C6    
814 O O6    . DG D 14 ? 2.94281 1.12593 2.21034 0.65387  -0.59397 0.10731  14 DG D O6    
815 N N1    . DG D 14 ? 3.05665 1.07067 2.32660 0.55775  -0.56549 0.15794  14 DG D N1    
816 C C2    . DG D 14 ? 3.16170 1.05151 2.45027 0.50515  -0.56052 0.16438  14 DG D C2    
817 N N2    . DG D 14 ? 3.16348 1.02584 2.43337 0.44611  -0.52520 0.21643  14 DG D N2    
818 N N3    . DG D 14 ? 3.25958 1.06321 2.58583 0.50596  -0.58633 0.12089  14 DG D N3    
819 C C4    . DG D 14 ? 3.24637 1.09762 2.58370 0.56938  -0.62043 0.06995  14 DG D C4    
820 P P     . DC D 15 ? 3.85903 1.15886 3.40308 0.41186  -0.67558 -0.06098 15 DC D P     
821 O OP1   . DC D 15 ? 3.76684 1.12588 3.35854 0.37161  -0.66359 -0.10347 15 DC D OP1   
822 O OP2   . DC D 15 ? 4.07042 1.21614 3.63059 0.38828  -0.68429 -0.04823 15 DC D OP2   
823 O "O5'" . DC D 15 ? 3.80717 1.13268 3.28928 0.39813  -0.64109 0.02617  15 DC D "O5'" 
824 C "C5'" . DC D 15 ? 3.92592 1.16380 3.37044 0.39975  -0.63739 0.08940  15 DC D "C5'" 
825 C "C4'" . DC D 15 ? 3.90310 1.14180 3.30919 0.34732  -0.59459 0.17057  15 DC D "C4'" 
826 O "O4'" . DC D 15 ? 3.74626 1.11932 3.10936 0.38379  -0.58562 0.18534  15 DC D "O4'" 
827 C "C3'" . DC D 15 ? 4.04641 1.18286 3.42216 0.33345  -0.58638 0.24280  15 DC D "C3'" 
828 O "O3'" . DC D 15 ? 4.06543 1.17335 3.42868 0.25856  -0.54451 0.30623  15 DC D "O3'" 
829 C "C2'" . DC D 15 ? 3.97864 1.19862 3.30310 0.40090  -0.59693 0.26468  15 DC D "C2'" 
830 C "C1'" . DC D 15 ? 3.78379 1.15155 3.09662 0.40954  -0.58323 0.24402  15 DC D "C1'" 
831 N N1    . DC D 15 ? 3.67964 1.16270 2.97360 0.48678  -0.60557 0.21391  15 DC D N1    
832 C C2    . DC D 15 ? 3.55031 1.15163 2.80448 0.50028  -0.58566 0.24631  15 DC D C2    
833 O O2    . DC D 15 ? 3.52640 1.13276 2.75810 0.45123  -0.55189 0.29812  15 DC D O2    
834 N N3    . DC D 15 ? 3.45606 1.16858 2.69982 0.56377  -0.60228 0.21862  15 DC D N3    
835 C C4    . DC D 15 ? 3.48945 1.19768 2.75527 0.61416  -0.63778 0.16237  15 DC D C4    
836 N N4    . DC D 15 ? 3.39481 1.22084 2.64941 0.67044  -0.64953 0.13820  15 DC D N4    
837 C C5    . DC D 15 ? 3.62311 1.21038 2.92616 0.60535  -0.66099 0.12676  15 DC D C5    
838 C C6    . DC D 15 ? 3.71339 1.19106 3.03163 0.54043  -0.64348 0.15377  15 DC D C6    
839 P P     . DT D 16 ? 4.22952 1.22406 3.57170 0.22389  -0.52864 0.38746  16 DT D P     
840 O OP1   . DT D 16 ? 4.26707 1.22016 3.62759 0.13320  -0.48902 0.42188  16 DT D OP1   
841 O OP2   . DT D 16 ? 4.37083 1.26639 3.73376 0.26368  -0.56384 0.36696  16 DT D OP2   
842 O "O5'" . DT D 16 ? 4.15799 1.23590 3.43305 0.25640  -0.51748 0.44704  16 DT D "O5'" 
843 C "C5'" . DT D 16 ? 4.00798 1.20096 3.25348 0.23797  -0.48898 0.46297  16 DT D "C5'" 
844 C "C4'" . DT D 16 ? 3.95926 1.22674 3.14760 0.27470  -0.48412 0.51302  16 DT D "C4'" 
845 O "O4'" . DT D 16 ? 3.85678 1.21617 3.04121 0.35134  -0.51303 0.46444  16 DT D "O4'" 
846 C "C3'" . DT D 16 ? 4.11110 1.29234 3.27867 0.27846  -0.48697 0.57729  16 DT D "C3'" 
847 O "O3'" . DT D 16 ? 4.09117 1.31877 3.21298 0.24834  -0.45466 0.64904  16 DT D "O3'" 
848 C "C2'" . DT D 16 ? 4.10121 1.31227 3.26426 0.36239  -0.52423 0.54867  16 DT D "C2'" 
849 C "C1'" . DT D 16 ? 3.90794 1.26681 3.06384 0.39449  -0.52543 0.50104  16 DT D "C1'" 
850 N N1    . DT D 16 ? 3.86705 1.27227 3.03710 0.46959  -0.56205 0.44141  16 DT D N1    
851 C C2    . DT D 16 ? 3.73342 1.27448 2.88112 0.51418  -0.56289 0.43491  16 DT D C2    
852 O O2    . DT D 16 ? 3.64554 1.26991 2.76449 0.49647  -0.53648 0.47332  16 DT D O2    
853 N N3    . DT D 16 ? 3.70740 1.28868 2.87073 0.57789  -0.59449 0.37982  16 DT D N3    
854 C C4    . DT D 16 ? 3.80226 1.30247 2.99791 0.60424  -0.62691 0.32926  16 DT D C4    
855 O O4    . DT D 16 ? 3.77216 1.32337 2.97665 0.66186  -0.65328 0.28088  16 DT D O4    
856 C C5    . DT D 16 ? 3.94133 1.29735 3.16213 0.55585  -0.62579 0.33624  16 DT D C5    
857 C C7    . DT D 16 ? 4.05600 1.31626 3.31856 0.57636  -0.65924 0.28002  16 DT D C7    
858 C C6    . DT D 16 ? 3.96575 1.28217 3.17394 0.48993  -0.59268 0.39254  16 DT D C6    
# 
